data_8BQT
# 
_entry.id   8BQT 
# 
_audit_conform.dict_name       mmcif_pdbx.dic 
_audit_conform.dict_version    5.406 
_audit_conform.dict_location   http://mmcif.pdb.org/dictionaries/ascii/mmcif_pdbx.dic 
# 
loop_
_database_2.database_id 
_database_2.database_code 
_database_2.pdbx_database_accession 
_database_2.pdbx_DOI 
PDB   8BQT         pdb_00008bqt 10.2210/pdb8bqt/pdb 
WWPDB D_1292126859 ?            ?                   
# 
loop_
_pdbx_audit_revision_history.ordinal 
_pdbx_audit_revision_history.data_content_type 
_pdbx_audit_revision_history.major_revision 
_pdbx_audit_revision_history.minor_revision 
_pdbx_audit_revision_history.revision_date 
_pdbx_audit_revision_history.part_number 
1 'Structure model' 1 0 2023-03-08 ? 
2 'Structure model' 1 1 2023-05-10 ? 
3 'Structure model' 1 2 2023-08-23 ? 
4 'Structure model' 1 3 2024-02-07 ? 
5 'Structure model' 1 4 2025-10-01 ? 
# 
_pdbx_audit_revision_details.ordinal             1 
_pdbx_audit_revision_details.revision_ordinal    1 
_pdbx_audit_revision_details.data_content_type   'Structure model' 
_pdbx_audit_revision_details.provider            repository 
_pdbx_audit_revision_details.type                'Initial release' 
_pdbx_audit_revision_details.description         ? 
_pdbx_audit_revision_details.details             ? 
# 
loop_
_pdbx_audit_revision_group.ordinal 
_pdbx_audit_revision_group.revision_ordinal 
_pdbx_audit_revision_group.data_content_type 
_pdbx_audit_revision_group.group 
1 2 'Structure model' 'Database references'    
2 3 'Structure model' 'Data collection'        
3 3 'Structure model' 'Database references'    
4 4 'Structure model' 'Refinement description' 
5 5 'Structure model' 'Derived calculations'   
6 5 'Structure model' 'Structure summary'      
# 
loop_
_pdbx_audit_revision_category.ordinal 
_pdbx_audit_revision_category.revision_ordinal 
_pdbx_audit_revision_category.data_content_type 
_pdbx_audit_revision_category.category 
1  2 'Structure model' citation                      
2  2 'Structure model' citation_author               
3  3 'Structure model' chem_comp_atom                
4  3 'Structure model' chem_comp_bond                
5  3 'Structure model' citation                      
6  3 'Structure model' citation_author               
7  4 'Structure model' pdbx_initial_refinement_model 
8  5 'Structure model' pdbx_entry_details            
9  5 'Structure model' pdbx_modification_feature     
10 5 'Structure model' struct_conn                   
11 5 'Structure model' struct_conn_type              
# 
loop_
_pdbx_audit_revision_item.ordinal 
_pdbx_audit_revision_item.revision_ordinal 
_pdbx_audit_revision_item.data_content_type 
_pdbx_audit_revision_item.item 
1  2 'Structure model' '_citation.pdbx_database_id_DOI'               
2  2 'Structure model' '_citation.pdbx_database_id_PubMed'            
3  2 'Structure model' '_citation.title'                              
4  2 'Structure model' '_citation.year'                               
5  2 'Structure model' '_citation_author.identifier_ORCID'            
6  2 'Structure model' '_citation_author.name'                        
7  3 'Structure model' '_citation.journal_volume'                     
8  3 'Structure model' '_citation.page_first'                         
9  3 'Structure model' '_citation.page_last'                          
10 3 'Structure model' '_citation_author.identifier_ORCID'            
11 5 'Structure model' '_pdbx_entry_details.has_protein_modification' 
# 
_pdbx_database_status.status_code                     REL 
_pdbx_database_status.status_code_sf                  REL 
_pdbx_database_status.status_code_mr                  ? 
_pdbx_database_status.entry_id                        8BQT 
_pdbx_database_status.recvd_initial_deposition_date   2022-11-21 
_pdbx_database_status.SG_entry                        N 
_pdbx_database_status.deposit_site                    PDBE 
_pdbx_database_status.process_site                    PDBE 
_pdbx_database_status.status_code_cs                  ? 
_pdbx_database_status.status_code_nmr_data            ? 
_pdbx_database_status.methods_development_category    ? 
_pdbx_database_status.pdb_format_compatible           Y 
# 
_pdbx_contact_author.id                 2 
_pdbx_contact_author.email              tatjana.vogt@kuleuven.be 
_pdbx_contact_author.name_first         Tatjana 
_pdbx_contact_author.name_last          Parac-Vogt 
_pdbx_contact_author.name_mi            ? 
_pdbx_contact_author.role               'principal investigator/group leader' 
_pdbx_contact_author.identifier_ORCID   0000-0002-6188-3957 
# 
loop_
_audit_author.name 
_audit_author.pdbx_ordinal 
_audit_author.identifier_ORCID 
'Lentink, S.'           1 0000-0002-4494-3268 
'Salazar Marcano, D.E.' 2 0000-0001-6936-8370 
'Moussawi, M.A.'        3 0000-0003-1691-3747 
'Vandebroek, L.'        4 0000-0001-6907-425X 
'Van Meervelt, L.'      5 0000-0003-2186-5209 
'Parac-Vogt, T.N.'      6 0000-0002-6188-3957 
# 
_citation.abstract                  ? 
_citation.abstract_id_CAS           ? 
_citation.book_id_ISBN              ? 
_citation.book_publisher            ? 
_citation.book_publisher_city       ? 
_citation.book_title                ? 
_citation.coordinate_linkage        ? 
_citation.country                   UK 
_citation.database_id_Medline       ? 
_citation.details                   ? 
_citation.id                        primary 
_citation.journal_abbrev            'Faraday Disc.Chem.Soc' 
_citation.journal_id_ASTM           FDCSB7 
_citation.journal_id_CSD            0564 
_citation.journal_id_ISSN           1364-5498 
_citation.journal_full              ? 
_citation.journal_issue             ? 
_citation.journal_volume            244 
_citation.language                  ? 
_citation.page_first                21 
_citation.page_last                 38 
_citation.title                     'Fine-tuning non-covalent interactions between hybrid metal-oxo clusters and proteins.' 
_citation.year                      2023 
_citation.database_id_CSD           ? 
_citation.pdbx_database_id_DOI      10.1039/d2fd00161f 
_citation.pdbx_database_id_PubMed   37102318 
_citation.pdbx_database_id_patent   ? 
_citation.unpublished_flag          ? 
# 
loop_
_citation_author.citation_id 
_citation_author.name 
_citation_author.ordinal 
_citation_author.identifier_ORCID 
primary 'Lentink, S.'           1 ? 
primary 'Salazar Marcano, D.E.' 2 ? 
primary 'Moussawi, M.A.'        3 ? 
primary 'Vandebroek, L.'        4 ? 
primary 'Van Meervelt, L.'      5 ? 
primary 'Parac-Vogt, T.N.'      6 ? 
# 
loop_
_entity.id 
_entity.type 
_entity.src_method 
_entity.pdbx_description 
_entity.formula_weight 
_entity.pdbx_number_of_molecules 
_entity.pdbx_ec 
_entity.pdbx_mutation 
_entity.pdbx_fragment 
_entity.details 
1 polymer     nat 'Lysozyme C'                   14331.160 1  3.2.1.17 ? ? ? 
2 non-polymer syn 'Mn-Mo(6)-O(24)-C(10) cluster' 1152.814  2  ?        ? ? ? 
3 non-polymer syn 'CHLORIDE ION'                 35.453    3  ?        ? ? ? 
4 water       nat water                          18.015    82 ?        ? ? ? 
# 
_entity_name_com.entity_id   1 
_entity_name_com.name        '1,4-beta-N-acetylmuramidase C,Allergen Gal d IV' 
# 
_entity_poly.entity_id                      1 
_entity_poly.type                           'polypeptide(L)' 
_entity_poly.nstd_linkage                   no 
_entity_poly.nstd_monomer                   no 
_entity_poly.pdbx_seq_one_letter_code       
;KVFGRCELAAAMKRHGLDNYRGYSLGNWVCAAKFESNFNTQATNRNTDGSTDYGILQINSRWWCNDGRTPGSRNLCNIPC
SALLSSDITASVNCAKKIVSDGNGMNAWVAWRNRCKGTDVQAWIRGCRL
;
_entity_poly.pdbx_seq_one_letter_code_can   
;KVFGRCELAAAMKRHGLDNYRGYSLGNWVCAAKFESNFNTQATNRNTDGSTDYGILQINSRWWCNDGRTPGSRNLCNIPC
SALLSSDITASVNCAKKIVSDGNGMNAWVAWRNRCKGTDVQAWIRGCRL
;
_entity_poly.pdbx_strand_id                 A 
_entity_poly.pdbx_target_identifier         ? 
# 
loop_
_pdbx_entity_nonpoly.entity_id 
_pdbx_entity_nonpoly.name 
_pdbx_entity_nonpoly.comp_id 
2 'Mn-Mo(6)-O(24)-C(10) cluster' U7U 
3 'CHLORIDE ION'                 CL  
4 water                          HOH 
# 
loop_
_entity_poly_seq.entity_id 
_entity_poly_seq.num 
_entity_poly_seq.mon_id 
_entity_poly_seq.hetero 
1 1   LYS n 
1 2   VAL n 
1 3   PHE n 
1 4   GLY n 
1 5   ARG n 
1 6   CYS n 
1 7   GLU n 
1 8   LEU n 
1 9   ALA n 
1 10  ALA n 
1 11  ALA n 
1 12  MET n 
1 13  LYS n 
1 14  ARG n 
1 15  HIS n 
1 16  GLY n 
1 17  LEU n 
1 18  ASP n 
1 19  ASN n 
1 20  TYR n 
1 21  ARG n 
1 22  GLY n 
1 23  TYR n 
1 24  SER n 
1 25  LEU n 
1 26  GLY n 
1 27  ASN n 
1 28  TRP n 
1 29  VAL n 
1 30  CYS n 
1 31  ALA n 
1 32  ALA n 
1 33  LYS n 
1 34  PHE n 
1 35  GLU n 
1 36  SER n 
1 37  ASN n 
1 38  PHE n 
1 39  ASN n 
1 40  THR n 
1 41  GLN n 
1 42  ALA n 
1 43  THR n 
1 44  ASN n 
1 45  ARG n 
1 46  ASN n 
1 47  THR n 
1 48  ASP n 
1 49  GLY n 
1 50  SER n 
1 51  THR n 
1 52  ASP n 
1 53  TYR n 
1 54  GLY n 
1 55  ILE n 
1 56  LEU n 
1 57  GLN n 
1 58  ILE n 
1 59  ASN n 
1 60  SER n 
1 61  ARG n 
1 62  TRP n 
1 63  TRP n 
1 64  CYS n 
1 65  ASN n 
1 66  ASP n 
1 67  GLY n 
1 68  ARG n 
1 69  THR n 
1 70  PRO n 
1 71  GLY n 
1 72  SER n 
1 73  ARG n 
1 74  ASN n 
1 75  LEU n 
1 76  CYS n 
1 77  ASN n 
1 78  ILE n 
1 79  PRO n 
1 80  CYS n 
1 81  SER n 
1 82  ALA n 
1 83  LEU n 
1 84  LEU n 
1 85  SER n 
1 86  SER n 
1 87  ASP n 
1 88  ILE n 
1 89  THR n 
1 90  ALA n 
1 91  SER n 
1 92  VAL n 
1 93  ASN n 
1 94  CYS n 
1 95  ALA n 
1 96  LYS n 
1 97  LYS n 
1 98  ILE n 
1 99  VAL n 
1 100 SER n 
1 101 ASP n 
1 102 GLY n 
1 103 ASN n 
1 104 GLY n 
1 105 MET n 
1 106 ASN n 
1 107 ALA n 
1 108 TRP n 
1 109 VAL n 
1 110 ALA n 
1 111 TRP n 
1 112 ARG n 
1 113 ASN n 
1 114 ARG n 
1 115 CYS n 
1 116 LYS n 
1 117 GLY n 
1 118 THR n 
1 119 ASP n 
1 120 VAL n 
1 121 GLN n 
1 122 ALA n 
1 123 TRP n 
1 124 ILE n 
1 125 ARG n 
1 126 GLY n 
1 127 CYS n 
1 128 ARG n 
1 129 LEU n 
# 
_entity_src_nat.entity_id                  1 
_entity_src_nat.pdbx_src_id                1 
_entity_src_nat.pdbx_alt_source_flag       sample 
_entity_src_nat.pdbx_beg_seq_num           1 
_entity_src_nat.pdbx_end_seq_num           129 
_entity_src_nat.common_name                chicken 
_entity_src_nat.pdbx_organism_scientific   'Gallus gallus' 
_entity_src_nat.pdbx_ncbi_taxonomy_id      9031 
_entity_src_nat.genus                      ? 
_entity_src_nat.species                    ? 
_entity_src_nat.strain                     ? 
_entity_src_nat.tissue                     ? 
_entity_src_nat.tissue_fraction            ? 
_entity_src_nat.pdbx_secretion             ? 
_entity_src_nat.pdbx_fragment              ? 
_entity_src_nat.pdbx_variant               ? 
_entity_src_nat.pdbx_cell_line             ? 
_entity_src_nat.pdbx_atcc                  ? 
_entity_src_nat.pdbx_cellular_location     ? 
_entity_src_nat.pdbx_organ                 ? 
_entity_src_nat.pdbx_organelle             ? 
_entity_src_nat.pdbx_cell                  ? 
_entity_src_nat.pdbx_plasmid_name          ? 
_entity_src_nat.pdbx_plasmid_details       ? 
_entity_src_nat.details                    ? 
# 
loop_
_chem_comp.id 
_chem_comp.type 
_chem_comp.mon_nstd_flag 
_chem_comp.name 
_chem_comp.pdbx_synonyms 
_chem_comp.formula 
_chem_comp.formula_weight 
ALA 'L-peptide linking' y ALANINE                        ?                                                      'C3 H7 N O2' 
89.093   
ARG 'L-peptide linking' y ARGININE                       ?                                                      'C6 H15 N4 O2 1' 
175.209  
ASN 'L-peptide linking' y ASPARAGINE                     ?                                                      'C4 H8 N2 O3' 
132.118  
ASP 'L-peptide linking' y 'ASPARTIC ACID'                ?                                                      'C4 H7 N O4' 
133.103  
CL  non-polymer         . 'CHLORIDE ION'                 ?                                                      'Cl -1' 35.453   
CYS 'L-peptide linking' y CYSTEINE                       ?                                                      'C3 H7 N O2 S' 
121.158  
GLN 'L-peptide linking' y GLUTAMINE                      ?                                                      'C5 H10 N2 O3' 
146.144  
GLU 'L-peptide linking' y 'GLUTAMIC ACID'                ?                                                      'C5 H9 N O4' 
147.129  
GLY 'peptide linking'   y GLYCINE                        ?                                                      'C2 H5 N O2' 
75.067   
HIS 'L-peptide linking' y HISTIDINE                      ?                                                      'C6 H10 N3 O2 1' 
156.162  
HOH non-polymer         . WATER                          ?                                                      'H2 O' 18.015   
ILE 'L-peptide linking' y ISOLEUCINE                     ?                                                      'C6 H13 N O2' 
131.173  
LEU 'L-peptide linking' y LEUCINE                        ?                                                      'C6 H13 N O2' 
131.173  
LYS 'L-peptide linking' y LYSINE                         ?                                                      'C6 H15 N2 O2 1' 
147.195  
MET 'L-peptide linking' y METHIONINE                     ?                                                      'C5 H11 N O2 S' 
149.211  
PHE 'L-peptide linking' y PHENYLALANINE                  ?                                                      'C9 H11 N O2' 
165.189  
PRO 'L-peptide linking' y PROLINE                        ?                                                      'C5 H9 N O2' 
115.130  
SER 'L-peptide linking' y SERINE                         ?                                                      'C3 H7 N O3' 
105.093  
THR 'L-peptide linking' y THREONINE                      ?                                                      'C4 H9 N O3' 
119.119  
TRP 'L-peptide linking' y TRYPTOPHAN                     ?                                                      'C11 H12 N2 O2' 
204.225  
TYR 'L-peptide linking' y TYROSINE                       ?                                                      'C9 H11 N O3' 
181.189  
U7U non-polymer         . 'Mn-Mo(6)-O(24)-C(10) cluster' 'methyl-functionalised Anderson-Evans polyoxometalate' 
'C10 H18 Mn Mo6 O24' 1152.814 
VAL 'L-peptide linking' y VALINE                         ?                                                      'C5 H11 N O2' 
117.146  
# 
loop_
_pdbx_poly_seq_scheme.asym_id 
_pdbx_poly_seq_scheme.entity_id 
_pdbx_poly_seq_scheme.seq_id 
_pdbx_poly_seq_scheme.mon_id 
_pdbx_poly_seq_scheme.ndb_seq_num 
_pdbx_poly_seq_scheme.pdb_seq_num 
_pdbx_poly_seq_scheme.auth_seq_num 
_pdbx_poly_seq_scheme.pdb_mon_id 
_pdbx_poly_seq_scheme.auth_mon_id 
_pdbx_poly_seq_scheme.pdb_strand_id 
_pdbx_poly_seq_scheme.pdb_ins_code 
_pdbx_poly_seq_scheme.hetero 
A 1 1   LYS 1   1   1   LYS LYS A . n 
A 1 2   VAL 2   2   2   VAL VAL A . n 
A 1 3   PHE 3   3   3   PHE PHE A . n 
A 1 4   GLY 4   4   4   GLY GLY A . n 
A 1 5   ARG 5   5   5   ARG ARG A . n 
A 1 6   CYS 6   6   6   CYS CYS A . n 
A 1 7   GLU 7   7   7   GLU GLU A . n 
A 1 8   LEU 8   8   8   LEU LEU A . n 
A 1 9   ALA 9   9   9   ALA ALA A . n 
A 1 10  ALA 10  10  10  ALA ALA A . n 
A 1 11  ALA 11  11  11  ALA ALA A . n 
A 1 12  MET 12  12  12  MET MET A . n 
A 1 13  LYS 13  13  13  LYS LYS A . n 
A 1 14  ARG 14  14  14  ARG ARG A . n 
A 1 15  HIS 15  15  15  HIS HIS A . n 
A 1 16  GLY 16  16  16  GLY GLY A . n 
A 1 17  LEU 17  17  17  LEU LEU A . n 
A 1 18  ASP 18  18  18  ASP ASP A . n 
A 1 19  ASN 19  19  19  ASN ASN A . n 
A 1 20  TYR 20  20  20  TYR TYR A . n 
A 1 21  ARG 21  21  21  ARG ARG A . n 
A 1 22  GLY 22  22  22  GLY GLY A . n 
A 1 23  TYR 23  23  23  TYR TYR A . n 
A 1 24  SER 24  24  24  SER SER A . n 
A 1 25  LEU 25  25  25  LEU LEU A . n 
A 1 26  GLY 26  26  26  GLY GLY A . n 
A 1 27  ASN 27  27  27  ASN ASN A . n 
A 1 28  TRP 28  28  28  TRP TRP A . n 
A 1 29  VAL 29  29  29  VAL VAL A . n 
A 1 30  CYS 30  30  30  CYS CYS A . n 
A 1 31  ALA 31  31  31  ALA ALA A . n 
A 1 32  ALA 32  32  32  ALA ALA A . n 
A 1 33  LYS 33  33  33  LYS LYS A . n 
A 1 34  PHE 34  34  34  PHE PHE A . n 
A 1 35  GLU 35  35  35  GLU GLU A . n 
A 1 36  SER 36  36  36  SER SER A . n 
A 1 37  ASN 37  37  37  ASN ASN A . n 
A 1 38  PHE 38  38  38  PHE PHE A . n 
A 1 39  ASN 39  39  39  ASN ASN A . n 
A 1 40  THR 40  40  40  THR THR A . n 
A 1 41  GLN 41  41  41  GLN GLN A . n 
A 1 42  ALA 42  42  42  ALA ALA A . n 
A 1 43  THR 43  43  43  THR THR A . n 
A 1 44  ASN 44  44  44  ASN ASN A . n 
A 1 45  ARG 45  45  45  ARG ARG A . n 
A 1 46  ASN 46  46  46  ASN ASN A . n 
A 1 47  THR 47  47  47  THR THR A . n 
A 1 48  ASP 48  48  48  ASP ASP A . n 
A 1 49  GLY 49  49  49  GLY GLY A . n 
A 1 50  SER 50  50  50  SER SER A . n 
A 1 51  THR 51  51  51  THR THR A . n 
A 1 52  ASP 52  52  52  ASP ASP A . n 
A 1 53  TYR 53  53  53  TYR TYR A . n 
A 1 54  GLY 54  54  54  GLY GLY A . n 
A 1 55  ILE 55  55  55  ILE ILE A . n 
A 1 56  LEU 56  56  56  LEU LEU A . n 
A 1 57  GLN 57  57  57  GLN GLN A . n 
A 1 58  ILE 58  58  58  ILE ILE A . n 
A 1 59  ASN 59  59  59  ASN ASN A . n 
A 1 60  SER 60  60  60  SER SER A . n 
A 1 61  ARG 61  61  61  ARG ARG A . n 
A 1 62  TRP 62  62  62  TRP TRP A . n 
A 1 63  TRP 63  63  63  TRP TRP A . n 
A 1 64  CYS 64  64  64  CYS CYS A . n 
A 1 65  ASN 65  65  65  ASN ASN A . n 
A 1 66  ASP 66  66  66  ASP ASP A . n 
A 1 67  GLY 67  67  67  GLY GLY A . n 
A 1 68  ARG 68  68  68  ARG ARG A . n 
A 1 69  THR 69  69  69  THR THR A . n 
A 1 70  PRO 70  70  70  PRO PRO A . n 
A 1 71  GLY 71  71  71  GLY GLY A . n 
A 1 72  SER 72  72  72  SER SER A . n 
A 1 73  ARG 73  73  73  ARG ARG A . n 
A 1 74  ASN 74  74  74  ASN ASN A . n 
A 1 75  LEU 75  75  75  LEU LEU A . n 
A 1 76  CYS 76  76  76  CYS CYS A . n 
A 1 77  ASN 77  77  77  ASN ASN A . n 
A 1 78  ILE 78  78  78  ILE ILE A . n 
A 1 79  PRO 79  79  79  PRO PRO A . n 
A 1 80  CYS 80  80  80  CYS CYS A . n 
A 1 81  SER 81  81  81  SER SER A . n 
A 1 82  ALA 82  82  82  ALA ALA A . n 
A 1 83  LEU 83  83  83  LEU LEU A . n 
A 1 84  LEU 84  84  84  LEU LEU A . n 
A 1 85  SER 85  85  85  SER SER A . n 
A 1 86  SER 86  86  86  SER SER A . n 
A 1 87  ASP 87  87  87  ASP ASP A . n 
A 1 88  ILE 88  88  88  ILE ILE A . n 
A 1 89  THR 89  89  89  THR THR A . n 
A 1 90  ALA 90  90  90  ALA ALA A . n 
A 1 91  SER 91  91  91  SER SER A . n 
A 1 92  VAL 92  92  92  VAL VAL A . n 
A 1 93  ASN 93  93  93  ASN ASN A . n 
A 1 94  CYS 94  94  94  CYS CYS A . n 
A 1 95  ALA 95  95  95  ALA ALA A . n 
A 1 96  LYS 96  96  96  LYS LYS A . n 
A 1 97  LYS 97  97  97  LYS LYS A . n 
A 1 98  ILE 98  98  98  ILE ILE A . n 
A 1 99  VAL 99  99  99  VAL VAL A . n 
A 1 100 SER 100 100 100 SER SER A . n 
A 1 101 ASP 101 101 101 ASP ASP A . n 
A 1 102 GLY 102 102 102 GLY GLY A . n 
A 1 103 ASN 103 103 103 ASN ASN A . n 
A 1 104 GLY 104 104 104 GLY GLY A . n 
A 1 105 MET 105 105 105 MET MET A . n 
A 1 106 ASN 106 106 106 ASN ASN A . n 
A 1 107 ALA 107 107 107 ALA ALA A . n 
A 1 108 TRP 108 108 108 TRP TRP A . n 
A 1 109 VAL 109 109 109 VAL VAL A . n 
A 1 110 ALA 110 110 110 ALA ALA A . n 
A 1 111 TRP 111 111 111 TRP TRP A . n 
A 1 112 ARG 112 112 112 ARG ARG A . n 
A 1 113 ASN 113 113 113 ASN ASN A . n 
A 1 114 ARG 114 114 114 ARG ARG A . n 
A 1 115 CYS 115 115 115 CYS CYS A . n 
A 1 116 LYS 116 116 116 LYS LYS A . n 
A 1 117 GLY 117 117 117 GLY GLY A . n 
A 1 118 THR 118 118 118 THR THR A . n 
A 1 119 ASP 119 119 119 ASP ASP A . n 
A 1 120 VAL 120 120 120 VAL VAL A . n 
A 1 121 GLN 121 121 121 GLN GLN A . n 
A 1 122 ALA 122 122 122 ALA ALA A . n 
A 1 123 TRP 123 123 123 TRP TRP A . n 
A 1 124 ILE 124 124 124 ILE ILE A . n 
A 1 125 ARG 125 125 125 ARG ARG A . n 
A 1 126 GLY 126 126 126 GLY GLY A . n 
A 1 127 CYS 127 127 127 CYS CYS A . n 
A 1 128 ARG 128 128 128 ARG ARG A . n 
A 1 129 LEU 129 129 129 LEU LEU A . n 
# 
_pdbx_entity_instance_feature.ordinal        1 
_pdbx_entity_instance_feature.comp_id        U7U 
_pdbx_entity_instance_feature.asym_id        ? 
_pdbx_entity_instance_feature.seq_num        ? 
_pdbx_entity_instance_feature.auth_comp_id   U7U 
_pdbx_entity_instance_feature.auth_asym_id   ? 
_pdbx_entity_instance_feature.auth_seq_num   ? 
_pdbx_entity_instance_feature.feature_type   'SUBJECT OF INVESTIGATION' 
_pdbx_entity_instance_feature.details        ? 
# 
loop_
_pdbx_nonpoly_scheme.asym_id 
_pdbx_nonpoly_scheme.entity_id 
_pdbx_nonpoly_scheme.mon_id 
_pdbx_nonpoly_scheme.ndb_seq_num 
_pdbx_nonpoly_scheme.pdb_seq_num 
_pdbx_nonpoly_scheme.auth_seq_num 
_pdbx_nonpoly_scheme.pdb_mon_id 
_pdbx_nonpoly_scheme.auth_mon_id 
_pdbx_nonpoly_scheme.pdb_strand_id 
_pdbx_nonpoly_scheme.pdb_ins_code 
B 2 U7U 1  201 201 U7U U7U A . 
C 2 U7U 1  202 301 U7U U7U A . 
D 3 CL  1  203 3   CL  CL  A . 
E 3 CL  1  204 1   CL  CL  A . 
F 3 CL  1  205 2   CL  CL  A . 
G 4 HOH 1  301 26  HOH HOH A . 
G 4 HOH 2  302 33  HOH HOH A . 
G 4 HOH 3  303 53  HOH HOH A . 
G 4 HOH 4  304 19  HOH HOH A . 
G 4 HOH 5  305 21  HOH HOH A . 
G 4 HOH 6  306 43  HOH HOH A . 
G 4 HOH 7  307 62  HOH HOH A . 
G 4 HOH 8  308 32  HOH HOH A . 
G 4 HOH 9  309 17  HOH HOH A . 
G 4 HOH 10 310 80  HOH HOH A . 
G 4 HOH 11 311 34  HOH HOH A . 
G 4 HOH 12 312 36  HOH HOH A . 
G 4 HOH 13 313 46  HOH HOH A . 
G 4 HOH 14 314 9   HOH HOH A . 
G 4 HOH 15 315 5   HOH HOH A . 
G 4 HOH 16 316 2   HOH HOH A . 
G 4 HOH 17 317 59  HOH HOH A . 
G 4 HOH 18 318 47  HOH HOH A . 
G 4 HOH 19 319 48  HOH HOH A . 
G 4 HOH 20 320 28  HOH HOH A . 
G 4 HOH 21 321 22  HOH HOH A . 
G 4 HOH 22 322 6   HOH HOH A . 
G 4 HOH 23 323 40  HOH HOH A . 
G 4 HOH 24 324 58  HOH HOH A . 
G 4 HOH 25 325 23  HOH HOH A . 
G 4 HOH 26 326 4   HOH HOH A . 
G 4 HOH 27 327 3   HOH HOH A . 
G 4 HOH 28 328 79  HOH HOH A . 
G 4 HOH 29 329 57  HOH HOH A . 
G 4 HOH 30 330 54  HOH HOH A . 
G 4 HOH 31 331 7   HOH HOH A . 
G 4 HOH 32 332 11  HOH HOH A . 
G 4 HOH 33 333 55  HOH HOH A . 
G 4 HOH 34 334 50  HOH HOH A . 
G 4 HOH 35 335 37  HOH HOH A . 
G 4 HOH 36 336 8   HOH HOH A . 
G 4 HOH 37 337 44  HOH HOH A . 
G 4 HOH 38 338 68  HOH HOH A . 
G 4 HOH 39 339 76  HOH HOH A . 
G 4 HOH 40 340 74  HOH HOH A . 
G 4 HOH 41 341 72  HOH HOH A . 
G 4 HOH 42 342 16  HOH HOH A . 
G 4 HOH 43 343 10  HOH HOH A . 
G 4 HOH 44 344 41  HOH HOH A . 
G 4 HOH 45 345 39  HOH HOH A . 
G 4 HOH 46 346 31  HOH HOH A . 
G 4 HOH 47 347 12  HOH HOH A . 
G 4 HOH 48 348 35  HOH HOH A . 
G 4 HOH 49 349 25  HOH HOH A . 
G 4 HOH 50 350 67  HOH HOH A . 
G 4 HOH 51 351 42  HOH HOH A . 
G 4 HOH 52 352 15  HOH HOH A . 
G 4 HOH 53 353 66  HOH HOH A . 
G 4 HOH 54 354 71  HOH HOH A . 
G 4 HOH 55 355 29  HOH HOH A . 
G 4 HOH 56 356 30  HOH HOH A . 
G 4 HOH 57 357 70  HOH HOH A . 
G 4 HOH 58 358 14  HOH HOH A . 
G 4 HOH 59 359 1   HOH HOH A . 
G 4 HOH 60 360 27  HOH HOH A . 
G 4 HOH 61 361 64  HOH HOH A . 
G 4 HOH 62 362 18  HOH HOH A . 
G 4 HOH 63 363 24  HOH HOH A . 
G 4 HOH 64 364 63  HOH HOH A . 
G 4 HOH 65 365 38  HOH HOH A . 
G 4 HOH 66 366 13  HOH HOH A . 
G 4 HOH 67 367 77  HOH HOH A . 
G 4 HOH 68 368 78  HOH HOH A . 
G 4 HOH 69 369 75  HOH HOH A . 
G 4 HOH 70 370 52  HOH HOH A . 
G 4 HOH 71 371 49  HOH HOH A . 
G 4 HOH 72 372 73  HOH HOH A . 
G 4 HOH 73 373 82  HOH HOH A . 
G 4 HOH 74 374 56  HOH HOH A . 
G 4 HOH 75 375 69  HOH HOH A . 
G 4 HOH 76 376 20  HOH HOH A . 
G 4 HOH 77 377 60  HOH HOH A . 
G 4 HOH 78 378 65  HOH HOH A . 
G 4 HOH 79 379 81  HOH HOH A . 
G 4 HOH 80 380 61  HOH HOH A . 
G 4 HOH 81 381 45  HOH HOH A . 
G 4 HOH 82 382 51  HOH HOH A . 
# 
loop_
_pdbx_unobs_or_zero_occ_atoms.id 
_pdbx_unobs_or_zero_occ_atoms.PDB_model_num 
_pdbx_unobs_or_zero_occ_atoms.polymer_flag 
_pdbx_unobs_or_zero_occ_atoms.occupancy_flag 
_pdbx_unobs_or_zero_occ_atoms.auth_asym_id 
_pdbx_unobs_or_zero_occ_atoms.auth_comp_id 
_pdbx_unobs_or_zero_occ_atoms.auth_seq_id 
_pdbx_unobs_or_zero_occ_atoms.PDB_ins_code 
_pdbx_unobs_or_zero_occ_atoms.auth_atom_id 
_pdbx_unobs_or_zero_occ_atoms.label_alt_id 
_pdbx_unobs_or_zero_occ_atoms.label_asym_id 
_pdbx_unobs_or_zero_occ_atoms.label_comp_id 
_pdbx_unobs_or_zero_occ_atoms.label_seq_id 
_pdbx_unobs_or_zero_occ_atoms.label_atom_id 
1 1 Y 1 A ARG 125 ? CG  ? A ARG 125 CG  
2 1 Y 1 A ARG 125 ? CD  ? A ARG 125 CD  
3 1 Y 1 A ARG 125 ? NE  ? A ARG 125 NE  
4 1 Y 1 A ARG 125 ? CZ  ? A ARG 125 CZ  
5 1 Y 1 A ARG 125 ? NH1 ? A ARG 125 NH1 
6 1 Y 1 A ARG 125 ? NH2 ? A ARG 125 NH2 
# 
loop_
_software.citation_id 
_software.classification 
_software.compiler_name 
_software.compiler_version 
_software.contact_author 
_software.contact_author_email 
_software.date 
_software.description 
_software.dependencies 
_software.hardware 
_software.language 
_software.location 
_software.mods 
_software.name 
_software.os 
_software.os_version 
_software.type 
_software.version 
_software.pdbx_ordinal 
? refinement       ? ? ? ? ? ? ? ? ? ? ? PHENIX  ? ? ? 1.20.1                 1 
? 'data scaling'   ? ? ? ? ? ? ? ? ? ? ? Aimless ? ? ? 7.0.078                2 
? 'data reduction' ? ? ? ? ? ? ? ? ? ? ? XDS     ? ? ? 'VERSION Jan 10, 2022' 3 
? phasing          ? ? ? ? ? ? ? ? ? ? ? PHASER  ? ? ? 2.8.3                  4 
# 
_cell.angle_alpha                  90.00 
_cell.angle_alpha_esd              ? 
_cell.angle_beta                   90.00 
_cell.angle_beta_esd               ? 
_cell.angle_gamma                  90.00 
_cell.angle_gamma_esd              ? 
_cell.entry_id                     8BQT 
_cell.details                      ? 
_cell.formula_units_Z              ? 
_cell.length_a                     75.940 
_cell.length_a_esd                 ? 
_cell.length_b                     75.940 
_cell.length_b_esd                 ? 
_cell.length_c                     36.756 
_cell.length_c_esd                 ? 
_cell.volume                       ? 
_cell.volume_esd                   ? 
_cell.Z_PDB                        8 
_cell.reciprocal_angle_alpha       ? 
_cell.reciprocal_angle_beta        ? 
_cell.reciprocal_angle_gamma       ? 
_cell.reciprocal_angle_alpha_esd   ? 
_cell.reciprocal_angle_beta_esd    ? 
_cell.reciprocal_angle_gamma_esd   ? 
_cell.reciprocal_length_a          ? 
_cell.reciprocal_length_b          ? 
_cell.reciprocal_length_c          ? 
_cell.reciprocal_length_a_esd      ? 
_cell.reciprocal_length_b_esd      ? 
_cell.reciprocal_length_c_esd      ? 
_cell.pdbx_unique_axis             ? 
_cell.pdbx_esd_method              ? 
# 
_symmetry.entry_id                         8BQT 
_symmetry.cell_setting                     ? 
_symmetry.Int_Tables_number                96 
_symmetry.space_group_name_Hall            ? 
_symmetry.space_group_name_H-M             'P 43 21 2' 
_symmetry.pdbx_full_space_group_name_H-M   ? 
# 
_exptl.absorpt_coefficient_mu     ? 
_exptl.absorpt_correction_T_max   ? 
_exptl.absorpt_correction_T_min   ? 
_exptl.absorpt_correction_type    ? 
_exptl.absorpt_process_details    ? 
_exptl.entry_id                   8BQT 
_exptl.crystals_number            1 
_exptl.details                    ? 
_exptl.method                     'X-RAY DIFFRACTION' 
_exptl.method_details             ? 
# 
_exptl_crystal.colour                       ? 
_exptl_crystal.density_diffrn               ? 
_exptl_crystal.density_Matthews             1 
_exptl_crystal.density_method               ? 
_exptl_crystal.density_percent_sol          33.62 
_exptl_crystal.description                  ? 
_exptl_crystal.F_000                        ? 
_exptl_crystal.id                           1 
_exptl_crystal.preparation                  ? 
_exptl_crystal.size_max                     ? 
_exptl_crystal.size_mid                     ? 
_exptl_crystal.size_min                     ? 
_exptl_crystal.size_rad                     ? 
_exptl_crystal.colour_lustre                ? 
_exptl_crystal.colour_modifier              ? 
_exptl_crystal.colour_primary               ? 
_exptl_crystal.density_meas                 ? 
_exptl_crystal.density_meas_esd             ? 
_exptl_crystal.density_meas_gt              ? 
_exptl_crystal.density_meas_lt              ? 
_exptl_crystal.density_meas_temp            ? 
_exptl_crystal.density_meas_temp_esd        ? 
_exptl_crystal.density_meas_temp_gt         ? 
_exptl_crystal.density_meas_temp_lt         ? 
_exptl_crystal.pdbx_crystal_image_url       ? 
_exptl_crystal.pdbx_crystal_image_format    ? 
_exptl_crystal.pdbx_mosaicity               ? 
_exptl_crystal.pdbx_mosaicity_esd           ? 
_exptl_crystal.pdbx_mosaic_method           ? 
_exptl_crystal.pdbx_mosaic_block_size       ? 
_exptl_crystal.pdbx_mosaic_block_size_esd   ? 
# 
_exptl_crystal_grow.apparatus       ? 
_exptl_crystal_grow.atmosphere      ? 
_exptl_crystal_grow.crystal_id      1 
_exptl_crystal_grow.details         ? 
_exptl_crystal_grow.method          'VAPOR DIFFUSION, SITTING DROP' 
_exptl_crystal_grow.method_ref      ? 
_exptl_crystal_grow.pH              4.6 
_exptl_crystal_grow.pressure        ? 
_exptl_crystal_grow.pressure_esd    ? 
_exptl_crystal_grow.seeding         ? 
_exptl_crystal_grow.seeding_ref     ? 
_exptl_crystal_grow.temp            293 
_exptl_crystal_grow.temp_details    ? 
_exptl_crystal_grow.temp_esd        ? 
_exptl_crystal_grow.time            ? 
_exptl_crystal_grow.pdbx_details    
'130 mg/mL Lysozyme, 20 mM AE-CH3, 0.1 M magnesium chloride, 0.1 M sodium acetate buffer (pH 4.6) and 25% (w/v) PEG 400.' 
_exptl_crystal_grow.pdbx_pH_range   ? 
# 
_diffrn.ambient_environment              ? 
_diffrn.ambient_temp                     100 
_diffrn.ambient_temp_details             ? 
_diffrn.ambient_temp_esd                 ? 
_diffrn.crystal_id                       1 
_diffrn.crystal_support                  ? 
_diffrn.crystal_treatment                ? 
_diffrn.details                          ? 
_diffrn.id                               1 
_diffrn.ambient_pressure                 ? 
_diffrn.ambient_pressure_esd             ? 
_diffrn.ambient_pressure_gt              ? 
_diffrn.ambient_pressure_lt              ? 
_diffrn.ambient_temp_gt                  ? 
_diffrn.ambient_temp_lt                  ? 
_diffrn.pdbx_serial_crystal_experiment   N 
# 
_diffrn_detector.details                      ? 
_diffrn_detector.detector                     PIXEL 
_diffrn_detector.diffrn_id                    1 
_diffrn_detector.type                         'DECTRIS PILATUS 6M' 
_diffrn_detector.area_resol_mean              ? 
_diffrn_detector.dtime                        ? 
_diffrn_detector.pdbx_frames_total            ? 
_diffrn_detector.pdbx_collection_time_total   ? 
_diffrn_detector.pdbx_collection_date         2022-05-03 
_diffrn_detector.pdbx_frequency               ? 
# 
_diffrn_radiation.collimation                      ? 
_diffrn_radiation.diffrn_id                        1 
_diffrn_radiation.filter_edge                      ? 
_diffrn_radiation.inhomogeneity                    ? 
_diffrn_radiation.monochromator                    ? 
_diffrn_radiation.polarisn_norm                    ? 
_diffrn_radiation.polarisn_ratio                   ? 
_diffrn_radiation.probe                            ? 
_diffrn_radiation.type                             ? 
_diffrn_radiation.xray_symbol                      ? 
_diffrn_radiation.wavelength_id                    1 
_diffrn_radiation.pdbx_monochromatic_or_laue_m_l   M 
_diffrn_radiation.pdbx_wavelength_list             ? 
_diffrn_radiation.pdbx_wavelength                  ? 
_diffrn_radiation.pdbx_diffrn_protocol             'SINGLE WAVELENGTH' 
_diffrn_radiation.pdbx_analyzer                    ? 
_diffrn_radiation.pdbx_scattering_type             x-ray 
# 
_diffrn_radiation_wavelength.id           1 
_diffrn_radiation_wavelength.wavelength   0.976253 
_diffrn_radiation_wavelength.wt           1.0 
# 
_diffrn_source.current                     ? 
_diffrn_source.details                     ? 
_diffrn_source.diffrn_id                   1 
_diffrn_source.power                       ? 
_diffrn_source.size                        ? 
_diffrn_source.source                      SYNCHROTRON 
_diffrn_source.target                      ? 
_diffrn_source.type                        'ESRF BEAMLINE ID30B' 
_diffrn_source.voltage                     ? 
_diffrn_source.take-off_angle              ? 
_diffrn_source.pdbx_wavelength_list        0.976253 
_diffrn_source.pdbx_wavelength             ? 
_diffrn_source.pdbx_synchrotron_beamline   ID30B 
_diffrn_source.pdbx_synchrotron_site       ESRF 
# 
_reflns.B_iso_Wilson_estimate                          ? 
_reflns.entry_id                                       8BQT 
_reflns.data_reduction_details                         ? 
_reflns.data_reduction_method                          ? 
_reflns.d_resolution_high                              1.47 
_reflns.d_resolution_low                               37.97 
_reflns.details                                        ? 
_reflns.limit_h_max                                    ? 
_reflns.limit_h_min                                    ? 
_reflns.limit_k_max                                    ? 
_reflns.limit_k_min                                    ? 
_reflns.limit_l_max                                    ? 
_reflns.limit_l_min                                    ? 
_reflns.number_all                                     ? 
_reflns.number_obs                                     18885 
_reflns.observed_criterion                             ? 
_reflns.observed_criterion_F_max                       ? 
_reflns.observed_criterion_F_min                       ? 
_reflns.observed_criterion_I_max                       ? 
_reflns.observed_criterion_I_min                       ? 
_reflns.observed_criterion_sigma_F                     ? 
_reflns.observed_criterion_sigma_I                     ? 
_reflns.percent_possible_obs                           100.0 
_reflns.R_free_details                                 ? 
_reflns.Rmerge_F_all                                   ? 
_reflns.Rmerge_F_obs                                   ? 
_reflns.Friedel_coverage                               ? 
_reflns.number_gt                                      ? 
_reflns.threshold_expression                           ? 
_reflns.pdbx_redundancy                                24.3 
_reflns.pdbx_Rmerge_I_obs                              0.076 
_reflns.pdbx_Rmerge_I_all                              ? 
_reflns.pdbx_Rsym_value                                ? 
_reflns.pdbx_netI_over_av_sigmaI                       ? 
_reflns.pdbx_netI_over_sigmaI                          24.7 
_reflns.pdbx_res_netI_over_av_sigmaI_2                 ? 
_reflns.pdbx_res_netI_over_sigmaI_2                    ? 
_reflns.pdbx_chi_squared                               1.02 
_reflns.pdbx_scaling_rejects                           ? 
_reflns.pdbx_d_res_high_opt                            ? 
_reflns.pdbx_d_res_low_opt                             ? 
_reflns.pdbx_d_res_opt_method                          ? 
_reflns.phase_calculation_details                      ? 
_reflns.pdbx_Rrim_I_all                                0.077 
_reflns.pdbx_Rpim_I_all                                0.016 
_reflns.pdbx_d_opt                                     ? 
_reflns.pdbx_number_measured_all                       458262 
_reflns.pdbx_diffrn_id                                 1 
_reflns.pdbx_ordinal                                   1 
_reflns.pdbx_CC_half                                   1.000 
_reflns.pdbx_CC_star                                   ? 
_reflns.pdbx_R_split                                   ? 
_reflns.pdbx_aniso_diffraction_limit_axis_1_ortho[1]   ? 
_reflns.pdbx_aniso_diffraction_limit_axis_1_ortho[2]   ? 
_reflns.pdbx_aniso_diffraction_limit_axis_1_ortho[3]   ? 
_reflns.pdbx_aniso_diffraction_limit_axis_2_ortho[1]   ? 
_reflns.pdbx_aniso_diffraction_limit_axis_2_ortho[2]   ? 
_reflns.pdbx_aniso_diffraction_limit_axis_2_ortho[3]   ? 
_reflns.pdbx_aniso_diffraction_limit_axis_3_ortho[1]   ? 
_reflns.pdbx_aniso_diffraction_limit_axis_3_ortho[2]   ? 
_reflns.pdbx_aniso_diffraction_limit_axis_3_ortho[3]   ? 
_reflns.pdbx_aniso_diffraction_limit_1                 ? 
_reflns.pdbx_aniso_diffraction_limit_2                 ? 
_reflns.pdbx_aniso_diffraction_limit_3                 ? 
_reflns.pdbx_aniso_B_tensor_eigenvector_1_ortho[1]     ? 
_reflns.pdbx_aniso_B_tensor_eigenvector_1_ortho[2]     ? 
_reflns.pdbx_aniso_B_tensor_eigenvector_1_ortho[3]     ? 
_reflns.pdbx_aniso_B_tensor_eigenvector_2_ortho[1]     ? 
_reflns.pdbx_aniso_B_tensor_eigenvector_2_ortho[2]     ? 
_reflns.pdbx_aniso_B_tensor_eigenvector_2_ortho[3]     ? 
_reflns.pdbx_aniso_B_tensor_eigenvector_3_ortho[1]     ? 
_reflns.pdbx_aniso_B_tensor_eigenvector_3_ortho[2]     ? 
_reflns.pdbx_aniso_B_tensor_eigenvector_3_ortho[3]     ? 
_reflns.pdbx_aniso_B_tensor_eigenvalue_1               ? 
_reflns.pdbx_aniso_B_tensor_eigenvalue_2               ? 
_reflns.pdbx_aniso_B_tensor_eigenvalue_3               ? 
_reflns.pdbx_orthogonalization_convention              ? 
_reflns.pdbx_percent_possible_ellipsoidal              ? 
_reflns.pdbx_percent_possible_spherical                ? 
_reflns.pdbx_percent_possible_ellipsoidal_anomalous    ? 
_reflns.pdbx_percent_possible_spherical_anomalous      ? 
_reflns.pdbx_redundancy_anomalous                      ? 
_reflns.pdbx_CC_half_anomalous                         ? 
_reflns.pdbx_absDiff_over_sigma_anomalous              ? 
_reflns.pdbx_percent_possible_anomalous                ? 
_reflns.pdbx_observed_signal_threshold                 ? 
_reflns.pdbx_signal_type                               ? 
_reflns.pdbx_signal_details                            ? 
_reflns.pdbx_signal_software_id                        ? 
_reflns.pdbx_CC_split_method                           ? 
# 
_reflns_shell.d_res_high                                    1.47 
_reflns_shell.d_res_low                                     1.50 
_reflns_shell.meanI_over_sigI_all                           ? 
_reflns_shell.meanI_over_sigI_obs                           ? 
_reflns_shell.number_measured_all                           21850 
_reflns_shell.number_measured_obs                           ? 
_reflns_shell.number_possible                               ? 
_reflns_shell.number_unique_all                             ? 
_reflns_shell.number_unique_obs                             908 
_reflns_shell.percent_possible_all                          ? 
_reflns_shell.percent_possible_obs                          100.0 
_reflns_shell.Rmerge_F_all                                  ? 
_reflns_shell.Rmerge_F_obs                                  ? 
_reflns_shell.Rmerge_I_all                                  ? 
_reflns_shell.Rmerge_I_obs                                  0.788 
_reflns_shell.meanI_over_sigI_gt                            ? 
_reflns_shell.meanI_over_uI_all                             ? 
_reflns_shell.meanI_over_uI_gt                              ? 
_reflns_shell.number_measured_gt                            ? 
_reflns_shell.number_unique_gt                              ? 
_reflns_shell.percent_possible_gt                           ? 
_reflns_shell.Rmerge_F_gt                                   ? 
_reflns_shell.Rmerge_I_gt                                   ? 
_reflns_shell.pdbx_redundancy                               24.1 
_reflns_shell.pdbx_Rsym_value                               ? 
_reflns_shell.pdbx_chi_squared                              1.00 
_reflns_shell.pdbx_netI_over_sigmaI_all                     ? 
_reflns_shell.pdbx_netI_over_sigmaI_obs                     4.7 
_reflns_shell.pdbx_Rrim_I_all                               0.805 
_reflns_shell.pdbx_Rpim_I_all                               0.163 
_reflns_shell.pdbx_rejects                                  ? 
_reflns_shell.pdbx_ordinal                                  1 
_reflns_shell.pdbx_diffrn_id                                1 
_reflns_shell.pdbx_CC_half                                  0.942 
_reflns_shell.pdbx_CC_star                                  ? 
_reflns_shell.pdbx_R_split                                  ? 
_reflns_shell.pdbx_percent_possible_ellipsoidal             ? 
_reflns_shell.pdbx_percent_possible_spherical               ? 
_reflns_shell.pdbx_percent_possible_ellipsoidal_anomalous   ? 
_reflns_shell.pdbx_percent_possible_spherical_anomalous     ? 
_reflns_shell.pdbx_redundancy_anomalous                     ? 
_reflns_shell.pdbx_CC_half_anomalous                        ? 
_reflns_shell.pdbx_absDiff_over_sigma_anomalous             ? 
_reflns_shell.pdbx_percent_possible_anomalous               ? 
# 
_refine.aniso_B[1][1]                            ? 
_refine.aniso_B[1][2]                            ? 
_refine.aniso_B[1][3]                            ? 
_refine.aniso_B[2][2]                            ? 
_refine.aniso_B[2][3]                            ? 
_refine.aniso_B[3][3]                            ? 
_refine.B_iso_max                                ? 
_refine.B_iso_mean                               ? 
_refine.B_iso_min                                ? 
_refine.correlation_coeff_Fo_to_Fc               ? 
_refine.correlation_coeff_Fo_to_Fc_free          ? 
_refine.details                                  ? 
_refine.diff_density_max                         ? 
_refine.diff_density_max_esd                     ? 
_refine.diff_density_min                         ? 
_refine.diff_density_min_esd                     ? 
_refine.diff_density_rms                         ? 
_refine.diff_density_rms_esd                     ? 
_refine.entry_id                                 8BQT 
_refine.pdbx_refine_id                           'X-RAY DIFFRACTION' 
_refine.ls_abs_structure_details                 ? 
_refine.ls_abs_structure_Flack                   ? 
_refine.ls_abs_structure_Flack_esd               ? 
_refine.ls_abs_structure_Rogers                  ? 
_refine.ls_abs_structure_Rogers_esd              ? 
_refine.ls_d_res_high                            1.47 
_refine.ls_d_res_low                             37.97 
_refine.ls_extinction_coef                       ? 
_refine.ls_extinction_coef_esd                   ? 
_refine.ls_extinction_expression                 ? 
_refine.ls_extinction_method                     ? 
_refine.ls_goodness_of_fit_all                   ? 
_refine.ls_goodness_of_fit_all_esd               ? 
_refine.ls_goodness_of_fit_obs                   ? 
_refine.ls_goodness_of_fit_obs_esd               ? 
_refine.ls_hydrogen_treatment                    ? 
_refine.ls_matrix_type                           ? 
_refine.ls_number_constraints                    ? 
_refine.ls_number_parameters                     ? 
_refine.ls_number_reflns_all                     ? 
_refine.ls_number_reflns_obs                     18885 
_refine.ls_number_reflns_R_free                  3521 
_refine.ls_number_reflns_R_work                  ? 
_refine.ls_number_restraints                     ? 
_refine.ls_percent_reflns_obs                    99.98 
_refine.ls_percent_reflns_R_free                 10.08 
_refine.ls_R_factor_all                          ? 
_refine.ls_R_factor_obs                          0.1745 
_refine.ls_R_factor_R_free                       0.2021 
_refine.ls_R_factor_R_free_error                 ? 
_refine.ls_R_factor_R_free_error_details         ? 
_refine.ls_R_factor_R_work                       0.1714 
_refine.ls_R_Fsqd_factor_obs                     ? 
_refine.ls_R_I_factor_obs                        ? 
_refine.ls_redundancy_reflns_all                 ? 
_refine.ls_redundancy_reflns_obs                 ? 
_refine.ls_restrained_S_all                      ? 
_refine.ls_restrained_S_obs                      ? 
_refine.ls_shift_over_esd_max                    ? 
_refine.ls_shift_over_esd_mean                   ? 
_refine.ls_structure_factor_coef                 ? 
_refine.ls_weighting_details                     ? 
_refine.ls_weighting_scheme                      ? 
_refine.ls_wR_factor_all                         ? 
_refine.ls_wR_factor_obs                         ? 
_refine.ls_wR_factor_R_free                      ? 
_refine.ls_wR_factor_R_work                      ? 
_refine.occupancy_max                            ? 
_refine.occupancy_min                            ? 
_refine.solvent_model_details                    'FLAT BULK SOLVENT MODEL' 
_refine.solvent_model_param_bsol                 ? 
_refine.solvent_model_param_ksol                 ? 
_refine.pdbx_R_complete                          ? 
_refine.ls_R_factor_gt                           ? 
_refine.ls_goodness_of_fit_gt                    ? 
_refine.ls_goodness_of_fit_ref                   ? 
_refine.ls_shift_over_su_max                     ? 
_refine.ls_shift_over_su_max_lt                  ? 
_refine.ls_shift_over_su_mean                    ? 
_refine.ls_shift_over_su_mean_lt                 ? 
_refine.pdbx_ls_sigma_I                          ? 
_refine.pdbx_ls_sigma_F                          1.34 
_refine.pdbx_ls_sigma_Fsqd                       ? 
_refine.pdbx_data_cutoff_high_absF               ? 
_refine.pdbx_data_cutoff_high_rms_absF           ? 
_refine.pdbx_data_cutoff_low_absF                ? 
_refine.pdbx_isotropic_thermal_model             ? 
_refine.pdbx_ls_cross_valid_method               'FREE R-VALUE' 
_refine.pdbx_method_to_determine_struct          'MOLECULAR REPLACEMENT' 
_refine.pdbx_starting_model                      1LYZ 
_refine.pdbx_stereochemistry_target_values       ML 
_refine.pdbx_R_Free_selection_details            ? 
_refine.pdbx_stereochem_target_val_spec_case     ? 
_refine.pdbx_overall_ESU_R                       ? 
_refine.pdbx_overall_ESU_R_Free                  ? 
_refine.pdbx_solvent_vdw_probe_radii             1.10 
_refine.pdbx_solvent_ion_probe_radii             ? 
_refine.pdbx_solvent_shrinkage_radii             0.90 
_refine.pdbx_real_space_R                        ? 
_refine.pdbx_density_correlation                 ? 
_refine.pdbx_pd_number_of_powder_patterns        ? 
_refine.pdbx_pd_number_of_points                 ? 
_refine.pdbx_pd_meas_number_of_points            ? 
_refine.pdbx_pd_proc_ls_prof_R_factor            ? 
_refine.pdbx_pd_proc_ls_prof_wR_factor           ? 
_refine.pdbx_pd_Marquardt_correlation_coeff      ? 
_refine.pdbx_pd_Fsqrd_R_factor                   ? 
_refine.pdbx_pd_ls_matrix_band_width             ? 
_refine.pdbx_overall_phase_error                 20.17 
_refine.pdbx_overall_SU_R_free_Cruickshank_DPI   ? 
_refine.pdbx_overall_SU_R_free_Blow_DPI          ? 
_refine.pdbx_overall_SU_R_Blow_DPI               ? 
_refine.pdbx_TLS_residual_ADP_flag               ? 
_refine.pdbx_diffrn_id                           1 
_refine.overall_SU_B                             ? 
_refine.overall_SU_ML                            0.11 
_refine.overall_SU_R_Cruickshank_DPI             ? 
_refine.overall_SU_R_free                        ? 
_refine.overall_FOM_free_R_set                   ? 
_refine.overall_FOM_work_R_set                   ? 
_refine.pdbx_average_fsc_overall                 ? 
_refine.pdbx_average_fsc_work                    ? 
_refine.pdbx_average_fsc_free                    ? 
# 
_refine_hist.pdbx_refine_id                   'X-RAY DIFFRACTION' 
_refine_hist.cycle_id                         LAST 
_refine_hist.details                          ? 
_refine_hist.d_res_high                       1.47 
_refine_hist.d_res_low                        37.97 
_refine_hist.number_atoms_solvent             82 
_refine_hist.number_atoms_total               1162 
_refine_hist.number_reflns_all                ? 
_refine_hist.number_reflns_obs                ? 
_refine_hist.number_reflns_R_free             ? 
_refine_hist.number_reflns_R_work             ? 
_refine_hist.R_factor_all                     ? 
_refine_hist.R_factor_obs                     ? 
_refine_hist.R_factor_R_free                  ? 
_refine_hist.R_factor_R_work                  ? 
_refine_hist.pdbx_number_residues_total       ? 
_refine_hist.pdbx_B_iso_mean_ligand           ? 
_refine_hist.pdbx_B_iso_mean_solvent          ? 
_refine_hist.pdbx_number_atoms_protein        995 
_refine_hist.pdbx_number_atoms_nucleic_acid   0 
_refine_hist.pdbx_number_atoms_ligand         85 
_refine_hist.pdbx_number_atoms_lipid          ? 
_refine_hist.pdbx_number_atoms_carb           ? 
_refine_hist.pdbx_pseudo_atom_details         ? 
# 
loop_
_refine_ls_restr.pdbx_refine_id 
_refine_ls_restr.criterion 
_refine_ls_restr.dev_ideal 
_refine_ls_restr.dev_ideal_target 
_refine_ls_restr.number 
_refine_ls_restr.rejects 
_refine_ls_restr.type 
_refine_ls_restr.weight 
_refine_ls_restr.pdbx_restraint_function 
'X-RAY DIFFRACTION' ? 0.011 ? ? ? f_bond_d           ? ? 
'X-RAY DIFFRACTION' ? 1.469 ? ? ? f_angle_d          ? ? 
'X-RAY DIFFRACTION' ? 5.954 ? ? ? f_dihedral_angle_d ? ? 
'X-RAY DIFFRACTION' ? 0.108 ? ? ? f_chiral_restr     ? ? 
'X-RAY DIFFRACTION' ? 0.015 ? ? ? f_plane_restr      ? ? 
# 
_refine_ls_shell.pdbx_refine_id                   'X-RAY DIFFRACTION' 
_refine_ls_shell.d_res_high                       1.47 
_refine_ls_shell.d_res_low                        1.49 
_refine_ls_shell.number_reflns_all                ? 
_refine_ls_shell.number_reflns_obs                ? 
_refine_ls_shell.number_reflns_R_free             141 
_refine_ls_shell.number_reflns_R_work             1264 
_refine_ls_shell.percent_reflns_obs               100.00 
_refine_ls_shell.percent_reflns_R_free            ? 
_refine_ls_shell.R_factor_all                     ? 
_refine_ls_shell.R_factor_obs                     ? 
_refine_ls_shell.R_factor_R_free                  0.2348 
_refine_ls_shell.R_factor_R_free_error            ? 
_refine_ls_shell.R_factor_R_work                  0.2164 
_refine_ls_shell.redundancy_reflns_all            ? 
_refine_ls_shell.redundancy_reflns_obs            ? 
_refine_ls_shell.wR_factor_all                    ? 
_refine_ls_shell.wR_factor_obs                    ? 
_refine_ls_shell.wR_factor_R_free                 ? 
_refine_ls_shell.wR_factor_R_work                 ? 
_refine_ls_shell.pdbx_R_complete                  ? 
_refine_ls_shell.pdbx_total_number_of_bins_used   ? 
_refine_ls_shell.pdbx_phase_error                 ? 
_refine_ls_shell.pdbx_fsc_work                    ? 
_refine_ls_shell.pdbx_fsc_free                    ? 
# 
_struct.entry_id                     8BQT 
_struct.title                        
'Hen Egg-White Lysozyme (HEWL) complexed with two methyl-functionalised Anderson-Evans polyoxometalates' 
_struct.pdbx_model_details           ? 
_struct.pdbx_formula_weight          ? 
_struct.pdbx_formula_weight_method   ? 
_struct.pdbx_model_type_details      ? 
_struct.pdbx_CASP_flag               N 
# 
_struct_keywords.entry_id        8BQT 
_struct_keywords.text            'interactions, polyoxometalate, Anderson-Evans, HYDROLASE' 
_struct_keywords.pdbx_keywords   HYDROLASE 
# 
loop_
_struct_asym.id 
_struct_asym.pdbx_blank_PDB_chainid_flag 
_struct_asym.pdbx_modified 
_struct_asym.entity_id 
_struct_asym.details 
A N N 1 ? 
B N N 2 ? 
C N N 2 ? 
D N N 3 ? 
E N N 3 ? 
F N N 3 ? 
G N N 4 ? 
# 
_struct_ref.id                         1 
_struct_ref.db_name                    UNP 
_struct_ref.db_code                    LYSC_CHICK 
_struct_ref.pdbx_db_accession          P00698 
_struct_ref.pdbx_db_isoform            ? 
_struct_ref.entity_id                  1 
_struct_ref.pdbx_seq_one_letter_code   
;KVFGRCELAAAMKRHGLDNYRGYSLGNWVCAAKFESNFNTQATNRNTDGSTDYGILQINSRWWCNDGRTPGSRNLCNIPC
SALLSSDITASVNCAKKIVSDGNGMNAWVAWRNRCKGTDVQAWIRGCRL
;
_struct_ref.pdbx_align_begin           19 
# 
_struct_ref_seq.align_id                      1 
_struct_ref_seq.ref_id                        1 
_struct_ref_seq.pdbx_PDB_id_code              8BQT 
_struct_ref_seq.pdbx_strand_id                A 
_struct_ref_seq.seq_align_beg                 1 
_struct_ref_seq.pdbx_seq_align_beg_ins_code   ? 
_struct_ref_seq.seq_align_end                 129 
_struct_ref_seq.pdbx_seq_align_end_ins_code   ? 
_struct_ref_seq.pdbx_db_accession             P00698 
_struct_ref_seq.db_align_beg                  19 
_struct_ref_seq.pdbx_db_align_beg_ins_code    ? 
_struct_ref_seq.db_align_end                  147 
_struct_ref_seq.pdbx_db_align_end_ins_code    ? 
_struct_ref_seq.pdbx_auth_seq_align_beg       1 
_struct_ref_seq.pdbx_auth_seq_align_end       129 
# 
_pdbx_struct_assembly.id                   1 
_pdbx_struct_assembly.details              author_defined_assembly 
_pdbx_struct_assembly.method_details       ? 
_pdbx_struct_assembly.oligomeric_details   monomeric 
_pdbx_struct_assembly.oligomeric_count     1 
# 
_pdbx_struct_assembly_gen.assembly_id       1 
_pdbx_struct_assembly_gen.oper_expression   1 
_pdbx_struct_assembly_gen.asym_id_list      A,B,C,D,E,F,G 
# 
_pdbx_struct_assembly_auth_evidence.id                     1 
_pdbx_struct_assembly_auth_evidence.assembly_id            1 
_pdbx_struct_assembly_auth_evidence.experimental_support   none 
_pdbx_struct_assembly_auth_evidence.details                ? 
# 
_pdbx_struct_oper_list.id                   1 
_pdbx_struct_oper_list.type                 'identity operation' 
_pdbx_struct_oper_list.name                 1_555 
_pdbx_struct_oper_list.symmetry_operation   x,y,z 
_pdbx_struct_oper_list.matrix[1][1]         1.0000000000 
_pdbx_struct_oper_list.matrix[1][2]         0.0000000000 
_pdbx_struct_oper_list.matrix[1][3]         0.0000000000 
_pdbx_struct_oper_list.vector[1]            0.0000000000 
_pdbx_struct_oper_list.matrix[2][1]         0.0000000000 
_pdbx_struct_oper_list.matrix[2][2]         1.0000000000 
_pdbx_struct_oper_list.matrix[2][3]         0.0000000000 
_pdbx_struct_oper_list.vector[2]            0.0000000000 
_pdbx_struct_oper_list.matrix[3][1]         0.0000000000 
_pdbx_struct_oper_list.matrix[3][2]         0.0000000000 
_pdbx_struct_oper_list.matrix[3][3]         1.0000000000 
_pdbx_struct_oper_list.vector[3]            0.0000000000 
# 
loop_
_struct_conf.conf_type_id 
_struct_conf.id 
_struct_conf.pdbx_PDB_helix_id 
_struct_conf.beg_label_comp_id 
_struct_conf.beg_label_asym_id 
_struct_conf.beg_label_seq_id 
_struct_conf.pdbx_beg_PDB_ins_code 
_struct_conf.end_label_comp_id 
_struct_conf.end_label_asym_id 
_struct_conf.end_label_seq_id 
_struct_conf.pdbx_end_PDB_ins_code 
_struct_conf.beg_auth_comp_id 
_struct_conf.beg_auth_asym_id 
_struct_conf.beg_auth_seq_id 
_struct_conf.end_auth_comp_id 
_struct_conf.end_auth_asym_id 
_struct_conf.end_auth_seq_id 
_struct_conf.pdbx_PDB_helix_class 
_struct_conf.details 
_struct_conf.pdbx_PDB_helix_length 
HELX_P HELX_P1 AA1 GLY A 4   ? HIS A 15  ? GLY A 4   HIS A 15  1 ? 12 
HELX_P HELX_P2 AA2 ASN A 19  ? TYR A 23  ? ASN A 19  TYR A 23  5 ? 5  
HELX_P HELX_P3 AA3 SER A 24  ? ASN A 37  ? SER A 24  ASN A 37  1 ? 14 
HELX_P HELX_P4 AA4 PRO A 79  ? SER A 85  ? PRO A 79  SER A 85  5 ? 7  
HELX_P HELX_P5 AA5 ILE A 88  ? SER A 100 ? ILE A 88  SER A 100 1 ? 13 
HELX_P HELX_P6 AA6 ASN A 103 ? ALA A 107 ? ASN A 103 ALA A 107 5 ? 5  
HELX_P HELX_P7 AA7 TRP A 108 ? CYS A 115 ? TRP A 108 CYS A 115 1 ? 8  
HELX_P HELX_P8 AA8 ASP A 119 ? ARG A 125 ? ASP A 119 ARG A 125 5 ? 7  
# 
_struct_conf_type.id          HELX_P 
_struct_conf_type.criteria    ? 
_struct_conf_type.reference   ? 
# 
loop_
_struct_conn.id 
_struct_conn.conn_type_id 
_struct_conn.pdbx_leaving_atom_flag 
_struct_conn.pdbx_PDB_id 
_struct_conn.ptnr1_label_asym_id 
_struct_conn.ptnr1_label_comp_id 
_struct_conn.ptnr1_label_seq_id 
_struct_conn.ptnr1_label_atom_id 
_struct_conn.pdbx_ptnr1_label_alt_id 
_struct_conn.pdbx_ptnr1_PDB_ins_code 
_struct_conn.pdbx_ptnr1_standard_comp_id 
_struct_conn.ptnr1_symmetry 
_struct_conn.ptnr2_label_asym_id 
_struct_conn.ptnr2_label_comp_id 
_struct_conn.ptnr2_label_seq_id 
_struct_conn.ptnr2_label_atom_id 
_struct_conn.pdbx_ptnr2_label_alt_id 
_struct_conn.pdbx_ptnr2_PDB_ins_code 
_struct_conn.ptnr1_auth_asym_id 
_struct_conn.ptnr1_auth_comp_id 
_struct_conn.ptnr1_auth_seq_id 
_struct_conn.ptnr2_auth_asym_id 
_struct_conn.ptnr2_auth_comp_id 
_struct_conn.ptnr2_auth_seq_id 
_struct_conn.ptnr2_symmetry 
_struct_conn.pdbx_ptnr3_label_atom_id 
_struct_conn.pdbx_ptnr3_label_seq_id 
_struct_conn.pdbx_ptnr3_label_comp_id 
_struct_conn.pdbx_ptnr3_label_asym_id 
_struct_conn.pdbx_ptnr3_label_alt_id 
_struct_conn.pdbx_ptnr3_PDB_ins_code 
_struct_conn.details 
_struct_conn.pdbx_dist_value 
_struct_conn.pdbx_value_order 
_struct_conn.pdbx_role 
disulf1 disulf ? ? A CYS 6  SG ? ? ? 1_555 A CYS 127 SG ? ? A CYS 6  A CYS 127 1_555 ? ? ? ? ? ? ? 1.999 ? ? 
disulf2 disulf ? ? A CYS 30 SG ? ? ? 1_555 A CYS 115 SG ? ? A CYS 30 A CYS 115 1_555 ? ? ? ? ? ? ? 2.049 ? ? 
disulf3 disulf ? ? A CYS 64 SG ? ? ? 1_555 A CYS 80  SG ? ? A CYS 64 A CYS 80  1_555 ? ? ? ? ? ? ? 2.031 ? ? 
disulf4 disulf ? ? A CYS 76 SG ? ? ? 1_555 A CYS 94  SG ? ? A CYS 76 A CYS 94  1_555 ? ? ? ? ? ? ? 2.030 ? ? 
# 
_struct_conn_type.id          disulf 
_struct_conn_type.criteria    ? 
_struct_conn_type.reference   ? 
# 
loop_
_pdbx_modification_feature.ordinal 
_pdbx_modification_feature.label_comp_id 
_pdbx_modification_feature.label_asym_id 
_pdbx_modification_feature.label_seq_id 
_pdbx_modification_feature.label_alt_id 
_pdbx_modification_feature.modified_residue_label_comp_id 
_pdbx_modification_feature.modified_residue_label_asym_id 
_pdbx_modification_feature.modified_residue_label_seq_id 
_pdbx_modification_feature.modified_residue_label_alt_id 
_pdbx_modification_feature.auth_comp_id 
_pdbx_modification_feature.auth_asym_id 
_pdbx_modification_feature.auth_seq_id 
_pdbx_modification_feature.PDB_ins_code 
_pdbx_modification_feature.symmetry 
_pdbx_modification_feature.modified_residue_auth_comp_id 
_pdbx_modification_feature.modified_residue_auth_asym_id 
_pdbx_modification_feature.modified_residue_auth_seq_id 
_pdbx_modification_feature.modified_residue_PDB_ins_code 
_pdbx_modification_feature.modified_residue_symmetry 
_pdbx_modification_feature.comp_id_linking_atom 
_pdbx_modification_feature.modified_residue_id_linking_atom 
_pdbx_modification_feature.modified_residue_id 
_pdbx_modification_feature.ref_pcm_id 
_pdbx_modification_feature.ref_comp_id 
_pdbx_modification_feature.type 
_pdbx_modification_feature.category 
1 CYS A 6  ? CYS A 127 ? CYS A 6  ? 1_555 CYS A 127 ? 1_555 SG SG . . . None 'Disulfide bridge' 
2 CYS A 30 ? CYS A 115 ? CYS A 30 ? 1_555 CYS A 115 ? 1_555 SG SG . . . None 'Disulfide bridge' 
3 CYS A 64 ? CYS A 80  ? CYS A 64 ? 1_555 CYS A 80  ? 1_555 SG SG . . . None 'Disulfide bridge' 
4 CYS A 76 ? CYS A 94  ? CYS A 76 ? 1_555 CYS A 94  ? 1_555 SG SG . . . None 'Disulfide bridge' 
# 
_struct_sheet.id               AA1 
_struct_sheet.type             ? 
_struct_sheet.number_strands   3 
_struct_sheet.details          ? 
# 
loop_
_struct_sheet_order.sheet_id 
_struct_sheet_order.range_id_1 
_struct_sheet_order.range_id_2 
_struct_sheet_order.offset 
_struct_sheet_order.sense 
AA1 1 2 ? anti-parallel 
AA1 2 3 ? anti-parallel 
# 
loop_
_struct_sheet_range.sheet_id 
_struct_sheet_range.id 
_struct_sheet_range.beg_label_comp_id 
_struct_sheet_range.beg_label_asym_id 
_struct_sheet_range.beg_label_seq_id 
_struct_sheet_range.pdbx_beg_PDB_ins_code 
_struct_sheet_range.end_label_comp_id 
_struct_sheet_range.end_label_asym_id 
_struct_sheet_range.end_label_seq_id 
_struct_sheet_range.pdbx_end_PDB_ins_code 
_struct_sheet_range.beg_auth_comp_id 
_struct_sheet_range.beg_auth_asym_id 
_struct_sheet_range.beg_auth_seq_id 
_struct_sheet_range.end_auth_comp_id 
_struct_sheet_range.end_auth_asym_id 
_struct_sheet_range.end_auth_seq_id 
AA1 1 THR A 43 ? ARG A 45 ? THR A 43 ARG A 45 
AA1 2 THR A 51 ? TYR A 53 ? THR A 51 TYR A 53 
AA1 3 ILE A 58 ? ASN A 59 ? ILE A 58 ASN A 59 
# 
loop_
_pdbx_struct_sheet_hbond.sheet_id 
_pdbx_struct_sheet_hbond.range_id_1 
_pdbx_struct_sheet_hbond.range_id_2 
_pdbx_struct_sheet_hbond.range_1_label_atom_id 
_pdbx_struct_sheet_hbond.range_1_label_comp_id 
_pdbx_struct_sheet_hbond.range_1_label_asym_id 
_pdbx_struct_sheet_hbond.range_1_label_seq_id 
_pdbx_struct_sheet_hbond.range_1_PDB_ins_code 
_pdbx_struct_sheet_hbond.range_1_auth_atom_id 
_pdbx_struct_sheet_hbond.range_1_auth_comp_id 
_pdbx_struct_sheet_hbond.range_1_auth_asym_id 
_pdbx_struct_sheet_hbond.range_1_auth_seq_id 
_pdbx_struct_sheet_hbond.range_2_label_atom_id 
_pdbx_struct_sheet_hbond.range_2_label_comp_id 
_pdbx_struct_sheet_hbond.range_2_label_asym_id 
_pdbx_struct_sheet_hbond.range_2_label_seq_id 
_pdbx_struct_sheet_hbond.range_2_PDB_ins_code 
_pdbx_struct_sheet_hbond.range_2_auth_atom_id 
_pdbx_struct_sheet_hbond.range_2_auth_comp_id 
_pdbx_struct_sheet_hbond.range_2_auth_asym_id 
_pdbx_struct_sheet_hbond.range_2_auth_seq_id 
AA1 1 2 N ASN A 44 ? N ASN A 44 O ASP A 52 ? O ASP A 52 
AA1 2 3 N TYR A 53 ? N TYR A 53 O ILE A 58 ? O ILE A 58 
# 
_pdbx_entry_details.entry_id                   8BQT 
_pdbx_entry_details.has_ligand_of_interest     Y 
_pdbx_entry_details.compound_details           ? 
_pdbx_entry_details.source_details             ? 
_pdbx_entry_details.nonpolymer_details         ? 
_pdbx_entry_details.sequence_details           ? 
_pdbx_entry_details.has_protein_modification   Y 
# 
_pdbx_validate_close_contact.id               1 
_pdbx_validate_close_contact.PDB_model_num    1 
_pdbx_validate_close_contact.auth_atom_id_1   O 
_pdbx_validate_close_contact.auth_asym_id_1   A 
_pdbx_validate_close_contact.auth_comp_id_1   HOH 
_pdbx_validate_close_contact.auth_seq_id_1    361 
_pdbx_validate_close_contact.PDB_ins_code_1   ? 
_pdbx_validate_close_contact.label_alt_id_1   ? 
_pdbx_validate_close_contact.auth_atom_id_2   O 
_pdbx_validate_close_contact.auth_asym_id_2   A 
_pdbx_validate_close_contact.auth_comp_id_2   HOH 
_pdbx_validate_close_contact.auth_seq_id_2    376 
_pdbx_validate_close_contact.PDB_ins_code_2   ? 
_pdbx_validate_close_contact.label_alt_id_2   ? 
_pdbx_validate_close_contact.dist             2.15 
# 
_pdbx_validate_symm_contact.id                1 
_pdbx_validate_symm_contact.PDB_model_num     1 
_pdbx_validate_symm_contact.auth_atom_id_1    O 
_pdbx_validate_symm_contact.auth_asym_id_1    A 
_pdbx_validate_symm_contact.auth_comp_id_1    HOH 
_pdbx_validate_symm_contact.auth_seq_id_1     378 
_pdbx_validate_symm_contact.PDB_ins_code_1    ? 
_pdbx_validate_symm_contact.label_alt_id_1    ? 
_pdbx_validate_symm_contact.site_symmetry_1   1_555 
_pdbx_validate_symm_contact.auth_atom_id_2    O 
_pdbx_validate_symm_contact.auth_asym_id_2    A 
_pdbx_validate_symm_contact.auth_comp_id_2    HOH 
_pdbx_validate_symm_contact.auth_seq_id_2     381 
_pdbx_validate_symm_contact.PDB_ins_code_2    ? 
_pdbx_validate_symm_contact.label_alt_id_2    ? 
_pdbx_validate_symm_contact.site_symmetry_2   2_554 
_pdbx_validate_symm_contact.dist              2.08 
# 
_pdbx_validate_torsion.id              1 
_pdbx_validate_torsion.PDB_model_num   1 
_pdbx_validate_torsion.auth_comp_id    ASP 
_pdbx_validate_torsion.auth_asym_id    A 
_pdbx_validate_torsion.auth_seq_id     48 
_pdbx_validate_torsion.PDB_ins_code    ? 
_pdbx_validate_torsion.label_alt_id    ? 
_pdbx_validate_torsion.phi             -69.46 
_pdbx_validate_torsion.psi             5.04 
# 
_pdbx_validate_planes.id              1 
_pdbx_validate_planes.PDB_model_num   1 
_pdbx_validate_planes.auth_comp_id    GLN 
_pdbx_validate_planes.auth_asym_id    A 
_pdbx_validate_planes.auth_seq_id     121 
_pdbx_validate_planes.PDB_ins_code    ? 
_pdbx_validate_planes.label_alt_id    A 
_pdbx_validate_planes.rmsd            0.080 
_pdbx_validate_planes.type            'SIDE CHAIN' 
# 
loop_
_pdbx_struct_special_symmetry.id 
_pdbx_struct_special_symmetry.PDB_model_num 
_pdbx_struct_special_symmetry.auth_asym_id 
_pdbx_struct_special_symmetry.auth_comp_id 
_pdbx_struct_special_symmetry.auth_seq_id 
_pdbx_struct_special_symmetry.PDB_ins_code 
_pdbx_struct_special_symmetry.label_asym_id 
_pdbx_struct_special_symmetry.label_comp_id 
_pdbx_struct_special_symmetry.label_seq_id 
1 1 A CL  205 ? F CL  . 
2 1 A HOH 326 ? G HOH . 
3 1 A HOH 365 ? G HOH . 
4 1 A HOH 371 ? G HOH . 
# 
loop_
_pdbx_distant_solvent_atoms.id 
_pdbx_distant_solvent_atoms.PDB_model_num 
_pdbx_distant_solvent_atoms.auth_atom_id 
_pdbx_distant_solvent_atoms.label_alt_id 
_pdbx_distant_solvent_atoms.auth_asym_id 
_pdbx_distant_solvent_atoms.auth_comp_id 
_pdbx_distant_solvent_atoms.auth_seq_id 
_pdbx_distant_solvent_atoms.PDB_ins_code 
_pdbx_distant_solvent_atoms.neighbor_macromolecule_distance 
_pdbx_distant_solvent_atoms.neighbor_ligand_distance 
1 1 O ? A HOH 380 ? 5.96 . 
2 1 O ? A HOH 381 ? 6.01 . 
3 1 O ? A HOH 382 ? 6.55 . 
# 
loop_
_chem_comp_atom.comp_id 
_chem_comp_atom.atom_id 
_chem_comp_atom.type_symbol 
_chem_comp_atom.pdbx_aromatic_flag 
_chem_comp_atom.pdbx_stereo_config 
_chem_comp_atom.pdbx_ordinal 
ALA N    N  N N 1   
ALA CA   C  N S 2   
ALA C    C  N N 3   
ALA O    O  N N 4   
ALA CB   C  N N 5   
ALA OXT  O  N N 6   
ALA H    H  N N 7   
ALA H2   H  N N 8   
ALA HA   H  N N 9   
ALA HB1  H  N N 10  
ALA HB2  H  N N 11  
ALA HB3  H  N N 12  
ALA HXT  H  N N 13  
ARG N    N  N N 14  
ARG CA   C  N S 15  
ARG C    C  N N 16  
ARG O    O  N N 17  
ARG CB   C  N N 18  
ARG CG   C  N N 19  
ARG CD   C  N N 20  
ARG NE   N  N N 21  
ARG CZ   C  N N 22  
ARG NH1  N  N N 23  
ARG NH2  N  N N 24  
ARG OXT  O  N N 25  
ARG H    H  N N 26  
ARG H2   H  N N 27  
ARG HA   H  N N 28  
ARG HB2  H  N N 29  
ARG HB3  H  N N 30  
ARG HG2  H  N N 31  
ARG HG3  H  N N 32  
ARG HD2  H  N N 33  
ARG HD3  H  N N 34  
ARG HE   H  N N 35  
ARG HH11 H  N N 36  
ARG HH12 H  N N 37  
ARG HH21 H  N N 38  
ARG HH22 H  N N 39  
ARG HXT  H  N N 40  
ASN N    N  N N 41  
ASN CA   C  N S 42  
ASN C    C  N N 43  
ASN O    O  N N 44  
ASN CB   C  N N 45  
ASN CG   C  N N 46  
ASN OD1  O  N N 47  
ASN ND2  N  N N 48  
ASN OXT  O  N N 49  
ASN H    H  N N 50  
ASN H2   H  N N 51  
ASN HA   H  N N 52  
ASN HB2  H  N N 53  
ASN HB3  H  N N 54  
ASN HD21 H  N N 55  
ASN HD22 H  N N 56  
ASN HXT  H  N N 57  
ASP N    N  N N 58  
ASP CA   C  N S 59  
ASP C    C  N N 60  
ASP O    O  N N 61  
ASP CB   C  N N 62  
ASP CG   C  N N 63  
ASP OD1  O  N N 64  
ASP OD2  O  N N 65  
ASP OXT  O  N N 66  
ASP H    H  N N 67  
ASP H2   H  N N 68  
ASP HA   H  N N 69  
ASP HB2  H  N N 70  
ASP HB3  H  N N 71  
ASP HD2  H  N N 72  
ASP HXT  H  N N 73  
CL  CL   CL N N 74  
CYS N    N  N N 75  
CYS CA   C  N R 76  
CYS C    C  N N 77  
CYS O    O  N N 78  
CYS CB   C  N N 79  
CYS SG   S  N N 80  
CYS OXT  O  N N 81  
CYS H    H  N N 82  
CYS H2   H  N N 83  
CYS HA   H  N N 84  
CYS HB2  H  N N 85  
CYS HB3  H  N N 86  
CYS HG   H  N N 87  
CYS HXT  H  N N 88  
GLN N    N  N N 89  
GLN CA   C  N S 90  
GLN C    C  N N 91  
GLN O    O  N N 92  
GLN CB   C  N N 93  
GLN CG   C  N N 94  
GLN CD   C  N N 95  
GLN OE1  O  N N 96  
GLN NE2  N  N N 97  
GLN OXT  O  N N 98  
GLN H    H  N N 99  
GLN H2   H  N N 100 
GLN HA   H  N N 101 
GLN HB2  H  N N 102 
GLN HB3  H  N N 103 
GLN HG2  H  N N 104 
GLN HG3  H  N N 105 
GLN HE21 H  N N 106 
GLN HE22 H  N N 107 
GLN HXT  H  N N 108 
GLU N    N  N N 109 
GLU CA   C  N S 110 
GLU C    C  N N 111 
GLU O    O  N N 112 
GLU CB   C  N N 113 
GLU CG   C  N N 114 
GLU CD   C  N N 115 
GLU OE1  O  N N 116 
GLU OE2  O  N N 117 
GLU OXT  O  N N 118 
GLU H    H  N N 119 
GLU H2   H  N N 120 
GLU HA   H  N N 121 
GLU HB2  H  N N 122 
GLU HB3  H  N N 123 
GLU HG2  H  N N 124 
GLU HG3  H  N N 125 
GLU HE2  H  N N 126 
GLU HXT  H  N N 127 
GLY N    N  N N 128 
GLY CA   C  N N 129 
GLY C    C  N N 130 
GLY O    O  N N 131 
GLY OXT  O  N N 132 
GLY H    H  N N 133 
GLY H2   H  N N 134 
GLY HA2  H  N N 135 
GLY HA3  H  N N 136 
GLY HXT  H  N N 137 
HIS N    N  N N 138 
HIS CA   C  N S 139 
HIS C    C  N N 140 
HIS O    O  N N 141 
HIS CB   C  N N 142 
HIS CG   C  Y N 143 
HIS ND1  N  Y N 144 
HIS CD2  C  Y N 145 
HIS CE1  C  Y N 146 
HIS NE2  N  Y N 147 
HIS OXT  O  N N 148 
HIS H    H  N N 149 
HIS H2   H  N N 150 
HIS HA   H  N N 151 
HIS HB2  H  N N 152 
HIS HB3  H  N N 153 
HIS HD1  H  N N 154 
HIS HD2  H  N N 155 
HIS HE1  H  N N 156 
HIS HE2  H  N N 157 
HIS HXT  H  N N 158 
HOH O    O  N N 159 
HOH H1   H  N N 160 
HOH H2   H  N N 161 
ILE N    N  N N 162 
ILE CA   C  N S 163 
ILE C    C  N N 164 
ILE O    O  N N 165 
ILE CB   C  N S 166 
ILE CG1  C  N N 167 
ILE CG2  C  N N 168 
ILE CD1  C  N N 169 
ILE OXT  O  N N 170 
ILE H    H  N N 171 
ILE H2   H  N N 172 
ILE HA   H  N N 173 
ILE HB   H  N N 174 
ILE HG12 H  N N 175 
ILE HG13 H  N N 176 
ILE HG21 H  N N 177 
ILE HG22 H  N N 178 
ILE HG23 H  N N 179 
ILE HD11 H  N N 180 
ILE HD12 H  N N 181 
ILE HD13 H  N N 182 
ILE HXT  H  N N 183 
LEU N    N  N N 184 
LEU CA   C  N S 185 
LEU C    C  N N 186 
LEU O    O  N N 187 
LEU CB   C  N N 188 
LEU CG   C  N N 189 
LEU CD1  C  N N 190 
LEU CD2  C  N N 191 
LEU OXT  O  N N 192 
LEU H    H  N N 193 
LEU H2   H  N N 194 
LEU HA   H  N N 195 
LEU HB2  H  N N 196 
LEU HB3  H  N N 197 
LEU HG   H  N N 198 
LEU HD11 H  N N 199 
LEU HD12 H  N N 200 
LEU HD13 H  N N 201 
LEU HD21 H  N N 202 
LEU HD22 H  N N 203 
LEU HD23 H  N N 204 
LEU HXT  H  N N 205 
LYS N    N  N N 206 
LYS CA   C  N S 207 
LYS C    C  N N 208 
LYS O    O  N N 209 
LYS CB   C  N N 210 
LYS CG   C  N N 211 
LYS CD   C  N N 212 
LYS CE   C  N N 213 
LYS NZ   N  N N 214 
LYS OXT  O  N N 215 
LYS H    H  N N 216 
LYS H2   H  N N 217 
LYS HA   H  N N 218 
LYS HB2  H  N N 219 
LYS HB3  H  N N 220 
LYS HG2  H  N N 221 
LYS HG3  H  N N 222 
LYS HD2  H  N N 223 
LYS HD3  H  N N 224 
LYS HE2  H  N N 225 
LYS HE3  H  N N 226 
LYS HZ1  H  N N 227 
LYS HZ2  H  N N 228 
LYS HZ3  H  N N 229 
LYS HXT  H  N N 230 
MET N    N  N N 231 
MET CA   C  N S 232 
MET C    C  N N 233 
MET O    O  N N 234 
MET CB   C  N N 235 
MET CG   C  N N 236 
MET SD   S  N N 237 
MET CE   C  N N 238 
MET OXT  O  N N 239 
MET H    H  N N 240 
MET H2   H  N N 241 
MET HA   H  N N 242 
MET HB2  H  N N 243 
MET HB3  H  N N 244 
MET HG2  H  N N 245 
MET HG3  H  N N 246 
MET HE1  H  N N 247 
MET HE2  H  N N 248 
MET HE3  H  N N 249 
MET HXT  H  N N 250 
PHE N    N  N N 251 
PHE CA   C  N S 252 
PHE C    C  N N 253 
PHE O    O  N N 254 
PHE CB   C  N N 255 
PHE CG   C  Y N 256 
PHE CD1  C  Y N 257 
PHE CD2  C  Y N 258 
PHE CE1  C  Y N 259 
PHE CE2  C  Y N 260 
PHE CZ   C  Y N 261 
PHE OXT  O  N N 262 
PHE H    H  N N 263 
PHE H2   H  N N 264 
PHE HA   H  N N 265 
PHE HB2  H  N N 266 
PHE HB3  H  N N 267 
PHE HD1  H  N N 268 
PHE HD2  H  N N 269 
PHE HE1  H  N N 270 
PHE HE2  H  N N 271 
PHE HZ   H  N N 272 
PHE HXT  H  N N 273 
PRO N    N  N N 274 
PRO CA   C  N S 275 
PRO C    C  N N 276 
PRO O    O  N N 277 
PRO CB   C  N N 278 
PRO CG   C  N N 279 
PRO CD   C  N N 280 
PRO OXT  O  N N 281 
PRO H    H  N N 282 
PRO HA   H  N N 283 
PRO HB2  H  N N 284 
PRO HB3  H  N N 285 
PRO HG2  H  N N 286 
PRO HG3  H  N N 287 
PRO HD2  H  N N 288 
PRO HD3  H  N N 289 
PRO HXT  H  N N 290 
SER N    N  N N 291 
SER CA   C  N S 292 
SER C    C  N N 293 
SER O    O  N N 294 
SER CB   C  N N 295 
SER OG   O  N N 296 
SER OXT  O  N N 297 
SER H    H  N N 298 
SER H2   H  N N 299 
SER HA   H  N N 300 
SER HB2  H  N N 301 
SER HB3  H  N N 302 
SER HG   H  N N 303 
SER HXT  H  N N 304 
THR N    N  N N 305 
THR CA   C  N S 306 
THR C    C  N N 307 
THR O    O  N N 308 
THR CB   C  N R 309 
THR OG1  O  N N 310 
THR CG2  C  N N 311 
THR OXT  O  N N 312 
THR H    H  N N 313 
THR H2   H  N N 314 
THR HA   H  N N 315 
THR HB   H  N N 316 
THR HG1  H  N N 317 
THR HG21 H  N N 318 
THR HG22 H  N N 319 
THR HG23 H  N N 320 
THR HXT  H  N N 321 
TRP N    N  N N 322 
TRP CA   C  N S 323 
TRP C    C  N N 324 
TRP O    O  N N 325 
TRP CB   C  N N 326 
TRP CG   C  Y N 327 
TRP CD1  C  Y N 328 
TRP CD2  C  Y N 329 
TRP NE1  N  Y N 330 
TRP CE2  C  Y N 331 
TRP CE3  C  Y N 332 
TRP CZ2  C  Y N 333 
TRP CZ3  C  Y N 334 
TRP CH2  C  Y N 335 
TRP OXT  O  N N 336 
TRP H    H  N N 337 
TRP H2   H  N N 338 
TRP HA   H  N N 339 
TRP HB2  H  N N 340 
TRP HB3  H  N N 341 
TRP HD1  H  N N 342 
TRP HE1  H  N N 343 
TRP HE3  H  N N 344 
TRP HZ2  H  N N 345 
TRP HZ3  H  N N 346 
TRP HH2  H  N N 347 
TRP HXT  H  N N 348 
TYR N    N  N N 349 
TYR CA   C  N S 350 
TYR C    C  N N 351 
TYR O    O  N N 352 
TYR CB   C  N N 353 
TYR CG   C  Y N 354 
TYR CD1  C  Y N 355 
TYR CD2  C  Y N 356 
TYR CE1  C  Y N 357 
TYR CE2  C  Y N 358 
TYR CZ   C  Y N 359 
TYR OH   O  N N 360 
TYR OXT  O  N N 361 
TYR H    H  N N 362 
TYR H2   H  N N 363 
TYR HA   H  N N 364 
TYR HB2  H  N N 365 
TYR HB3  H  N N 366 
TYR HD1  H  N N 367 
TYR HD2  H  N N 368 
TYR HE1  H  N N 369 
TYR HE2  H  N N 370 
TYR HH   H  N N 371 
TYR HXT  H  N N 372 
U7U C01  C  N N 373 
U7U C02  C  N N 374 
U7U C1   C  N N 375 
U7U C2   C  N N 376 
U7U C3   C  N N 377 
U7U C4   C  N N 378 
U7U C5   C  N N 379 
U7U C6   C  N N 380 
U7U C7   C  N N 381 
U7U C8   C  N N 382 
U7U O1   O  N N 383 
U7U O10  O  N N 384 
U7U O11  O  N N 385 
U7U O12  O  N N 386 
U7U O13  O  N N 387 
U7U O14  O  N N 388 
U7U O15  O  N N 389 
U7U O16  O  N N 390 
U7U O17  O  N N 391 
U7U O18  O  N N 392 
U7U O19  O  N N 393 
U7U O2   O  N N 394 
U7U O20  O  N N 395 
U7U O21  O  N N 396 
U7U O22  O  N N 397 
U7U O23  O  N N 398 
U7U O24  O  N N 399 
U7U O3   O  N N 400 
U7U O4   O  N N 401 
U7U O5   O  N N 402 
U7U O6   O  N N 403 
U7U O7   O  N N 404 
U7U O8   O  N N 405 
U7U O9   O  N N 406 
U7U MN1  MN N N 407 
U7U MO1  MO N N 408 
U7U MO2  MO N N 409 
U7U MO3  MO N N 410 
U7U MO4  MO N N 411 
U7U MO5  MO N N 412 
U7U MO6  MO N N 413 
U7U H1   H  N N 414 
U7U H2   H  N N 415 
U7U H3   H  N N 416 
U7U H4   H  N N 417 
U7U H5   H  N N 418 
U7U H6   H  N N 419 
U7U H7   H  N N 420 
U7U H8   H  N N 421 
U7U H9   H  N N 422 
U7U H10  H  N N 423 
U7U H11  H  N N 424 
U7U H12  H  N N 425 
U7U H13  H  N N 426 
U7U H14  H  N N 427 
U7U H15  H  N N 428 
U7U H16  H  N N 429 
U7U H17  H  N N 430 
U7U H18  H  N N 431 
VAL N    N  N N 432 
VAL CA   C  N S 433 
VAL C    C  N N 434 
VAL O    O  N N 435 
VAL CB   C  N N 436 
VAL CG1  C  N N 437 
VAL CG2  C  N N 438 
VAL OXT  O  N N 439 
VAL H    H  N N 440 
VAL H2   H  N N 441 
VAL HA   H  N N 442 
VAL HB   H  N N 443 
VAL HG11 H  N N 444 
VAL HG12 H  N N 445 
VAL HG13 H  N N 446 
VAL HG21 H  N N 447 
VAL HG22 H  N N 448 
VAL HG23 H  N N 449 
VAL HXT  H  N N 450 
# 
loop_
_chem_comp_bond.comp_id 
_chem_comp_bond.atom_id_1 
_chem_comp_bond.atom_id_2 
_chem_comp_bond.value_order 
_chem_comp_bond.pdbx_aromatic_flag 
_chem_comp_bond.pdbx_stereo_config 
_chem_comp_bond.pdbx_ordinal 
ALA N   CA   sing N N 1   
ALA N   H    sing N N 2   
ALA N   H2   sing N N 3   
ALA CA  C    sing N N 4   
ALA CA  CB   sing N N 5   
ALA CA  HA   sing N N 6   
ALA C   O    doub N N 7   
ALA C   OXT  sing N N 8   
ALA CB  HB1  sing N N 9   
ALA CB  HB2  sing N N 10  
ALA CB  HB3  sing N N 11  
ALA OXT HXT  sing N N 12  
ARG N   CA   sing N N 13  
ARG N   H    sing N N 14  
ARG N   H2   sing N N 15  
ARG CA  C    sing N N 16  
ARG CA  CB   sing N N 17  
ARG CA  HA   sing N N 18  
ARG C   O    doub N N 19  
ARG C   OXT  sing N N 20  
ARG CB  CG   sing N N 21  
ARG CB  HB2  sing N N 22  
ARG CB  HB3  sing N N 23  
ARG CG  CD   sing N N 24  
ARG CG  HG2  sing N N 25  
ARG CG  HG3  sing N N 26  
ARG CD  NE   sing N N 27  
ARG CD  HD2  sing N N 28  
ARG CD  HD3  sing N N 29  
ARG NE  CZ   sing N N 30  
ARG NE  HE   sing N N 31  
ARG CZ  NH1  sing N N 32  
ARG CZ  NH2  doub N N 33  
ARG NH1 HH11 sing N N 34  
ARG NH1 HH12 sing N N 35  
ARG NH2 HH21 sing N N 36  
ARG NH2 HH22 sing N N 37  
ARG OXT HXT  sing N N 38  
ASN N   CA   sing N N 39  
ASN N   H    sing N N 40  
ASN N   H2   sing N N 41  
ASN CA  C    sing N N 42  
ASN CA  CB   sing N N 43  
ASN CA  HA   sing N N 44  
ASN C   O    doub N N 45  
ASN C   OXT  sing N N 46  
ASN CB  CG   sing N N 47  
ASN CB  HB2  sing N N 48  
ASN CB  HB3  sing N N 49  
ASN CG  OD1  doub N N 50  
ASN CG  ND2  sing N N 51  
ASN ND2 HD21 sing N N 52  
ASN ND2 HD22 sing N N 53  
ASN OXT HXT  sing N N 54  
ASP N   CA   sing N N 55  
ASP N   H    sing N N 56  
ASP N   H2   sing N N 57  
ASP CA  C    sing N N 58  
ASP CA  CB   sing N N 59  
ASP CA  HA   sing N N 60  
ASP C   O    doub N N 61  
ASP C   OXT  sing N N 62  
ASP CB  CG   sing N N 63  
ASP CB  HB2  sing N N 64  
ASP CB  HB3  sing N N 65  
ASP CG  OD1  doub N N 66  
ASP CG  OD2  sing N N 67  
ASP OD2 HD2  sing N N 68  
ASP OXT HXT  sing N N 69  
CYS N   CA   sing N N 70  
CYS N   H    sing N N 71  
CYS N   H2   sing N N 72  
CYS CA  C    sing N N 73  
CYS CA  CB   sing N N 74  
CYS CA  HA   sing N N 75  
CYS C   O    doub N N 76  
CYS C   OXT  sing N N 77  
CYS CB  SG   sing N N 78  
CYS CB  HB2  sing N N 79  
CYS CB  HB3  sing N N 80  
CYS SG  HG   sing N N 81  
CYS OXT HXT  sing N N 82  
GLN N   CA   sing N N 83  
GLN N   H    sing N N 84  
GLN N   H2   sing N N 85  
GLN CA  C    sing N N 86  
GLN CA  CB   sing N N 87  
GLN CA  HA   sing N N 88  
GLN C   O    doub N N 89  
GLN C   OXT  sing N N 90  
GLN CB  CG   sing N N 91  
GLN CB  HB2  sing N N 92  
GLN CB  HB3  sing N N 93  
GLN CG  CD   sing N N 94  
GLN CG  HG2  sing N N 95  
GLN CG  HG3  sing N N 96  
GLN CD  OE1  doub N N 97  
GLN CD  NE2  sing N N 98  
GLN NE2 HE21 sing N N 99  
GLN NE2 HE22 sing N N 100 
GLN OXT HXT  sing N N 101 
GLU N   CA   sing N N 102 
GLU N   H    sing N N 103 
GLU N   H2   sing N N 104 
GLU CA  C    sing N N 105 
GLU CA  CB   sing N N 106 
GLU CA  HA   sing N N 107 
GLU C   O    doub N N 108 
GLU C   OXT  sing N N 109 
GLU CB  CG   sing N N 110 
GLU CB  HB2  sing N N 111 
GLU CB  HB3  sing N N 112 
GLU CG  CD   sing N N 113 
GLU CG  HG2  sing N N 114 
GLU CG  HG3  sing N N 115 
GLU CD  OE1  doub N N 116 
GLU CD  OE2  sing N N 117 
GLU OE2 HE2  sing N N 118 
GLU OXT HXT  sing N N 119 
GLY N   CA   sing N N 120 
GLY N   H    sing N N 121 
GLY N   H2   sing N N 122 
GLY CA  C    sing N N 123 
GLY CA  HA2  sing N N 124 
GLY CA  HA3  sing N N 125 
GLY C   O    doub N N 126 
GLY C   OXT  sing N N 127 
GLY OXT HXT  sing N N 128 
HIS N   CA   sing N N 129 
HIS N   H    sing N N 130 
HIS N   H2   sing N N 131 
HIS CA  C    sing N N 132 
HIS CA  CB   sing N N 133 
HIS CA  HA   sing N N 134 
HIS C   O    doub N N 135 
HIS C   OXT  sing N N 136 
HIS CB  CG   sing N N 137 
HIS CB  HB2  sing N N 138 
HIS CB  HB3  sing N N 139 
HIS CG  ND1  sing Y N 140 
HIS CG  CD2  doub Y N 141 
HIS ND1 CE1  doub Y N 142 
HIS ND1 HD1  sing N N 143 
HIS CD2 NE2  sing Y N 144 
HIS CD2 HD2  sing N N 145 
HIS CE1 NE2  sing Y N 146 
HIS CE1 HE1  sing N N 147 
HIS NE2 HE2  sing N N 148 
HIS OXT HXT  sing N N 149 
HOH O   H1   sing N N 150 
HOH O   H2   sing N N 151 
ILE N   CA   sing N N 152 
ILE N   H    sing N N 153 
ILE N   H2   sing N N 154 
ILE CA  C    sing N N 155 
ILE CA  CB   sing N N 156 
ILE CA  HA   sing N N 157 
ILE C   O    doub N N 158 
ILE C   OXT  sing N N 159 
ILE CB  CG1  sing N N 160 
ILE CB  CG2  sing N N 161 
ILE CB  HB   sing N N 162 
ILE CG1 CD1  sing N N 163 
ILE CG1 HG12 sing N N 164 
ILE CG1 HG13 sing N N 165 
ILE CG2 HG21 sing N N 166 
ILE CG2 HG22 sing N N 167 
ILE CG2 HG23 sing N N 168 
ILE CD1 HD11 sing N N 169 
ILE CD1 HD12 sing N N 170 
ILE CD1 HD13 sing N N 171 
ILE OXT HXT  sing N N 172 
LEU N   CA   sing N N 173 
LEU N   H    sing N N 174 
LEU N   H2   sing N N 175 
LEU CA  C    sing N N 176 
LEU CA  CB   sing N N 177 
LEU CA  HA   sing N N 178 
LEU C   O    doub N N 179 
LEU C   OXT  sing N N 180 
LEU CB  CG   sing N N 181 
LEU CB  HB2  sing N N 182 
LEU CB  HB3  sing N N 183 
LEU CG  CD1  sing N N 184 
LEU CG  CD2  sing N N 185 
LEU CG  HG   sing N N 186 
LEU CD1 HD11 sing N N 187 
LEU CD1 HD12 sing N N 188 
LEU CD1 HD13 sing N N 189 
LEU CD2 HD21 sing N N 190 
LEU CD2 HD22 sing N N 191 
LEU CD2 HD23 sing N N 192 
LEU OXT HXT  sing N N 193 
LYS N   CA   sing N N 194 
LYS N   H    sing N N 195 
LYS N   H2   sing N N 196 
LYS CA  C    sing N N 197 
LYS CA  CB   sing N N 198 
LYS CA  HA   sing N N 199 
LYS C   O    doub N N 200 
LYS C   OXT  sing N N 201 
LYS CB  CG   sing N N 202 
LYS CB  HB2  sing N N 203 
LYS CB  HB3  sing N N 204 
LYS CG  CD   sing N N 205 
LYS CG  HG2  sing N N 206 
LYS CG  HG3  sing N N 207 
LYS CD  CE   sing N N 208 
LYS CD  HD2  sing N N 209 
LYS CD  HD3  sing N N 210 
LYS CE  NZ   sing N N 211 
LYS CE  HE2  sing N N 212 
LYS CE  HE3  sing N N 213 
LYS NZ  HZ1  sing N N 214 
LYS NZ  HZ2  sing N N 215 
LYS NZ  HZ3  sing N N 216 
LYS OXT HXT  sing N N 217 
MET N   CA   sing N N 218 
MET N   H    sing N N 219 
MET N   H2   sing N N 220 
MET CA  C    sing N N 221 
MET CA  CB   sing N N 222 
MET CA  HA   sing N N 223 
MET C   O    doub N N 224 
MET C   OXT  sing N N 225 
MET CB  CG   sing N N 226 
MET CB  HB2  sing N N 227 
MET CB  HB3  sing N N 228 
MET CG  SD   sing N N 229 
MET CG  HG2  sing N N 230 
MET CG  HG3  sing N N 231 
MET SD  CE   sing N N 232 
MET CE  HE1  sing N N 233 
MET CE  HE2  sing N N 234 
MET CE  HE3  sing N N 235 
MET OXT HXT  sing N N 236 
PHE N   CA   sing N N 237 
PHE N   H    sing N N 238 
PHE N   H2   sing N N 239 
PHE CA  C    sing N N 240 
PHE CA  CB   sing N N 241 
PHE CA  HA   sing N N 242 
PHE C   O    doub N N 243 
PHE C   OXT  sing N N 244 
PHE CB  CG   sing N N 245 
PHE CB  HB2  sing N N 246 
PHE CB  HB3  sing N N 247 
PHE CG  CD1  doub Y N 248 
PHE CG  CD2  sing Y N 249 
PHE CD1 CE1  sing Y N 250 
PHE CD1 HD1  sing N N 251 
PHE CD2 CE2  doub Y N 252 
PHE CD2 HD2  sing N N 253 
PHE CE1 CZ   doub Y N 254 
PHE CE1 HE1  sing N N 255 
PHE CE2 CZ   sing Y N 256 
PHE CE2 HE2  sing N N 257 
PHE CZ  HZ   sing N N 258 
PHE OXT HXT  sing N N 259 
PRO N   CA   sing N N 260 
PRO N   CD   sing N N 261 
PRO N   H    sing N N 262 
PRO CA  C    sing N N 263 
PRO CA  CB   sing N N 264 
PRO CA  HA   sing N N 265 
PRO C   O    doub N N 266 
PRO C   OXT  sing N N 267 
PRO CB  CG   sing N N 268 
PRO CB  HB2  sing N N 269 
PRO CB  HB3  sing N N 270 
PRO CG  CD   sing N N 271 
PRO CG  HG2  sing N N 272 
PRO CG  HG3  sing N N 273 
PRO CD  HD2  sing N N 274 
PRO CD  HD3  sing N N 275 
PRO OXT HXT  sing N N 276 
SER N   CA   sing N N 277 
SER N   H    sing N N 278 
SER N   H2   sing N N 279 
SER CA  C    sing N N 280 
SER CA  CB   sing N N 281 
SER CA  HA   sing N N 282 
SER C   O    doub N N 283 
SER C   OXT  sing N N 284 
SER CB  OG   sing N N 285 
SER CB  HB2  sing N N 286 
SER CB  HB3  sing N N 287 
SER OG  HG   sing N N 288 
SER OXT HXT  sing N N 289 
THR N   CA   sing N N 290 
THR N   H    sing N N 291 
THR N   H2   sing N N 292 
THR CA  C    sing N N 293 
THR CA  CB   sing N N 294 
THR CA  HA   sing N N 295 
THR C   O    doub N N 296 
THR C   OXT  sing N N 297 
THR CB  OG1  sing N N 298 
THR CB  CG2  sing N N 299 
THR CB  HB   sing N N 300 
THR OG1 HG1  sing N N 301 
THR CG2 HG21 sing N N 302 
THR CG2 HG22 sing N N 303 
THR CG2 HG23 sing N N 304 
THR OXT HXT  sing N N 305 
TRP N   CA   sing N N 306 
TRP N   H    sing N N 307 
TRP N   H2   sing N N 308 
TRP CA  C    sing N N 309 
TRP CA  CB   sing N N 310 
TRP CA  HA   sing N N 311 
TRP C   O    doub N N 312 
TRP C   OXT  sing N N 313 
TRP CB  CG   sing N N 314 
TRP CB  HB2  sing N N 315 
TRP CB  HB3  sing N N 316 
TRP CG  CD1  doub Y N 317 
TRP CG  CD2  sing Y N 318 
TRP CD1 NE1  sing Y N 319 
TRP CD1 HD1  sing N N 320 
TRP CD2 CE2  doub Y N 321 
TRP CD2 CE3  sing Y N 322 
TRP NE1 CE2  sing Y N 323 
TRP NE1 HE1  sing N N 324 
TRP CE2 CZ2  sing Y N 325 
TRP CE3 CZ3  doub Y N 326 
TRP CE3 HE3  sing N N 327 
TRP CZ2 CH2  doub Y N 328 
TRP CZ2 HZ2  sing N N 329 
TRP CZ3 CH2  sing Y N 330 
TRP CZ3 HZ3  sing N N 331 
TRP CH2 HH2  sing N N 332 
TRP OXT HXT  sing N N 333 
TYR N   CA   sing N N 334 
TYR N   H    sing N N 335 
TYR N   H2   sing N N 336 
TYR CA  C    sing N N 337 
TYR CA  CB   sing N N 338 
TYR CA  HA   sing N N 339 
TYR C   O    doub N N 340 
TYR C   OXT  sing N N 341 
TYR CB  CG   sing N N 342 
TYR CB  HB2  sing N N 343 
TYR CB  HB3  sing N N 344 
TYR CG  CD1  doub Y N 345 
TYR CG  CD2  sing Y N 346 
TYR CD1 CE1  sing Y N 347 
TYR CD1 HD1  sing N N 348 
TYR CD2 CE2  doub Y N 349 
TYR CD2 HD2  sing N N 350 
TYR CE1 CZ   doub Y N 351 
TYR CE1 HE1  sing N N 352 
TYR CE2 CZ   sing Y N 353 
TYR CE2 HE2  sing N N 354 
TYR CZ  OH   sing N N 355 
TYR OH  HH   sing N N 356 
TYR OXT HXT  sing N N 357 
U7U C01 C1   sing N N 358 
U7U C02 C5   sing N N 359 
U7U C1  C2   sing N N 360 
U7U C1  C3   sing N N 361 
U7U C1  C4   sing N N 362 
U7U C2  O3   sing N N 363 
U7U C3  O4   sing N N 364 
U7U C4  O16  sing N N 365 
U7U C5  C6   sing N N 366 
U7U C5  C7   sing N N 367 
U7U C5  C8   sing N N 368 
U7U C6  O2   sing N N 369 
U7U C7  O1   sing N N 370 
U7U C8  O15  sing N N 371 
U7U O1  MN1  sing N N 372 
U7U O1  MO2  sing N N 373 
U7U O1  MO3  sing N N 374 
U7U O10 MO2  sing N N 375 
U7U O10 MO5  sing N N 376 
U7U O11 MO3  sing N N 377 
U7U O12 MO1  sing N N 378 
U7U O13 MO2  sing N N 379 
U7U O14 MO3  sing N N 380 
U7U O15 MN1  sing N N 381 
U7U O15 MO5  sing N N 382 
U7U O15 MO6  sing N N 383 
U7U O16 MN1  sing N N 384 
U7U O16 MO4  sing N N 385 
U7U O16 MO6  sing N N 386 
U7U O17 MO4  sing N N 387 
U7U O18 MO4  sing N N 388 
U7U O18 MO6  sing N N 389 
U7U O19 MO5  sing N N 390 
U7U O2  MN1  sing N N 391 
U7U O2  MO1  sing N N 392 
U7U O2  MO4  sing N N 393 
U7U O20 MO5  sing N N 394 
U7U O20 MO6  sing N N 395 
U7U O21 MO6  sing N N 396 
U7U O22 MO4  sing N N 397 
U7U O23 MO5  sing N N 398 
U7U O24 MO6  sing N N 399 
U7U O3  MN1  sing N N 400 
U7U O3  MO1  sing N N 401 
U7U O3  MO3  sing N N 402 
U7U O4  MN1  sing N N 403 
U7U O4  MO2  sing N N 404 
U7U O4  MO5  sing N N 405 
U7U O5  MO1  sing N N 406 
U7U O6  MO1  sing N N 407 
U7U O6  MO3  sing N N 408 
U7U O7  MO2  sing N N 409 
U7U O8  MO2  sing N N 410 
U7U O8  MO3  sing N N 411 
U7U O9  MO1  sing N N 412 
U7U O9  MO4  sing N N 413 
U7U C01 H1   sing N N 414 
U7U C01 H2   sing N N 415 
U7U C01 H3   sing N N 416 
U7U C02 H4   sing N N 417 
U7U C02 H5   sing N N 418 
U7U C02 H6   sing N N 419 
U7U C2  H7   sing N N 420 
U7U C2  H8   sing N N 421 
U7U C3  H9   sing N N 422 
U7U C3  H10  sing N N 423 
U7U C4  H11  sing N N 424 
U7U C4  H12  sing N N 425 
U7U C6  H13  sing N N 426 
U7U C6  H14  sing N N 427 
U7U C7  H15  sing N N 428 
U7U C7  H16  sing N N 429 
U7U C8  H17  sing N N 430 
U7U C8  H18  sing N N 431 
VAL N   CA   sing N N 432 
VAL N   H    sing N N 433 
VAL N   H2   sing N N 434 
VAL CA  C    sing N N 435 
VAL CA  CB   sing N N 436 
VAL CA  HA   sing N N 437 
VAL C   O    doub N N 438 
VAL C   OXT  sing N N 439 
VAL CB  CG1  sing N N 440 
VAL CB  CG2  sing N N 441 
VAL CB  HB   sing N N 442 
VAL CG1 HG11 sing N N 443 
VAL CG1 HG12 sing N N 444 
VAL CG1 HG13 sing N N 445 
VAL CG2 HG21 sing N N 446 
VAL CG2 HG22 sing N N 447 
VAL CG2 HG23 sing N N 448 
VAL OXT HXT  sing N N 449 
# 
loop_
_pdbx_audit_support.funding_organization 
_pdbx_audit_support.country 
_pdbx_audit_support.grant_number 
_pdbx_audit_support.ordinal 
'Research Foundation - Flanders (FWO)' Belgium 1183021N   1 
'Research Foundation - Flanders (FWO)' Belgium 1279721N   2 
'Research Foundation - Flanders (FWO)' Belgium 11A3517N   3 
'Research Foundation - Flanders (FWO)' Belgium G0E4717N   4 
'KU Leuven'                            Belgium C14/19/076 5 
# 
_pdbx_initial_refinement_model.id               1 
_pdbx_initial_refinement_model.entity_id_list   ? 
_pdbx_initial_refinement_model.type             'experimental model' 
_pdbx_initial_refinement_model.source_name      PDB 
_pdbx_initial_refinement_model.accession_code   1LYZ 
_pdbx_initial_refinement_model.details          ? 
# 
_atom_sites.entry_id                    8BQT 
_atom_sites.Cartn_transf_matrix[1][1]   ? 
_atom_sites.Cartn_transf_matrix[1][2]   ? 
_atom_sites.Cartn_transf_matrix[1][3]   ? 
_atom_sites.Cartn_transf_matrix[2][1]   ? 
_atom_sites.Cartn_transf_matrix[2][2]   ? 
_atom_sites.Cartn_transf_matrix[2][3]   ? 
_atom_sites.Cartn_transf_matrix[3][1]   ? 
_atom_sites.Cartn_transf_matrix[3][2]   ? 
_atom_sites.Cartn_transf_matrix[3][3]   ? 
_atom_sites.Cartn_transf_vector[1]      ? 
_atom_sites.Cartn_transf_vector[2]      ? 
_atom_sites.Cartn_transf_vector[3]      ? 
_atom_sites.fract_transf_matrix[1][1]   0.00870349 
_atom_sites.fract_transf_matrix[1][2]   -0.00017524 
_atom_sites.fract_transf_matrix[1][3]   -0.00988002 
_atom_sites.fract_transf_matrix[2][1]   -0.00200196 
_atom_sites.fract_transf_matrix[2][2]   -0.01292417 
_atom_sites.fract_transf_matrix[2][3]   -0.00153433 
_atom_sites.fract_transf_matrix[3][1]   -0.01999264 
_atom_sites.fract_transf_matrix[3][2]   0.00519866 
_atom_sites.fract_transf_matrix[3][3]   -0.01770409 
_atom_sites.fract_transf_vector[1]      0.020717 
_atom_sites.fract_transf_vector[2]      -0.252755 
_atom_sites.fract_transf_vector[3]      0.029233 
_atom_sites.solution_primary            ? 
_atom_sites.solution_secondary          ? 
_atom_sites.solution_hydrogens          ? 
_atom_sites.special_details             ? 
# 
loop_
_atom_type.symbol 
C  
CL 
MN 
MO 
N  
O  
S  
# 
loop_
_atom_site.group_PDB 
_atom_site.id 
_atom_site.type_symbol 
_atom_site.label_atom_id 
_atom_site.label_alt_id 
_atom_site.label_comp_id 
_atom_site.label_asym_id 
_atom_site.label_entity_id 
_atom_site.label_seq_id 
_atom_site.pdbx_PDB_ins_code 
_atom_site.Cartn_x 
_atom_site.Cartn_y 
_atom_site.Cartn_z 
_atom_site.occupancy 
_atom_site.B_iso_or_equiv 
_atom_site.pdbx_formal_charge 
_atom_site.auth_seq_id 
_atom_site.auth_comp_id 
_atom_site.auth_asym_id 
_atom_site.auth_atom_id 
_atom_site.pdbx_PDB_model_num 
ATOM   1    N  N   . LYS A 1 1   ? 3.385   -11.853 7.020   1.00 19.98 ? 1   LYS A N   1 
ATOM   2    C  CA  . LYS A 1 1   ? 4.829   -11.660 7.100   1.00 19.23 ? 1   LYS A CA  1 
ATOM   3    C  C   . LYS A 1 1   ? 5.097   -10.226 7.494   1.00 16.14 ? 1   LYS A C   1 
ATOM   4    O  O   . LYS A 1 1   ? 4.495   -9.326  6.907   1.00 17.26 ? 1   LYS A O   1 
ATOM   5    C  CB  . LYS A 1 1   ? 5.455   -11.917 5.731   1.00 20.65 ? 1   LYS A CB  1 
ATOM   6    C  CG  . LYS A 1 1   ? 6.952   -11.654 5.676   1.00 20.77 ? 1   LYS A CG  1 
ATOM   7    C  CD  . LYS A 1 1   ? 7.465   -12.023 4.304   1.00 20.86 ? 1   LYS A CD  1 
ATOM   8    C  CE  . LYS A 1 1   ? 8.754   -11.281 3.960   1.00 21.02 ? 1   LYS A CE  1 
ATOM   9    N  NZ  . LYS A 1 1   ? 9.946   -11.885 4.604   1.00 34.75 ? 1   LYS A NZ  1 
ATOM   10   N  N   . VAL A 1 2   ? 5.973   -10.012 8.470   1.00 20.22 ? 2   VAL A N   1 
ATOM   11   C  CA  . VAL A 1 2   ? 6.492   -8.680  8.770   1.00 18.33 ? 2   VAL A CA  1 
ATOM   12   C  C   . VAL A 1 2   ? 7.798   -8.470  8.007   1.00 20.10 ? 2   VAL A C   1 
ATOM   13   O  O   . VAL A 1 2   ? 8.814   -9.108  8.290   1.00 23.52 ? 2   VAL A O   1 
ATOM   14   C  CB  . VAL A 1 2   ? 6.677   -8.440  10.269  1.00 20.63 ? 2   VAL A CB  1 
ATOM   15   C  CG1 . VAL A 1 2   ? 7.126   -6.996  10.515  1.00 24.16 ? 2   VAL A CG1 1 
ATOM   16   C  CG2 . VAL A 1 2   ? 5.347   -8.719  11.018  1.00 21.30 ? 2   VAL A CG2 1 
ATOM   17   N  N   . PHE A 1 3   ? 7.771   -7.564  7.042   1.00 16.24 ? 3   PHE A N   1 
ATOM   18   C  CA  . PHE A 1 3   ? 8.945   -7.296  6.227   1.00 20.53 ? 3   PHE A CA  1 
ATOM   19   C  C   . PHE A 1 3   ? 9.890   -6.379  6.997   1.00 18.32 ? 3   PHE A C   1 
ATOM   20   O  O   . PHE A 1 3   ? 9.472   -5.492  7.755   1.00 19.06 ? 3   PHE A O   1 
ATOM   21   C  CB  . PHE A 1 3   ? 8.503   -6.523  4.985   1.00 17.73 ? 3   PHE A CB  1 
ATOM   22   C  CG  . PHE A 1 3   ? 8.124   -7.385  3.833   1.00 17.64 ? 3   PHE A CG  1 
ATOM   23   C  CD1 . PHE A 1 3   ? 6.860   -7.987  3.813   1.00 19.60 ? 3   PHE A CD1 1 
ATOM   24   C  CD2 . PHE A 1 3   ? 8.971   -7.575  2.744   1.00 18.33 ? 3   PHE A CD2 1 
ATOM   25   C  CE1 . PHE A 1 3   ? 6.471   -8.794  2.754   1.00 18.76 ? 3   PHE A CE1 1 
ATOM   26   C  CE2 . PHE A 1 3   ? 8.584   -8.359  1.670   1.00 18.25 ? 3   PHE A CE2 1 
ATOM   27   C  CZ  . PHE A 1 3   ? 7.328   -8.973  1.675   1.00 19.19 ? 3   PHE A CZ  1 
ATOM   28   N  N   . GLY A 1 4   ? 11.190  -6.587  6.790   1.00 18.88 ? 4   GLY A N   1 
ATOM   29   C  CA  . GLY A 1 4   ? 12.132  -5.538  7.090   1.00 16.90 ? 4   GLY A CA  1 
ATOM   30   C  C   . GLY A 1 4   ? 11.925  -4.353  6.167   1.00 16.14 ? 4   GLY A C   1 
ATOM   31   O  O   . GLY A 1 4   ? 11.397  -4.480  5.070   1.00 17.58 ? 4   GLY A O   1 
ATOM   32   N  N   . ARG A 1 5   ? 12.331  -3.174  6.637   1.00 17.46 ? 5   ARG A N   1 
ATOM   33   C  CA  . ARG A 1 5   ? 12.157  -1.949  5.864   1.00 17.99 ? 5   ARG A CA  1 
ATOM   34   C  C   . ARG A 1 5   ? 12.781  -2.063  4.469   1.00 17.03 ? 5   ARG A C   1 
ATOM   35   O  O   . ARG A 1 5   ? 12.118  -1.825  3.448   1.00 18.27 ? 5   ARG A O   1 
ATOM   36   C  CB  . ARG A 1 5   ? 12.776  -0.795  6.643   1.00 18.42 ? 5   ARG A CB  1 
ATOM   37   C  CG  . ARG A 1 5   ? 12.755  0.514   5.933   1.00 16.84 ? 5   ARG A CG  1 
ATOM   38   C  CD  . ARG A 1 5   ? 13.288  1.582   6.915   1.00 21.66 ? 5   ARG A CD  1 
ATOM   39   N  NE  . ARG A 1 5   ? 14.632  1.290   7.403   1.00 20.92 ? 5   ARG A NE  1 
ATOM   40   C  CZ  . ARG A 1 5   ? 15.751  1.626   6.763   1.00 21.88 ? 5   ARG A CZ  1 
ATOM   41   N  NH1 . ARG A 1 5   ? 15.726  2.232   5.592   1.00 20.59 ? 5   ARG A NH1 1 
ATOM   42   N  NH2 . ARG A 1 5   ? 16.928  1.349   7.320   1.00 26.17 ? 5   ARG A NH2 1 
ATOM   43   N  N   . CYS A 1 6   ? 14.045  -2.465  4.401   1.00 16.65 ? 6   CYS A N   1 
ATOM   44   C  CA  . CYS A 1 6   ? 14.721  -2.561  3.108   1.00 16.84 ? 6   CYS A CA  1 
ATOM   45   C  C   . CYS A 1 6   ? 14.301  -3.790  2.323   1.00 17.05 ? 6   CYS A C   1 
ATOM   46   O  O   . CYS A 1 6   ? 14.323  -3.763  1.082   1.00 18.13 ? 6   CYS A O   1 
ATOM   47   C  CB  . CYS A 1 6   ? 16.215  -2.583  3.336   1.00 16.62 ? 6   CYS A CB  1 
ATOM   48   S  SG  . CYS A 1 6   ? 16.826  -0.954  3.927   1.00 18.91 ? 6   CYS A SG  1 
ATOM   49   N  N   . GLU A 1 7   ? 13.847  -4.830  3.028   1.00 18.54 ? 7   GLU A N   1 
ATOM   50   C  CA  . GLU A 1 7   ? 13.273  -5.994  2.366   1.00 17.38 ? 7   GLU A CA  1 
ATOM   51   C  C   . GLU A 1 7   ? 12.003  -5.614  1.624   1.00 16.60 ? 7   GLU A C   1 
ATOM   52   O  O   . GLU A 1 7   ? 11.799  -6.007  0.476   1.00 17.90 ? 7   GLU A O   1 
ATOM   53   C  CB  . GLU A 1 7   ? 13.013  -7.084  3.403   1.00 18.60 ? 7   GLU A CB  1 
ATOM   54   C  CG  . GLU A 1 7   ? 12.399  -8.338  2.838   1.00 20.36 ? 7   GLU A CG  1 
ATOM   55   C  CD  . GLU A 1 7   ? 11.984  -9.337  3.927   1.00 20.72 ? 7   GLU A CD  1 
ATOM   56   O  OE1 . GLU A 1 7   ? 11.806  -8.925  5.097   1.00 21.54 ? 7   GLU A OE1 1 
ATOM   57   O  OE2 . GLU A 1 7   ? 11.837  -10.537 3.606   1.00 26.39 ? 7   GLU A OE2 1 
ATOM   58   N  N   . LEU A 1 8   ? 11.162  -4.788  2.249   1.00 15.37 ? 8   LEU A N   1 
ATOM   59   C  CA  . LEU A 1 8   ? 9.991   -4.314  1.533   1.00 18.17 ? 8   LEU A CA  1 
ATOM   60   C  C   . LEU A 1 8   ? 10.392  -3.393  0.394   1.00 17.30 ? 8   LEU A C   1 
ATOM   61   O  O   . LEU A 1 8   ? 9.801   -3.447  -0.690  1.00 17.30 ? 8   LEU A O   1 
ATOM   62   C  CB  . LEU A 1 8   ? 9.055   -3.589  2.489   1.00 18.16 ? 8   LEU A CB  1 
ATOM   63   C  CG  . LEU A 1 8   ? 7.750   -3.117  1.859   1.00 22.10 ? 8   LEU A CG  1 
ATOM   64   C  CD1 . LEU A 1 8   ? 6.961   -4.330  1.344   1.00 18.53 ? 8   LEU A CD1 1 
ATOM   65   C  CD2 . LEU A 1 8   ? 6.960   -2.323  2.910   1.00 22.30 ? 8   LEU A CD2 1 
ATOM   66   N  N   . ALA A 1 9   ? 11.360  -2.497  0.632   1.00 18.49 ? 9   ALA A N   1 
ATOM   67   C  CA  . ALA A 1 9   ? 11.829  -1.624  -0.438  1.00 17.34 ? 9   ALA A CA  1 
ATOM   68   C  C   . ALA A 1 9   ? 12.291  -2.427  -1.645  1.00 15.96 ? 9   ALA A C   1 
ATOM   69   O  O   . ALA A 1 9   ? 11.933  -2.108  -2.790  1.00 17.20 ? 9   ALA A O   1 
ATOM   70   C  CB  . ALA A 1 9   ? 12.961  -0.728  0.077   1.00 17.85 ? 9   ALA A CB  1 
ATOM   71   N  N   . ALA A 1 10  ? 13.018  -3.522  -1.400  1.00 18.37 ? 10  ALA A N   1 
ATOM   72   C  CA  . ALA A 1 10  ? 13.522  -4.333  -2.504  1.00 18.59 ? 10  ALA A CA  1 
ATOM   73   C  C   . ALA A 1 10  ? 12.390  -5.041  -3.242  1.00 18.69 ? 10  ALA A C   1 
ATOM   74   O  O   . ALA A 1 10  ? 12.414  -5.149  -4.474  1.00 18.58 ? 10  ALA A O   1 
ATOM   75   C  CB  . ALA A 1 10  ? 14.530  -5.351  -1.975  1.00 20.90 ? 10  ALA A CB  1 
ATOM   76   N  N   . ALA A 1 11  ? 11.417  -5.570  -2.503  1.00 17.50 ? 11  ALA A N   1 
ATOM   77   C  CA  . ALA A 1 11  ? 10.248  -6.170  -3.139  1.00 18.80 ? 11  ALA A CA  1 
ATOM   78   C  C   . ALA A 1 11  ? 9.454   -5.150  -3.937  1.00 18.47 ? 11  ALA A C   1 
ATOM   79   O  O   . ALA A 1 11  ? 8.998   -5.448  -5.045  1.00 21.00 ? 11  ALA A O   1 
ATOM   80   C  CB  . ALA A 1 11  ? 9.360   -6.840  -2.098  1.00 20.79 ? 11  ALA A CB  1 
ATOM   81   N  N   . MET A 1 12  ? 9.251   -3.940  -3.390  1.00 19.41 ? 12  MET A N   1 
ATOM   82   C  CA  . MET A 1 12  ? 8.500   -2.951  -4.156  1.00 19.15 ? 12  MET A CA  1 
ATOM   83   C  C   . MET A 1 12  ? 9.250   -2.513  -5.400  1.00 16.17 ? 12  MET A C   1 
ATOM   84   O  O   . MET A 1 12  ? 8.628   -2.291  -6.449  1.00 19.68 ? 12  MET A O   1 
ATOM   85   C  CB  . MET A 1 12  ? 8.124   -1.717  -3.338  1.00 18.34 ? 12  MET A CB  1 
ATOM   86   C  CG  . MET A 1 12  ? 7.085   -1.957  -2.279  1.00 17.71 ? 12  MET A CG  1 
ATOM   87   S  SD  . MET A 1 12  ? 7.161   -0.617  -1.039  1.00 21.75 ? 12  MET A SD  1 
ATOM   88   C  CE  . MET A 1 12  ? 5.561   -0.895  -0.367  1.00 23.50 ? 12  MET A CE  1 
ATOM   89   N  N   . LYS A 1 13  ? 10.570  -2.399  -5.300  1.00 19.83 ? 13  LYS A N   1 
ATOM   90   C  CA  . LYS A 1 13  ? 11.373  -2.036  -6.462  1.00 18.20 ? 13  LYS A CA  1 
ATOM   91   C  C   . LYS A 1 13  ? 11.277  -3.122  -7.530  1.00 20.07 ? 13  LYS A C   1 
ATOM   92   O  O   . LYS A 1 13  ? 11.096  -2.832  -8.726  1.00 21.77 ? 13  LYS A O   1 
ATOM   93   C  CB  . LYS A 1 13  ? 12.824  -1.829  -6.033  1.00 20.34 ? 13  LYS A CB  1 
ATOM   94   C  CG  . LYS A 1 13  ? 13.759  -1.501  -7.206  1.00 23.80 ? 13  LYS A CG  1 
ATOM   95   C  CD  . LYS A 1 13  ? 15.049  -0.867  -6.719  0.85 27.51 ? 13  LYS A CD  1 
ATOM   96   C  CE  . LYS A 1 13  ? 15.802  -0.207  -7.879  0.74 36.04 ? 13  LYS A CE  1 
ATOM   97   N  NZ  . LYS A 1 13  ? 16.909  0.666   -7.404  0.56 43.81 ? 13  LYS A NZ  1 
ATOM   98   N  N   . ARG A 1 14  ? 11.345  -4.393  -7.110  1.00 17.62 ? 14  ARG A N   1 
ATOM   99   C  CA  . ARG A 1 14  ? 11.289  -5.485  -8.086  1.00 17.17 ? 14  ARG A CA  1 
ATOM   100  C  C   . ARG A 1 14  ? 9.962   -5.467  -8.824  1.00 19.92 ? 14  ARG A C   1 
ATOM   101  O  O   . ARG A 1 14  ? 9.908   -5.726  -10.039 1.00 19.17 ? 14  ARG A O   1 
ATOM   102  C  CB  . ARG A 1 14  ? 11.433  -6.810  -7.347  1.00 16.42 ? 14  ARG A CB  1 
ATOM   103  C  CG  . ARG A 1 14  ? 11.260  -8.030  -8.273  1.00 17.25 ? 14  ARG A CG  1 
ATOM   104  C  CD  . ARG A 1 14  ? 11.844  -9.272  -7.609  1.00 18.23 ? 14  ARG A CD  1 
ATOM   105  N  NE  . ARG A 1 14  ? 11.251  -9.492  -6.298  1.00 19.24 ? 14  ARG A NE  1 
ATOM   106  C  CZ  . ARG A 1 14  ? 10.060  -10.021 -6.064  1.00 17.64 ? 14  ARG A CZ  1 
ATOM   107  N  NH1 . ARG A 1 14  ? 9.288   -10.471 -7.047  1.00 18.26 ? 14  ARG A NH1 1 
ATOM   108  N  NH2 . ARG A 1 14  ? 9.620   -10.073 -4.813  1.00 20.49 ? 14  ARG A NH2 1 
ATOM   109  N  N   . HIS A 1 15  ? 8.870   -5.190  -8.090  1.00 19.03 ? 15  HIS A N   1 
ATOM   110  C  CA  . HIS A 1 15  ? 7.542   -5.134  -8.692  1.00 21.18 ? 15  HIS A CA  1 
ATOM   111  C  C   . HIS A 1 15  ? 7.233   -3.842  -9.426  1.00 22.71 ? 15  HIS A C   1 
ATOM   112  O  O   . HIS A 1 15  ? 6.084   -3.680  -9.876  1.00 26.17 ? 15  HIS A O   1 
ATOM   113  C  CB  . HIS A 1 15  ? 6.375   -5.449  -7.734  1.00 19.55 ? 15  HIS A CB  1 
ATOM   114  C  CG  . HIS A 1 15  ? 6.306   -6.871  -7.257  1.00 22.16 ? 15  HIS A CG  1 
ATOM   115  N  ND1 . HIS A 1 15  ? 6.998   -7.370  -6.172  1.00 28.56 ? 15  HIS A ND1 1 
ATOM   116  C  CD2 . HIS A 1 15  ? 5.642   -7.922  -7.795  1.00 22.35 ? 15  HIS A CD2 1 
ATOM   117  C  CE1 . HIS A 1 15  ? 6.696   -8.649  -6.020  1.00 20.09 ? 15  HIS A CE1 1 
ATOM   118  N  NE2 . HIS A 1 15  ? 5.908   -9.013  -7.011  1.00 24.90 ? 15  HIS A NE2 1 
ATOM   119  N  N   . GLY A 1 16  ? 8.192   -2.937  -9.528  1.00 21.01 ? 16  GLY A N   1 
ATOM   120  C  CA  . GLY A 1 16  ? 8.066   -1.779  -10.410 1.00 18.89 ? 16  GLY A CA  1 
ATOM   121  C  C   . GLY A 1 16  ? 7.398   -0.573  -9.794  1.00 23.79 ? 16  GLY A C   1 
ATOM   122  O  O   . GLY A 1 16  ? 6.879   0.263   -10.541 1.00 23.25 ? 16  GLY A O   1 
ATOM   123  N  N   . LEU A 1 17  ? 7.394   -0.455  -8.463  0.84 20.99 ? 17  LEU A N   1 
ATOM   124  C  CA  . LEU A 1 17  ? 6.821   0.719   -7.795  0.84 20.21 ? 17  LEU A CA  1 
ATOM   125  C  C   . LEU A 1 17  ? 7.774   1.893   -7.710  0.84 22.59 ? 17  LEU A C   1 
ATOM   126  O  O   . LEU A 1 17  ? 7.314   3.028   -7.511  0.84 25.33 ? 17  LEU A O   1 
ATOM   127  C  CB  . LEU A 1 17  ? 6.420   0.380   -6.355  0.84 21.44 ? 17  LEU A CB  1 
ATOM   128  C  CG  . LEU A 1 17  ? 5.022   -0.169  -6.170  0.84 23.27 ? 17  LEU A CG  1 
ATOM   129  C  CD1 . LEU A 1 17  ? 4.709   -0.317  -4.677  0.84 22.13 ? 17  LEU A CD1 1 
ATOM   130  C  CD2 . LEU A 1 17  ? 3.988   0.720   -6.863  0.84 21.90 ? 17  LEU A CD2 1 
ATOM   131  N  N   . ASP A 1 18  ? 9.082   1.661   -7.790  1.00 22.25 ? 18  ASP A N   1 
ATOM   132  C  CA  . ASP A 1 18  ? 10.048  2.749   -7.686  1.00 24.22 ? 18  ASP A CA  1 
ATOM   133  C  C   . ASP A 1 18  ? 9.900   3.791   -8.788  1.00 28.73 ? 18  ASP A C   1 
ATOM   134  O  O   . ASP A 1 18  ? 10.179  3.528   -9.956  1.00 28.44 ? 18  ASP A O   1 
ATOM   135  C  CB  . ASP A 1 18  ? 11.465  2.202   -7.565  1.00 26.38 ? 18  ASP A CB  1 
ATOM   136  C  CG  . ASP A 1 18  ? 11.867  1.383   -8.774  1.00 34.15 ? 18  ASP A CG  1 
ATOM   137  O  OD1 . ASP A 1 18  ? 12.913  1.685   -9.377  1.00 37.79 ? 18  ASP A OD1 1 
ATOM   138  O  OD2 . ASP A 1 18  ? 11.155  0.391   -9.095  1.00 36.80 ? 18  ASP A OD2 1 
ATOM   139  N  N   . ASN A 1 19  ? 9.441   4.975   -8.411  1.00 25.00 ? 19  ASN A N   1 
ATOM   140  C  CA  . ASN A 1 19  ? 9.140   6.067   -9.334  1.00 25.33 ? 19  ASN A CA  1 
ATOM   141  C  C   . ASN A 1 19  ? 7.888   5.803   -10.156 1.00 24.41 ? 19  ASN A C   1 
ATOM   142  O  O   . ASN A 1 19  ? 7.674   6.457   -11.195 1.00 27.15 ? 19  ASN A O   1 
ATOM   143  C  CB  . ASN A 1 19  ? 10.337  6.408   -10.230 1.00 29.46 ? 19  ASN A CB  1 
ATOM   144  C  CG  . ASN A 1 19  ? 11.506  6.940   -9.435  1.00 31.65 ? 19  ASN A CG  1 
ATOM   145  O  OD1 . ASN A 1 19  ? 11.328  7.586   -8.404  1.00 35.91 ? 19  ASN A OD1 1 
ATOM   146  N  ND2 . ASN A 1 19  ? 12.716  6.613   -9.874  1.00 42.85 ? 19  ASN A ND2 1 
ATOM   147  N  N   . TYR A 1 20  ? 7.040   4.859   -9.727  1.00 22.20 ? 20  TYR A N   1 
ATOM   148  C  CA  . TYR A 1 20  ? 5.780   4.631   -10.413 1.00 20.83 ? 20  TYR A CA  1 
ATOM   149  C  C   . TYR A 1 20  ? 4.918   5.864   -10.251 1.00 25.99 ? 20  TYR A C   1 
ATOM   150  O  O   . TYR A 1 20  ? 4.686   6.326   -9.127  1.00 21.42 ? 20  TYR A O   1 
ATOM   151  C  CB  . TYR A 1 20  ? 5.047   3.412   -9.836  1.00 21.11 ? 20  TYR A CB  1 
ATOM   152  C  CG  . TYR A 1 20  ? 3.887   2.972   -10.702 1.00 23.07 ? 20  TYR A CG  1 
ATOM   153  C  CD1 . TYR A 1 20  ? 4.083   2.079   -11.745 1.00 30.54 ? 20  TYR A CD1 1 
ATOM   154  C  CD2 . TYR A 1 20  ? 2.586   3.436   -10.475 1.00 20.29 ? 20  TYR A CD2 1 
ATOM   155  C  CE1 . TYR A 1 20  ? 3.038   1.675   -12.542 1.00 31.72 ? 20  TYR A CE1 1 
ATOM   156  C  CE2 . TYR A 1 20  ? 1.542   3.049   -11.264 1.00 24.47 ? 20  TYR A CE2 1 
ATOM   157  C  CZ  . TYR A 1 20  ? 1.775   2.153   -12.306 1.00 28.80 ? 20  TYR A CZ  1 
ATOM   158  O  OH  . TYR A 1 20  ? 0.762   1.719   -13.132 1.00 33.40 ? 20  TYR A OH  1 
ATOM   159  N  N   . ARG A 1 21  ? 4.463   6.400   -11.381 1.00 23.70 ? 21  ARG A N   1 
ATOM   160  C  CA  . ARG A 1 21  ? 3.732   7.668   -11.438 1.00 25.60 ? 21  ARG A CA  1 
ATOM   161  C  C   . ARG A 1 21  ? 4.485   8.787   -10.740 1.00 23.43 ? 21  ARG A C   1 
ATOM   162  O  O   . ARG A 1 21  ? 3.870   9.717   -10.207 1.00 22.87 ? 21  ARG A O   1 
ATOM   163  C  CB  . ARG A 1 21  ? 2.350   7.551   -10.827 1.00 24.76 ? 21  ARG A CB  1 
ATOM   164  C  CG  . ARG A 1 21  ? 1.425   6.711   -11.607 0.77 26.20 ? 21  ARG A CG  1 
ATOM   165  C  CD  . ARG A 1 21  ? 0.073   7.332   -11.762 0.69 28.36 ? 21  ARG A CD  1 
ATOM   166  N  NE  . ARG A 1 21  ? -0.651  6.472   -12.677 0.58 29.61 ? 21  ARG A NE  1 
ATOM   167  C  CZ  . ARG A 1 21  ? -0.676  6.573   -13.993 0.72 31.50 ? 21  ARG A CZ  1 
ATOM   168  N  NH1 . ARG A 1 21  ? -0.205  7.641   -14.620 0.71 33.04 ? 21  ARG A NH1 1 
ATOM   169  N  NH2 . ARG A 1 21  ? -1.187  5.571   -14.693 0.88 30.73 ? 21  ARG A NH2 1 
ATOM   170  N  N   . GLY A 1 22  ? 5.809   8.707   -10.728 1.00 23.59 ? 22  GLY A N   1 
ATOM   171  C  CA  . GLY A 1 22  ? 6.636   9.727   -10.126 1.00 24.06 ? 22  GLY A CA  1 
ATOM   172  C  C   . GLY A 1 22  ? 6.845   9.620   -8.634  1.00 22.49 ? 22  GLY A C   1 
ATOM   173  O  O   . GLY A 1 22  ? 7.471   10.510  -8.048  1.00 23.59 ? 22  GLY A O   1 
ATOM   174  N  N   . TYR A 1 23  ? 6.368   8.549   -7.993  1.00 19.71 ? 23  TYR A N   1 
ATOM   175  C  CA  . TYR A 1 23  ? 6.550   8.389   -6.554  1.00 19.60 ? 23  TYR A CA  1 
ATOM   176  C  C   . TYR A 1 23  ? 7.778   7.528   -6.262  1.00 18.22 ? 23  TYR A C   1 
ATOM   177  O  O   . TYR A 1 23  ? 7.791   6.330   -6.581  1.00 22.12 ? 23  TYR A O   1 
ATOM   178  C  CB  . TYR A 1 23  ? 5.309   7.793   -5.905  1.00 17.75 ? 23  TYR A CB  1 
ATOM   179  C  CG  . TYR A 1 23  ? 4.169   8.775   -5.922  1.00 15.72 ? 23  TYR A CG  1 
ATOM   180  C  CD1 . TYR A 1 23  ? 4.014   9.703   -4.901  1.00 15.99 ? 23  TYR A CD1 1 
ATOM   181  C  CD2 . TYR A 1 23  ? 3.268   8.810   -6.985  1.00 15.25 ? 23  TYR A CD2 1 
ATOM   182  C  CE1 . TYR A 1 23  ? 2.942   10.616  -4.928  1.00 16.34 ? 23  TYR A CE1 1 
ATOM   183  C  CE2 . TYR A 1 23  ? 2.222   9.730   -7.031  1.00 17.72 ? 23  TYR A CE2 1 
ATOM   184  C  CZ  . TYR A 1 23  ? 2.079   10.650  -5.995  1.00 15.06 ? 23  TYR A CZ  1 
ATOM   185  O  OH  . TYR A 1 23  ? 1.036   11.542  -6.030  1.00 17.79 ? 23  TYR A OH  1 
ATOM   186  N  N   . SER A 1 24  ? 8.795   8.143   -5.651  1.00 20.75 ? 24  SER A N   1 
ATOM   187  C  CA  . SER A 1 24  ? 10.034  7.449   -5.318  1.00 20.08 ? 24  SER A CA  1 
ATOM   188  C  C   . SER A 1 24  ? 9.776   6.373   -4.278  1.00 20.78 ? 24  SER A C   1 
ATOM   189  O  O   . SER A 1 24  ? 8.809   6.414   -3.518  1.00 20.55 ? 24  SER A O   1 
ATOM   190  C  CB  . SER A 1 24  ? 11.079  8.441   -4.807  1.00 27.00 ? 24  SER A CB  1 
ATOM   191  O  OG  . SER A 1 24  ? 10.781  8.894   -3.495  1.00 23.62 ? 24  SER A OG  1 
ATOM   192  N  N   . LEU A 1 25  ? 10.675  5.388   -4.246  1.00 20.53 ? 25  LEU A N   1 
ATOM   193  C  CA  . LEU A 1 25  ? 10.516  4.234   -3.362  1.00 15.14 ? 25  LEU A CA  1 
ATOM   194  C  C   . LEU A 1 25  ? 10.327  4.647   -1.906  1.00 19.82 ? 25  LEU A C   1 
ATOM   195  O  O   . LEU A 1 25  ? 9.536   4.034   -1.181  1.00 18.57 ? 25  LEU A O   1 
ATOM   196  C  CB  . LEU A 1 25  ? 11.745  3.344   -3.544  1.00 20.64 ? 25  LEU A CB  1 
ATOM   197  C  CG  . LEU A 1 25  ? 11.726  1.941   -2.994  1.00 21.66 ? 25  LEU A CG  1 
ATOM   198  C  CD1 . LEU A 1 25  ? 10.567  1.105   -3.615  1.00 21.54 ? 25  LEU A CD1 1 
ATOM   199  C  CD2 . LEU A 1 25  ? 13.057  1.297   -3.309  1.00 22.99 ? 25  LEU A CD2 1 
ATOM   200  N  N   . GLY A 1 26  ? 11.008  5.707   -1.457  1.00 16.39 ? 26  GLY A N   1 
ATOM   201  C  CA  . GLY A 1 26  ? 10.818  6.151   -0.095  1.00 18.85 ? 26  GLY A CA  1 
ATOM   202  C  C   . GLY A 1 26  ? 9.377   6.501   0.218   1.00 14.48 ? 26  GLY A C   1 
ATOM   203  O  O   . GLY A 1 26  ? 8.924   6.301   1.342   1.00 16.33 ? 26  GLY A O   1 
ATOM   204  N  N   . ASN A 1 27  ? 8.644   7.024   -0.766  1.00 18.49 ? 27  ASN A N   1 
ATOM   205  C  CA  . ASN A 1 27  ? 7.227   7.316   -0.557  1.00 16.03 ? 27  ASN A CA  1 
ATOM   206  C  C   . ASN A 1 27  ? 6.436   6.054   -0.258  1.00 14.99 ? 27  ASN A C   1 
ATOM   207  O  O   . ASN A 1 27  ? 5.581   6.051   0.629   1.00 17.23 ? 27  ASN A O   1 
ATOM   208  C  CB  . ASN A 1 27  ? 6.630   7.986   -1.785  1.00 18.51 ? 27  ASN A CB  1 
ATOM   209  C  CG  . ASN A 1 27  ? 7.016   9.428   -1.874  1.00 19.34 ? 27  ASN A CG  1 
ATOM   210  O  OD1 . ASN A 1 27  ? 6.512   10.257  -1.100  1.00 17.59 ? 27  ASN A OD1 1 
ATOM   211  N  ND2 . ASN A 1 27  ? 7.964   9.730   -2.761  1.00 23.92 ? 27  ASN A ND2 1 
ATOM   212  N  N   . TRP A 1 28  ? 6.739   4.968   -0.974  1.00 16.22 ? 28  TRP A N   1 
ATOM   213  C  CA  . TRP A 1 28  ? 5.986   3.718   -0.814  1.00 15.55 ? 28  TRP A CA  1 
ATOM   214  C  C   . TRP A 1 28  ? 6.343   3.015   0.487   1.00 15.95 ? 28  TRP A C   1 
ATOM   215  O  O   . TRP A 1 28  ? 5.470   2.431   1.144   1.00 16.80 ? 28  TRP A O   1 
ATOM   216  C  CB  . TRP A 1 28  ? 6.275   2.793   -1.990  1.00 17.82 ? 28  TRP A CB  1 
ATOM   217  C  CG  . TRP A 1 28  ? 5.774   3.336   -3.261  1.00 16.25 ? 28  TRP A CG  1 
ATOM   218  C  CD1 . TRP A 1 28  ? 6.503   3.925   -4.242  1.00 17.80 ? 28  TRP A CD1 1 
ATOM   219  C  CD2 . TRP A 1 28  ? 4.410   3.355   -3.696  1.00 17.03 ? 28  TRP A CD2 1 
ATOM   220  N  NE1 . TRP A 1 28  ? 5.680   4.317   -5.270  1.00 17.81 ? 28  TRP A NE1 1 
ATOM   221  C  CE2 . TRP A 1 28  ? 4.385   3.997   -4.950  1.00 18.42 ? 28  TRP A CE2 1 
ATOM   222  C  CE3 . TRP A 1 28  ? 3.204   2.915   -3.135  1.00 18.66 ? 28  TRP A CE3 1 
ATOM   223  C  CZ2 . TRP A 1 28  ? 3.201   4.172   -5.679  1.00 19.75 ? 28  TRP A CZ2 1 
ATOM   224  C  CZ3 . TRP A 1 28  ? 2.028   3.102   -3.848  1.00 21.91 ? 28  TRP A CZ3 1 
ATOM   225  C  CH2 . TRP A 1 28  ? 2.035   3.729   -5.110  1.00 21.38 ? 28  TRP A CH2 1 
ATOM   226  N  N   . VAL A 1 29  ? 7.612   3.093   0.891   1.00 14.90 ? 29  VAL A N   1 
ATOM   227  C  CA  . VAL A 1 29  ? 8.066   2.523   2.147   1.00 15.04 ? 29  VAL A CA  1 
ATOM   228  C  C   . VAL A 1 29  ? 7.513   3.323   3.314   1.00 17.48 ? 29  VAL A C   1 
ATOM   229  O  O   . VAL A 1 29  ? 7.011   2.745   4.279   1.00 16.12 ? 29  VAL A O   1 
ATOM   230  C  CB  . VAL A 1 29  ? 9.605   2.449   2.164   1.00 18.14 ? 29  VAL A CB  1 
ATOM   231  C  CG1 . VAL A 1 29  ? 10.120  1.964   3.516   1.00 17.83 ? 29  VAL A CG1 1 
ATOM   232  C  CG2 . VAL A 1 29  ? 10.118  1.537   1.060   1.00 18.89 ? 29  VAL A CG2 1 
ATOM   233  N  N   . CYS A 1 30  ? 7.572   4.662   3.233   1.00 16.16 ? 30  CYS A N   1 
ATOM   234  C  CA  . CYS A 1 30  ? 6.952   5.517   4.245   1.00 15.11 ? 30  CYS A CA  1 
ATOM   235  C  C   . CYS A 1 30  ? 5.466   5.199   4.395   1.00 15.14 ? 30  CYS A C   1 
ATOM   236  O  O   . CYS A 1 30  ? 4.970   5.034   5.514   1.00 15.99 ? 30  CYS A O   1 
ATOM   237  C  CB  . CYS A 1 30  ? 7.169   6.986   3.862   1.00 16.74 ? 30  CYS A CB  1 
ATOM   238  S  SG  . CYS A 1 30  ? 6.576   8.135   5.108   1.00 18.66 ? 30  CYS A SG  1 
ATOM   239  N  N   . ALA A 1 31  ? 4.747   5.094   3.280   1.00 16.18 ? 31  ALA A N   1 
ATOM   240  C  CA  . ALA A 1 31  ? 3.320   4.791   3.395   1.00 17.60 ? 31  ALA A CA  1 
ATOM   241  C  C   . ALA A 1 31  ? 3.100   3.438   4.064   1.00 16.79 ? 31  ALA A C   1 
ATOM   242  O  O   . ALA A 1 31  ? 2.215   3.304   4.932   1.00 16.69 ? 31  ALA A O   1 
ATOM   243  C  CB  . ALA A 1 31  ? 2.653   4.817   2.023   1.00 19.64 ? 31  ALA A CB  1 
ATOM   244  N  N   . ALA A 1 32  ? 3.861   2.408   3.650   1.00 16.93 ? 32  ALA A N   1 
ATOM   245  C  CA  . ALA A 1 32  ? 3.653   1.079   4.227   1.00 14.47 ? 32  ALA A CA  1 
ATOM   246  C  C   . ALA A 1 32  ? 3.985   1.060   5.705   1.00 16.46 ? 32  ALA A C   1 
ATOM   247  O  O   . ALA A 1 32  ? 3.338   0.349   6.487   1.00 16.40 ? 32  ALA A O   1 
ATOM   248  C  CB  . ALA A 1 32  ? 4.496   0.056   3.484   1.00 17.83 ? 32  ALA A CB  1 
ATOM   249  N  N   . LYS A 1 33  ? 4.994   1.839   6.119   1.00 15.72 ? 33  LYS A N   1 
ATOM   250  C  CA  . LYS A 1 33  ? 5.327   1.872   7.535   1.00 15.39 ? 33  LYS A CA  1 
ATOM   251  C  C   . LYS A 1 33  ? 4.132   2.326   8.341   1.00 17.74 ? 33  LYS A C   1 
ATOM   252  O  O   . LYS A 1 33  ? 3.762   1.710   9.356   1.00 16.33 ? 33  LYS A O   1 
ATOM   253  C  CB  . LYS A 1 33  ? 6.492   2.824   7.771   1.00 15.66 ? 33  LYS A CB  1 
ATOM   254  C  CG  . LYS A 1 33  ? 6.715   3.123   9.238   1.00 20.08 ? 33  LYS A CG  1 
ATOM   255  C  CD  . LYS A 1 33  ? 7.287   1.952   9.972   1.00 21.67 ? 33  LYS A CD  1 
ATOM   256  C  CE  . LYS A 1 33  ? 7.491   2.316   11.455  1.00 29.71 ? 33  LYS A CE  1 
ATOM   257  N  NZ  . LYS A 1 33  ? 8.090   1.223   12.247  1.00 30.58 ? 33  LYS A NZ  1 
ATOM   258  N  N   . PHE A 1 34  ? 3.489   3.404   7.885   1.00 16.67 ? 34  PHE A N   1 
ATOM   259  C  CA  . PHE A 1 34  ? 2.435   3.999   8.686   1.00 18.49 ? 34  PHE A CA  1 
ATOM   260  C  C   . PHE A 1 34  ? 1.093   3.332   8.468   1.00 18.88 ? 34  PHE A C   1 
ATOM   261  O  O   . PHE A 1 34  ? 0.264   3.362   9.382   1.00 23.14 ? 34  PHE A O   1 
ATOM   262  C  CB  . PHE A 1 34  ? 2.423   5.523   8.498   1.00 16.84 ? 34  PHE A CB  1 
ATOM   263  C  CG  . PHE A 1 34  ? 3.686   6.168   8.992   1.00 18.08 ? 34  PHE A CG  1 
ATOM   264  C  CD1 . PHE A 1 34  ? 4.093   5.933   10.286  1.00 18.94 ? 34  PHE A CD1 1 
ATOM   265  C  CD2 . PHE A 1 34  ? 4.459   6.961   8.182   1.00 19.69 ? 34  PHE A CD2 1 
ATOM   266  C  CE1 . PHE A 1 34  ? 5.273   6.501   10.785  1.00 17.99 ? 34  PHE A CE1 1 
ATOM   267  C  CE2 . PHE A 1 34  ? 5.634   7.559   8.676   1.00 21.66 ? 34  PHE A CE2 1 
ATOM   268  C  CZ  . PHE A 1 34  ? 6.034   7.315   9.971   1.00 18.48 ? 34  PHE A CZ  1 
ATOM   269  N  N   . GLU A 1 35  ? 0.906   2.660   7.334   1.00 15.13 ? 35  GLU A N   1 
ATOM   270  C  CA  . GLU A 1 35  ? -0.347  1.942   7.089   1.00 15.41 ? 35  GLU A CA  1 
ATOM   271  C  C   . GLU A 1 35  ? -0.366  0.598   7.811   1.00 16.29 ? 35  GLU A C   1 
ATOM   272  O  O   . GLU A 1 35  ? -1.372  0.228   8.420   1.00 18.31 ? 35  GLU A O   1 
ATOM   273  C  CB  . GLU A 1 35  ? -0.499  1.704   5.584   1.00 19.04 ? 35  GLU A CB  1 
ATOM   274  C  CG  . GLU A 1 35  ? -0.814  2.953   4.744   1.00 17.08 ? 35  GLU A CG  1 
ATOM   275  C  CD  . GLU A 1 35  ? -2.197  3.574   5.017   1.00 21.62 ? 35  GLU A CD  1 
ATOM   276  O  OE1 . GLU A 1 35  ? -2.949  3.097   5.888   1.00 21.30 ? 35  GLU A OE1 1 
ATOM   277  O  OE2 . GLU A 1 35  ? -2.551  4.559   4.345   1.00 24.53 ? 35  GLU A OE2 1 
ATOM   278  N  N   . SER A 1 36  ? 0.742   -0.145  7.761   1.00 18.19 ? 36  SER A N   1 
ATOM   279  C  CA  . SER A 1 36  ? 0.741   -1.539  8.193   1.00 13.85 ? 36  SER A CA  1 
ATOM   280  C  C   . SER A 1 36  ? 1.918   -1.905  9.087   1.00 17.26 ? 36  SER A C   1 
ATOM   281  O  O   . SER A 1 36  ? 1.969   -3.044  9.560   1.00 18.69 ? 36  SER A O   1 
ATOM   282  C  CB  . SER A 1 36  ? 0.785   -2.459  6.968   1.00 16.76 ? 36  SER A CB  1 
ATOM   283  O  OG  . SER A 1 36  ? 2.032   -2.329  6.319   1.00 16.46 ? 36  SER A OG  1 
ATOM   284  N  N   . ASN A 1 37  ? 2.856   -0.990  9.336   1.00 15.27 ? 37  ASN A N   1 
ATOM   285  C  CA  . ASN A 1 37  ? 4.103   -1.339  10.022  1.00 15.64 ? 37  ASN A CA  1 
ATOM   286  C  C   . ASN A 1 37  ? 4.834   -2.469  9.313   1.00 16.16 ? 37  ASN A C   1 
ATOM   287  O  O   . ASN A 1 37  ? 5.499   -3.287  9.950   1.00 17.65 ? 37  ASN A O   1 
ATOM   288  C  CB  . ASN A 1 37  ? 3.865   -1.662  11.503  1.00 18.76 ? 37  ASN A CB  1 
ATOM   289  C  CG  . ASN A 1 37  ? 5.111   -1.524  12.336  1.00 24.83 ? 37  ASN A CG  1 
ATOM   290  O  OD1 . ASN A 1 37  ? 5.916   -0.653  12.101  1.00 26.03 ? 37  ASN A OD1 1 
ATOM   291  N  ND2 . ASN A 1 37  ? 5.271   -2.401  13.315  1.00 29.18 ? 37  ASN A ND2 1 
ATOM   292  N  N   . PHE A 1 38  ? 4.678   -2.540  7.986   1.00 17.19 ? 38  PHE A N   1 
ATOM   293  C  CA  . PHE A 1 38  ? 5.333   -3.524  7.133   1.00 14.91 ? 38  PHE A CA  1 
ATOM   294  C  C   . PHE A 1 38  ? 4.802   -4.945  7.327   1.00 14.54 ? 38  PHE A C   1 
ATOM   295  O  O   . PHE A 1 38  ? 5.477   -5.921  6.959   1.00 17.54 ? 38  PHE A O   1 
ATOM   296  C  CB  . PHE A 1 38  ? 6.855   -3.542  7.308   1.00 17.28 ? 38  PHE A CB  1 
ATOM   297  C  CG  . PHE A 1 38  ? 7.541   -2.184  7.168   1.00 16.50 ? 38  PHE A CG  1 
ATOM   298  C  CD1 . PHE A 1 38  ? 7.203   -1.262  6.189   1.00 17.35 ? 38  PHE A CD1 1 
ATOM   299  C  CD2 . PHE A 1 38  ? 8.574   -1.874  8.026   1.00 17.69 ? 38  PHE A CD2 1 
ATOM   300  C  CE1 . PHE A 1 38  ? 7.903   -0.042  6.074   1.00 17.90 ? 38  PHE A CE1 1 
ATOM   301  C  CE2 . PHE A 1 38  ? 9.281   -0.654  7.909   1.00 19.26 ? 38  PHE A CE2 1 
ATOM   302  C  CZ  . PHE A 1 38  ? 8.939   0.234   6.937   1.00 18.84 ? 38  PHE A CZ  1 
ATOM   303  N  N   . ASN A 1 39  ? 3.580   -5.068  7.816   1.00 15.90 ? 39  ASN A N   1 
ATOM   304  C  CA  . ASN A 1 39  ? 2.970   -6.360  8.150   1.00 16.71 ? 39  ASN A CA  1 
ATOM   305  C  C   . ASN A 1 39  ? 1.914   -6.691  7.091   1.00 16.92 ? 39  ASN A C   1 
ATOM   306  O  O   . ASN A 1 39  ? 0.882   -6.005  6.999   1.00 16.16 ? 39  ASN A O   1 
ATOM   307  C  CB  . ASN A 1 39  ? 2.360   -6.255  9.548   1.00 15.73 ? 39  ASN A CB  1 
ATOM   308  C  CG  . ASN A 1 39  ? 1.664   -7.524  9.983   1.00 17.17 ? 39  ASN A CG  1 
ATOM   309  O  OD1 . ASN A 1 39  ? 1.811   -8.581  9.378   1.00 16.73 ? 39  ASN A OD1 1 
ATOM   310  N  ND2 . ASN A 1 39  ? 0.921   -7.419  11.059  1.00 18.44 ? 39  ASN A ND2 1 
ATOM   311  N  N   . THR A 1 40  ? 2.180   -7.733  6.273   1.00 16.03 ? 40  THR A N   1 
ATOM   312  C  CA  . THR A 1 40  ? 1.213   -8.110  5.243   1.00 12.76 ? 40  THR A CA  1 
ATOM   313  C  C   . THR A 1 40  ? -0.146  -8.503  5.819   1.00 15.68 ? 40  THR A C   1 
ATOM   314  O  O   . THR A 1 40  ? -1.161  -8.387  5.113   1.00 17.18 ? 40  THR A O   1 
ATOM   315  C  CB  . THR A 1 40  ? 1.724   -9.243  4.357   1.00 18.12 ? 40  THR A CB  1 
ATOM   316  O  OG1 . THR A 1 40  ? 1.786   -10.455 5.120   1.00 21.14 ? 40  THR A OG1 1 
ATOM   317  C  CG2 . THR A 1 40  ? 3.112   -8.883  3.780   1.00 16.84 ? 40  THR A CG2 1 
ATOM   318  N  N   . GLN A 1 41  ? -0.206  -8.913  7.083   1.00 14.87 ? 41  GLN A N   1 
ATOM   319  C  CA  . GLN A 1 41  ? -1.466  -9.388  7.640   1.00 18.18 ? 41  GLN A CA  1 
ATOM   320  C  C   . GLN A 1 41  ? -2.325  -8.271  8.212   1.00 17.36 ? 41  GLN A C   1 
ATOM   321  O  O   . GLN A 1 41  ? -3.411  -8.542  8.734   1.00 17.20 ? 41  GLN A O   1 
ATOM   322  C  CB  . GLN A 1 41  ? -1.178  -10.446 8.718   1.00 17.07 ? 41  GLN A CB  1 
ATOM   323  C  CG  . GLN A 1 41  ? -0.510  -11.719 8.155   1.00 17.82 ? 41  GLN A CG  1 
ATOM   324  C  CD  . GLN A 1 41  ? -0.603  -12.863 9.132   1.00 21.80 ? 41  GLN A CD  1 
ATOM   325  O  OE1 . GLN A 1 41  ? 0.365   -13.254 9.782   1.00 21.85 ? 41  GLN A OE1 1 
ATOM   326  N  NE2 . GLN A 1 41  ? -1.792  -13.359 9.295   1.00 19.27 ? 41  GLN A NE2 1 
ATOM   327  N  N   . ALA A 1 42  ? -1.872  -7.024  8.166   1.00 14.69 ? 42  ALA A N   1 
ATOM   328  C  CA  . ALA A 1 42  ? -2.604  -5.972  8.849   1.00 14.04 ? 42  ALA A CA  1 
ATOM   329  C  C   . ALA A 1 42  ? -3.980  -5.763  8.234   1.00 15.14 ? 42  ALA A C   1 
ATOM   330  O  O   . ALA A 1 42  ? -4.124  -5.692  7.014   1.00 15.78 ? 42  ALA A O   1 
ATOM   331  C  CB  . ALA A 1 42  ? -1.788  -4.685  8.730   1.00 17.40 ? 42  ALA A CB  1 
ATOM   332  N  N   . THR A 1 43  ? -4.994  -5.621  9.102   1.00 17.96 ? 43  THR A N   1 
ATOM   333  C  CA  . THR A 1 43  ? -6.356  -5.303  8.687   1.00 18.44 ? 43  THR A CA  1 
ATOM   334  C  C   . THR A 1 43  ? -6.912  -4.260  9.642   1.00 19.39 ? 43  THR A C   1 
ATOM   335  O  O   . THR A 1 43  ? -6.664  -4.321  10.844  1.00 20.29 ? 43  THR A O   1 
ATOM   336  C  CB  . THR A 1 43  ? -7.292  -6.512  8.711   1.00 17.76 ? 43  THR A CB  1 
ATOM   337  O  OG1 . THR A 1 43  ? -7.395  -7.033  10.051  1.00 18.11 ? 43  THR A OG1 1 
ATOM   338  C  CG2 . THR A 1 43  ? -6.821  -7.628  7.735   1.00 17.07 ? 43  THR A CG2 1 
ATOM   339  N  N   . ASN A 1 44  ? -7.666  -3.303  9.111   1.00 18.82 ? 44  ASN A N   1 
ATOM   340  C  CA  . ASN A 1 44  ? -8.198  -2.247  9.970   1.00 21.04 ? 44  ASN A CA  1 
ATOM   341  C  C   . ASN A 1 44  ? -9.518  -1.750  9.424   1.00 21.82 ? 44  ASN A C   1 
ATOM   342  O  O   . ASN A 1 44  ? -9.598  -1.379  8.265   1.00 19.97 ? 44  ASN A O   1 
ATOM   343  C  CB  . ASN A 1 44  ? -7.229  -1.061  10.111  1.00 20.19 ? 44  ASN A CB  1 
ATOM   344  C  CG  . ASN A 1 44  ? -5.993  -1.426  10.913  1.00 22.71 ? 44  ASN A CG  1 
ATOM   345  O  OD1 . ASN A 1 44  ? -6.062  -1.594  12.135  1.00 27.74 ? 44  ASN A OD1 1 
ATOM   346  N  ND2 . ASN A 1 44  ? -4.876  -1.586  10.230  1.00 23.38 ? 44  ASN A ND2 1 
ATOM   347  N  N   . ARG A 1 45  ? -10.540 -1.716  10.266  1.00 23.39 ? 45  ARG A N   1 
ATOM   348  C  CA  . ARG A 1 45  ? -11.809 -1.153  9.835   1.00 23.21 ? 45  ARG A CA  1 
ATOM   349  C  C   . ARG A 1 45  ? -11.674 0.351   9.608   1.00 28.16 ? 45  ARG A C   1 
ATOM   350  O  O   . ARG A 1 45  ? -10.961 1.043   10.335  1.00 29.77 ? 45  ARG A O   1 
ATOM   351  C  CB  . ARG A 1 45  ? -12.848 -1.399  10.918  1.00 27.41 ? 45  ARG A CB  1 
ATOM   352  C  CG  . ARG A 1 45  ? -13.429 -2.741  10.806  1.00 34.01 ? 45  ARG A CG  1 
ATOM   353  C  CD  . ARG A 1 45  ? -14.683 -2.735  9.990   1.00 35.78 ? 45  ARG A CD  1 
ATOM   354  N  NE  . ARG A 1 45  ? -15.483 -3.841  10.494  1.00 34.06 ? 45  ARG A NE  1 
ATOM   355  C  CZ  . ARG A 1 45  ? -16.566 -4.322  9.912   1.00 31.47 ? 45  ARG A CZ  1 
ATOM   356  N  NH1 . ARG A 1 45  ? -17.015 -3.825  8.774   1.00 29.85 ? 45  ARG A NH1 1 
ATOM   357  N  NH2 . ARG A 1 45  ? -17.196 -5.350  10.475  1.00 30.06 ? 45  ARG A NH2 1 
ATOM   358  N  N   . ASN A 1 46  ? -12.368 0.854   8.591   1.00 27.68 ? 46  ASN A N   1 
ATOM   359  C  CA  . ASN A 1 46  ? -12.455 2.278   8.305   1.00 29.29 ? 46  ASN A CA  1 
ATOM   360  C  C   . ASN A 1 46  ? -13.756 2.817   8.880   1.00 26.95 ? 46  ASN A C   1 
ATOM   361  O  O   . ASN A 1 46  ? -14.670 2.059   9.212   1.00 27.42 ? 46  ASN A O   1 
ATOM   362  C  CB  . ASN A 1 46  ? -12.473 2.495   6.799   1.00 28.71 ? 46  ASN A CB  1 
ATOM   363  C  CG  . ASN A 1 46  ? -11.177 2.108   6.151   1.00 33.25 ? 46  ASN A CG  1 
ATOM   364  O  OD1 . ASN A 1 46  ? -10.106 2.550   6.572   1.00 39.44 ? 46  ASN A OD1 1 
ATOM   365  N  ND2 . ASN A 1 46  ? -11.258 1.257   5.134   1.00 29.23 ? 46  ASN A ND2 1 
ATOM   366  N  N   . THR A 1 47  ? -13.842 4.150   8.959   1.00 36.98 ? 47  THR A N   1 
ATOM   367  C  CA  . THR A 1 47  ? -15.059 4.766   9.485   1.00 35.21 ? 47  THR A CA  1 
ATOM   368  C  C   . THR A 1 47  ? -16.253 4.387   8.641   1.00 33.35 ? 47  THR A C   1 
ATOM   369  O  O   . THR A 1 47  ? -17.314 4.060   9.169   1.00 37.90 ? 47  THR A O   1 
ATOM   370  C  CB  . THR A 1 47  ? -14.949 6.281   9.459   1.00 38.17 ? 47  THR A CB  1 
ATOM   371  O  OG1 . THR A 1 47  ? -14.912 6.728   8.100   1.00 44.63 ? 47  THR A OG1 1 
ATOM   372  C  CG2 . THR A 1 47  ? -13.684 6.664   10.063  1.00 37.96 ? 47  THR A CG2 1 
ATOM   373  N  N   . ASP A 1 48  ? -16.094 4.409   7.324   1.00 26.17 ? 48  ASP A N   1 
ATOM   374  C  CA  . ASP A 1 48  ? -17.245 4.130   6.484   1.00 26.67 ? 48  ASP A CA  1 
ATOM   375  C  C   . ASP A 1 48  ? -17.709 2.697   6.538   1.00 29.82 ? 48  ASP A C   1 
ATOM   376  O  O   . ASP A 1 48  ? -18.637 2.345   5.787   1.00 26.93 ? 48  ASP A O   1 
ATOM   377  C  CB  . ASP A 1 48  ? -17.000 4.594   5.042   1.00 25.41 ? 48  ASP A CB  1 
ATOM   378  C  CG  . ASP A 1 48  ? -15.963 3.760   4.304   1.00 28.61 ? 48  ASP A CG  1 
ATOM   379  O  OD1 . ASP A 1 48  ? -15.381 2.830   4.899   1.00 26.33 ? 48  ASP A OD1 1 
ATOM   380  O  OD2 . ASP A 1 48  ? -15.710 4.072   3.122   1.00 31.54 ? 48  ASP A OD2 1 
ATOM   381  N  N   . GLY A 1 49  ? -17.140 1.830   7.385   1.00 27.70 ? 49  GLY A N   1 
ATOM   382  C  CA  . GLY A 1 49  ? -17.544 0.448   7.447   1.00 29.75 ? 49  GLY A CA  1 
ATOM   383  C  C   . GLY A 1 49  ? -16.735 -0.492  6.581   1.00 34.86 ? 49  GLY A C   1 
ATOM   384  O  O   . GLY A 1 49  ? -16.755 -1.706  6.820   1.00 31.24 ? 49  GLY A O   1 
ATOM   385  N  N   . SER A 1 50  ? -16.035 0.025   5.576   1.00 22.07 ? 50  SER A N   1 
ATOM   386  C  CA  . SER A 1 50  ? -15.121 -0.812  4.811   1.00 20.20 ? 50  SER A CA  1 
ATOM   387  C  C   . SER A 1 50  ? -13.930 -1.164  5.689   1.00 18.50 ? 50  SER A C   1 
ATOM   388  O  O   . SER A 1 50  ? -13.811 -0.726  6.832   1.00 19.91 ? 50  SER A O   1 
ATOM   389  C  CB  . SER A 1 50  ? -14.651 -0.098  3.537   1.00 19.64 ? 50  SER A CB  1 
ATOM   390  O  OG  . SER A 1 50  ? -13.839 1.028   3.820   1.00 20.09 ? 50  SER A OG  1 
ATOM   391  N  N   . THR A 1 51  ? -13.059 -2.003  5.150   1.00 17.42 ? 51  THR A N   1 
ATOM   392  C  CA  . THR A 1 51  ? -11.866 -2.448  5.854   1.00 18.65 ? 51  THR A CA  1 
ATOM   393  C  C   . THR A 1 51  ? -10.674 -2.319  4.913   1.00 17.88 ? 51  THR A C   1 
ATOM   394  O  O   . THR A 1 51  ? -10.802 -2.461  3.700   1.00 16.73 ? 51  THR A O   1 
ATOM   395  C  CB  . THR A 1 51  ? -12.079 -3.900  6.302   1.00 17.76 ? 51  THR A CB  1 
ATOM   396  O  OG1 . THR A 1 51  ? -13.199 -3.926  7.173   1.00 18.02 ? 51  THR A OG1 1 
ATOM   397  C  CG2 . THR A 1 51  ? -10.866 -4.453  7.062   1.00 18.81 ? 51  THR A CG2 1 
ATOM   398  N  N   . ASP A 1 52  ? -9.514  -1.998  5.488   1.00 18.67 ? 52  ASP A N   1 
ATOM   399  C  CA  . ASP A 1 52  ? -8.245  -1.883  4.776   1.00 18.02 ? 52  ASP A CA  1 
ATOM   400  C  C   . ASP A 1 52  ? -7.400  -3.119  5.038   1.00 18.20 ? 52  ASP A C   1 
ATOM   401  O  O   . ASP A 1 52  ? -7.342  -3.608  6.169   1.00 16.75 ? 52  ASP A O   1 
ATOM   402  C  CB  . ASP A 1 52  ? -7.472  -0.679  5.332   1.00 20.09 ? 52  ASP A CB  1 
ATOM   403  C  CG  . ASP A 1 52  ? -7.906  0.649   4.774   1.00 31.23 ? 52  ASP A CG  1 
ATOM   404  O  OD1 . ASP A 1 52  ? -8.843  0.710   3.975   1.00 24.47 ? 52  ASP A OD1 1 
ATOM   405  O  OD2 . ASP A 1 52  ? -7.329  1.665   5.226   1.00 34.84 ? 52  ASP A OD2 1 
ATOM   406  N  N   . TYR A 1 53  ? -6.719  -3.596  4.003   1.00 15.09 ? 53  TYR A N   1 
ATOM   407  C  CA  . TYR A 1 53  ? -6.048  -4.891  4.020   1.00 15.23 ? 53  TYR A CA  1 
ATOM   408  C  C   . TYR A 1 53  ? -4.619  -4.793  3.517   1.00 18.02 ? 53  TYR A C   1 
ATOM   409  O  O   . TYR A 1 53  ? -4.362  -4.189  2.467   1.00 18.94 ? 53  TYR A O   1 
ATOM   410  C  CB  . TYR A 1 53  ? -6.771  -5.887  3.107   1.00 15.71 ? 53  TYR A CB  1 
ATOM   411  C  CG  . TYR A 1 53  ? -8.151  -6.193  3.584   1.00 18.11 ? 53  TYR A CG  1 
ATOM   412  C  CD1 . TYR A 1 53  ? -9.232  -5.374  3.256   1.00 17.01 ? 53  TYR A CD1 1 
ATOM   413  C  CD2 . TYR A 1 53  ? -8.385  -7.318  4.384   1.00 17.28 ? 53  TYR A CD2 1 
ATOM   414  C  CE1 . TYR A 1 53  ? -10.508 -5.659  3.717   1.00 17.03 ? 53  TYR A CE1 1 
ATOM   415  C  CE2 . TYR A 1 53  ? -9.660  -7.609  4.843   1.00 15.75 ? 53  TYR A CE2 1 
ATOM   416  C  CZ  . TYR A 1 53  ? -10.707 -6.782  4.504   1.00 17.80 ? 53  TYR A CZ  1 
ATOM   417  O  OH  . TYR A 1 53  ? -11.965 -7.073  4.981   1.00 16.23 ? 53  TYR A OH  1 
ATOM   418  N  N   . GLY A 1 54  ? -3.709  -5.421  4.254   1.00 17.22 ? 54  GLY A N   1 
ATOM   419  C  CA  . GLY A 1 54  ? -2.369  -5.700  3.756   1.00 16.81 ? 54  GLY A CA  1 
ATOM   420  C  C   . GLY A 1 54  ? -1.389  -4.559  4.000   1.00 16.08 ? 54  GLY A C   1 
ATOM   421  O  O   . GLY A 1 54  ? -1.638  -3.567  4.686   1.00 15.90 ? 54  GLY A O   1 
ATOM   422  N  N   . ILE A 1 55  ? -0.227  -4.744  3.362   1.00 20.88 ? 55  ILE A N   1 
ATOM   423  C  CA  . ILE A 1 55  ? 0.933   -3.868  3.547   1.00 21.34 ? 55  ILE A CA  1 
ATOM   424  C  C   . ILE A 1 55  ? 0.618   -2.414  3.226   1.00 23.40 ? 55  ILE A C   1 
ATOM   425  O  O   . ILE A 1 55  ? 1.153   -1.497  3.865   1.00 22.54 ? 55  ILE A O   1 
ATOM   426  C  CB  . ILE A 1 55  ? 2.086   -4.429  2.685   1.00 27.80 ? 55  ILE A CB  1 
ATOM   427  C  CG1 . ILE A 1 55  ? 3.449   -3.941  3.192   1.00 33.93 ? 55  ILE A CG1 1 
ATOM   428  C  CG2 . ILE A 1 55  ? 1.833   -4.198  1.192   1.00 26.58 ? 55  ILE A CG2 1 
ATOM   429  C  CD1 . ILE A 1 55  ? 4.091   -4.911  4.102   1.00 28.83 ? 55  ILE A CD1 1 
ATOM   430  N  N   . LEU A 1 56  ? -0.273  -2.173  2.261   1.00 22.78 ? 56  LEU A N   1 
ATOM   431  C  CA  . LEU A 1 56  ? -0.665  -0.825  1.884   1.00 25.40 ? 56  LEU A CA  1 
ATOM   432  C  C   . LEU A 1 56  ? -2.122  -0.515  2.207   1.00 23.75 ? 56  LEU A C   1 
ATOM   433  O  O   . LEU A 1 56  ? -2.652  0.496   1.747   1.00 20.81 ? 56  LEU A O   1 
ATOM   434  C  CB  . LEU A 1 56  ? -0.345  -0.574  0.409   1.00 21.50 ? 56  LEU A CB  1 
ATOM   435  C  CG  . LEU A 1 56  ? 1.134   -0.247  0.114   1.00 21.68 ? 56  LEU A CG  1 
ATOM   436  C  CD1 . LEU A 1 56  ? 1.425   -0.321  -1.366  1.00 28.38 ? 56  LEU A CD1 1 
ATOM   437  C  CD2 . LEU A 1 56  ? 1.505   1.118   0.687   1.00 23.49 ? 56  LEU A CD2 1 
ATOM   438  N  N   . GLN A 1 57  ? -2.784  -1.345  3.016   1.00 18.57 ? 57  GLN A N   1 
ATOM   439  C  CA  . GLN A 1 57  ? -4.079  -0.982  3.590   1.00 20.75 ? 57  GLN A CA  1 
ATOM   440  C  C   . GLN A 1 57  ? -5.090  -0.617  2.511   1.00 21.87 ? 57  GLN A C   1 
ATOM   441  O  O   . GLN A 1 57  ? -5.725  0.444   2.546   1.00 22.74 ? 57  GLN A O   1 
ATOM   442  C  CB  . GLN A 1 57  ? -3.953  0.099   4.664   1.00 20.78 ? 57  GLN A CB  1 
ATOM   443  C  CG  . GLN A 1 57  ? -3.286  -0.449  5.921   1.00 18.45 ? 57  GLN A CG  1 
ATOM   444  C  CD  . GLN A 1 57  ? -4.184  -1.451  6.631   1.00 17.50 ? 57  GLN A CD  1 
ATOM   445  O  OE1 . GLN A 1 57  ? -5.054  -1.056  7.388   1.00 20.57 ? 57  GLN A OE1 1 
ATOM   446  N  NE2 . GLN A 1 57  ? -3.959  -2.756  6.393   1.00 18.22 ? 57  GLN A NE2 1 
ATOM   447  N  N   . ILE A 1 58  ? -5.232  -1.538  1.560   1.00 18.80 ? 58  ILE A N   1 
ATOM   448  C  CA  . ILE A 1 58  ? -6.121  -1.372  0.413   1.00 19.41 ? 58  ILE A CA  1 
ATOM   449  C  C   . ILE A 1 58  ? -7.567  -1.627  0.828   1.00 22.90 ? 58  ILE A C   1 
ATOM   450  O  O   . ILE A 1 58  ? -7.870  -2.615  1.503   1.00 17.23 ? 58  ILE A O   1 
ATOM   451  C  CB  . ILE A 1 58  ? -5.651  -2.287  -0.720  1.00 19.72 ? 58  ILE A CB  1 
ATOM   452  C  CG1 . ILE A 1 58  ? -4.325  -1.720  -1.257  1.00 25.20 ? 58  ILE A CG1 1 
ATOM   453  C  CG2 . ILE A 1 58  ? -6.701  -2.412  -1.800  1.00 22.27 ? 58  ILE A CG2 1 
ATOM   454  C  CD1 . ILE A 1 58  ? -3.599  -2.627  -2.193  1.00 28.67 ? 58  ILE A CD1 1 
ATOM   455  N  N   . ASN A 1 59  ? -8.474  -0.716  0.458   1.00 19.78 ? 59  ASN A N   1 
ATOM   456  C  CA  . ASN A 1 59  ? -9.800  -0.794  1.057   1.00 22.17 ? 59  ASN A CA  1 
ATOM   457  C  C   . ASN A 1 59  ? -10.796 -1.596  0.225   1.00 23.76 ? 59  ASN A C   1 
ATOM   458  O  O   . ASN A 1 59  ? -10.681 -1.750  -0.994  1.00 21.08 ? 59  ASN A O   1 
ATOM   459  C  CB  . ASN A 1 59  ? -10.410 0.576   1.388   1.00 26.23 ? 59  ASN A CB  1 
ATOM   460  C  CG  . ASN A 1 59  ? -10.927 1.285   0.170   1.00 33.00 ? 59  ASN A CG  1 
ATOM   461  O  OD1 . ASN A 1 59  ? -12.030 0.998   -0.294  1.00 28.93 ? 59  ASN A OD1 1 
ATOM   462  N  ND2 . ASN A 1 59  ? -10.171 2.249   -0.325  1.00 38.07 ? 59  ASN A ND2 1 
ATOM   463  N  N   . SER A 1 60  ? -11.805 -2.100  0.922   1.00 18.80 ? 60  SER A N   1 
ATOM   464  C  CA  . SER A 1 60  ? -12.782 -3.014  0.361   1.00 19.47 ? 60  SER A CA  1 
ATOM   465  C  C   . SER A 1 60  ? -13.996 -2.324  -0.230  1.00 22.89 ? 60  SER A C   1 
ATOM   466  O  O   . SER A 1 60  ? -14.897 -3.011  -0.720  1.00 24.75 ? 60  SER A O   1 
ATOM   467  C  CB  . SER A 1 60  ? -13.240 -3.958  1.469   1.00 18.83 ? 60  SER A CB  1 
ATOM   468  O  OG  . SER A 1 60  ? -13.867 -3.210  2.510   1.00 18.98 ? 60  SER A OG  1 
ATOM   469  N  N   . ARG A 1 61  ? -14.054 -1.003  -0.168  1.00 23.96 ? 61  ARG A N   1 
ATOM   470  C  CA  . ARG A 1 61  ? -15.135 -0.270  -0.818  1.00 24.13 ? 61  ARG A CA  1 
ATOM   471  C  C   . ARG A 1 61  ? -14.884 -0.156  -2.310  1.00 24.26 ? 61  ARG A C   1 
ATOM   472  O  O   . ARG A 1 61  ? -15.795 -0.355  -3.123  1.00 26.90 ? 61  ARG A O   1 
ATOM   473  C  CB  . ARG A 1 61  ? -15.182 1.126   -0.222  1.00 23.40 ? 61  ARG A CB  1 
ATOM   474  C  CG  . ARG A 1 61  ? -16.266 2.065   -0.736  0.40 28.91 ? 61  ARG A CG  1 
ATOM   475  C  CD  . ARG A 1 61  ? -17.657 1.513   -0.562  0.37 30.44 ? 61  ARG A CD  1 
ATOM   476  N  NE  . ARG A 1 61  ? -17.915 1.189   0.834   0.35 32.32 ? 61  ARG A NE  1 
ATOM   477  C  CZ  . ARG A 1 61  ? -18.336 2.062   1.739   0.43 33.18 ? 61  ARG A CZ  1 
ATOM   478  N  NH1 . ARG A 1 61  ? -18.551 3.332   1.428   0.42 32.73 ? 61  ARG A NH1 1 
ATOM   479  N  NH2 . ARG A 1 61  ? -18.538 1.654   2.988   0.61 34.84 ? 61  ARG A NH2 1 
ATOM   480  N  N   . TRP A 1 62  ? -13.656 0.147   -2.703  1.00 22.76 ? 62  TRP A N   1 
ATOM   481  C  CA  . TRP A 1 62  ? -13.386 0.324   -4.118  1.00 22.71 ? 62  TRP A CA  1 
ATOM   482  C  C   . TRP A 1 62  ? -12.525 -0.763  -4.723  1.00 22.10 ? 62  TRP A C   1 
ATOM   483  O  O   . TRP A 1 62  ? -12.658 -1.028  -5.915  1.00 23.24 ? 62  TRP A O   1 
ATOM   484  C  CB  . TRP A 1 62  ? -12.711 1.682   -4.378  1.00 25.71 ? 62  TRP A CB  1 
ATOM   485  C  CG  . TRP A 1 62  ? -13.705 2.805   -4.431  1.00 28.49 ? 62  TRP A CG  1 
ATOM   486  C  CD1 . TRP A 1 62  ? -14.461 3.275   -3.401  0.66 35.57 ? 62  TRP A CD1 1 
ATOM   487  C  CD2 . TRP A 1 62  ? -14.102 3.542   -5.588  0.69 36.28 ? 62  TRP A CD2 1 
ATOM   488  N  NE1 . TRP A 1 62  ? -15.273 4.296   -3.836  0.65 35.78 ? 62  TRP A NE1 1 
ATOM   489  C  CE2 . TRP A 1 62  ? -15.077 4.472   -5.178  0.72 37.89 ? 62  TRP A CE2 1 
ATOM   490  C  CE3 . TRP A 1 62  ? -13.716 3.518   -6.932  0.48 37.20 ? 62  TRP A CE3 1 
ATOM   491  C  CZ2 . TRP A 1 62  ? -15.665 5.371   -6.059  0.36 43.13 ? 62  TRP A CZ2 1 
ATOM   492  C  CZ3 . TRP A 1 62  ? -14.305 4.412   -7.808  0.41 43.63 ? 62  TRP A CZ3 1 
ATOM   493  C  CH2 . TRP A 1 62  ? -15.269 5.325   -7.369  0.25 46.16 ? 62  TRP A CH2 1 
ATOM   494  N  N   . TRP A 1 63  ? -11.662 -1.424  -3.949  1.00 19.72 ? 63  TRP A N   1 
ATOM   495  C  CA  . TRP A 1 63  ? -10.553 -2.062  -4.631  1.00 19.26 ? 63  TRP A CA  1 
ATOM   496  C  C   . TRP A 1 63  ? -10.571 -3.587  -4.546  1.00 19.49 ? 63  TRP A C   1 
ATOM   497  O  O   . TRP A 1 63  ? -10.156 -4.259  -5.483  1.00 19.96 ? 63  TRP A O   1 
ATOM   498  C  CB  . TRP A 1 63  ? -9.250  -1.562  -4.009  1.00 18.51 ? 63  TRP A CB  1 
ATOM   499  C  CG  . TRP A 1 63  ? -9.077  -0.091  -4.198  1.00 19.77 ? 63  TRP A CG  1 
ATOM   500  C  CD1 . TRP A 1 63  ? -9.346  0.845   -3.254  1.00 20.17 ? 63  TRP A CD1 1 
ATOM   501  C  CD2 . TRP A 1 63  ? -9.033  0.638   -5.457  1.00 19.68 ? 63  TRP A CD2 1 
ATOM   502  N  NE1 . TRP A 1 63  ? -9.221  2.117   -3.780  1.00 24.74 ? 63  TRP A NE1 1 
ATOM   503  C  CE2 . TRP A 1 63  ? -9.073  2.014   -5.133  1.00 21.24 ? 63  TRP A CE2 1 
ATOM   504  C  CE3 . TRP A 1 63  ? -8.870  0.265   -6.798  1.00 21.83 ? 63  TRP A CE3 1 
ATOM   505  C  CZ2 . TRP A 1 63  ? -8.955  3.018   -6.098  1.00 24.32 ? 63  TRP A CZ2 1 
ATOM   506  C  CZ3 . TRP A 1 63  ? -8.743  1.293   -7.769  1.00 21.92 ? 63  TRP A CZ3 1 
ATOM   507  C  CH2 . TRP A 1 63  ? -8.801  2.635   -7.393  1.00 20.69 ? 63  TRP A CH2 1 
ATOM   508  N  N   . CYS A 1 64  ? -10.996 -4.174  -3.423  1.00 20.01 ? 64  CYS A N   1 
ATOM   509  C  CA  . CYS A 1 64  ? -10.987 -5.626  -3.266  1.00 18.61 ? 64  CYS A CA  1 
ATOM   510  C  C   . CYS A 1 64  ? -12.324 -6.026  -2.664  1.00 17.76 ? 64  CYS A C   1 
ATOM   511  O  O   . CYS A 1 64  ? -13.039 -5.196  -2.098  1.00 18.36 ? 64  CYS A O   1 
ATOM   512  C  CB  . CYS A 1 64  ? -9.824  -6.142  -2.382  1.00 17.02 ? 64  CYS A CB  1 
ATOM   513  S  SG  . CYS A 1 64  ? -9.803  -5.490  -0.712  1.00 18.48 ? 64  CYS A SG  1 
ATOM   514  N  N   . ASN A 1 65  ? -12.656 -7.306  -2.777  1.00 18.02 ? 65  ASN A N   1 
ATOM   515  C  CA  . ASN A 1 65  ? -13.929 -7.802  -2.257  1.00 19.46 ? 65  ASN A CA  1 
ATOM   516  C  C   . ASN A 1 65  ? -13.710 -8.571  -0.956  1.00 16.14 ? 65  ASN A C   1 
ATOM   517  O  O   . ASN A 1 65  ? -12.958 -9.555  -0.927  1.00 17.34 ? 65  ASN A O   1 
ATOM   518  C  CB  . ASN A 1 65  ? -14.647 -8.698  -3.260  1.00 19.88 ? 65  ASN A CB  1 
ATOM   519  C  CG  . ASN A 1 65  ? -15.775 -9.461  -2.590  1.00 25.79 ? 65  ASN A CG  1 
ATOM   520  O  OD1 . ASN A 1 65  ? -16.712 -8.836  -2.098  1.00 28.07 ? 65  ASN A OD1 1 
ATOM   521  N  ND2 . ASN A 1 65  ? -15.708 -10.787 -2.587  1.00 40.87 ? 65  ASN A ND2 1 
ATOM   522  N  N   . ASP A 1 66  ? -14.337 -8.104  0.122   1.00 16.76 ? 66  ASP A N   1 
ATOM   523  C  CA  . ASP A 1 66  ? -14.241 -8.813  1.391   1.00 16.13 ? 66  ASP A CA  1 
ATOM   524  C  C   . ASP A 1 66  ? -15.555 -9.435  1.819   1.00 20.58 ? 66  ASP A C   1 
ATOM   525  O  O   . ASP A 1 66  ? -15.634 -9.957  2.926   1.00 19.03 ? 66  ASP A O   1 
ATOM   526  C  CB  . ASP A 1 66  ? -13.606 -7.948  2.490   1.00 17.31 ? 66  ASP A CB  1 
ATOM   527  C  CG  . ASP A 1 66  ? -14.529 -6.860  3.014   1.00 17.30 ? 66  ASP A CG  1 
ATOM   528  O  OD1 . ASP A 1 66  ? -15.677 -6.716  2.513   1.00 17.43 ? 66  ASP A OD1 1 
ATOM   529  O  OD2 . ASP A 1 66  ? -14.086 -6.086  3.925   1.00 18.44 ? 66  ASP A OD2 1 
ATOM   530  N  N   . GLY A 1 67  ? -16.575 -9.390  0.967   1.00 17.70 ? 67  GLY A N   1 
ATOM   531  C  CA  . GLY A 1 67  ? -17.860 -10.004 1.273   1.00 18.57 ? 67  GLY A CA  1 
ATOM   532  C  C   . GLY A 1 67  ? -18.731 -9.283  2.281   1.00 21.39 ? 67  GLY A C   1 
ATOM   533  O  O   . GLY A 1 67  ? -19.857 -9.739  2.535   1.00 25.08 ? 67  GLY A O   1 
ATOM   534  N  N   . ARG A 1 68  ? -18.266 -8.187  2.879   1.00 16.61 ? 68  ARG A N   1 
ATOM   535  C  CA  . ARG A 1 68  ? -19.050 -7.539  3.926   1.00 18.83 ? 68  ARG A CA  1 
ATOM   536  C  C   . ARG A 1 68  ? -19.100 -6.026  3.777   1.00 20.58 ? 68  ARG A C   1 
ATOM   537  O  O   . ARG A 1 68  ? -19.405 -5.319  4.754   1.00 22.30 ? 68  ARG A O   1 
ATOM   538  C  CB  . ARG A 1 68  ? -18.537 -7.879  5.328   1.00 18.88 ? 68  ARG A CB  1 
ATOM   539  C  CG  . ARG A 1 68  ? -17.111 -7.402  5.597   1.00 23.48 ? 68  ARG A CG  1 
ATOM   540  C  CD  . ARG A 1 68  ? -16.777 -7.554  7.086   1.00 18.45 ? 68  ARG A CD  1 
ATOM   541  N  NE  . ARG A 1 68  ? -15.607 -6.750  7.436   1.00 18.41 ? 68  ARG A NE  1 
ATOM   542  C  CZ  . ARG A 1 68  ? -14.926 -6.948  8.550   1.00 20.31 ? 68  ARG A CZ  1 
ATOM   543  N  NH1 . ARG A 1 68  ? -15.260 -7.917  9.386   1.00 18.72 ? 68  ARG A NH1 1 
ATOM   544  N  NH2 . ARG A 1 68  ? -13.884 -6.161  8.830   1.00 18.23 ? 68  ARG A NH2 1 
ATOM   545  N  N   . THR A 1 69  ? -18.840 -5.506  2.586   0.78 15.04 ? 69  THR A N   1 
ATOM   546  C  CA  . THR A 1 69  ? -18.768 -4.059  2.403   0.78 18.52 ? 69  THR A CA  1 
ATOM   547  C  C   . THR A 1 69  ? -19.822 -3.669  1.386   0.78 18.51 ? 69  THR A C   1 
ATOM   548  O  O   . THR A 1 69  ? -19.651 -3.950  0.186   0.78 19.74 ? 69  THR A O   1 
ATOM   549  C  CB  . THR A 1 69  ? -17.392 -3.633  1.899   0.78 16.50 ? 69  THR A CB  1 
ATOM   550  O  OG1 . THR A 1 69  ? -16.370 -4.045  2.827   0.78 16.27 ? 69  THR A OG1 1 
ATOM   551  C  CG2 . THR A 1 69  ? -17.335 -2.084  1.753   0.78 18.51 ? 69  THR A CG2 1 
ATOM   552  N  N   . PRO A 1 70  ? -20.905 -3.015  1.788   1.00 22.56 ? 70  PRO A N   1 
ATOM   553  C  CA  . PRO A 1 70  ? -21.899 -2.589  0.796   1.00 26.75 ? 70  PRO A CA  1 
ATOM   554  C  C   . PRO A 1 70  ? -21.296 -1.546  -0.134  1.00 30.31 ? 70  PRO A C   1 
ATOM   555  O  O   . PRO A 1 70  ? -20.580 -0.642  0.302   1.00 34.43 ? 70  PRO A O   1 
ATOM   556  C  CB  . PRO A 1 70  ? -23.030 -1.986  1.644   1.00 29.74 ? 70  PRO A CB  1 
ATOM   557  C  CG  . PRO A 1 70  ? -22.737 -2.357  3.068   1.00 38.59 ? 70  PRO A CG  1 
ATOM   558  C  CD  . PRO A 1 70  ? -21.254 -2.619  3.159   1.00 32.07 ? 70  PRO A CD  1 
ATOM   559  N  N   . GLY A 1 71  ? -21.592 -1.679  -1.423  1.00 32.17 ? 71  GLY A N   1 
ATOM   560  C  CA  . GLY A 1 71  ? -21.036 -0.782  -2.419  1.00 31.13 ? 71  GLY A CA  1 
ATOM   561  C  C   . GLY A 1 71  ? -19.684 -1.186  -2.963  1.00 35.39 ? 71  GLY A C   1 
ATOM   562  O  O   . GLY A 1 71  ? -19.031 -0.373  -3.627  1.00 31.91 ? 71  GLY A O   1 
ATOM   563  N  N   . SER A 1 72  ? -19.258 -2.418  -2.724  1.00 27.48 ? 72  SER A N   1 
ATOM   564  C  CA  . SER A 1 72  ? -17.945 -2.882  -3.149  1.00 32.69 ? 72  SER A CA  1 
ATOM   565  C  C   . SER A 1 72  ? -17.833 -2.908  -4.674  1.00 32.23 ? 72  SER A C   1 
ATOM   566  O  O   . SER A 1 72  ? -18.646 -3.527  -5.365  1.00 29.07 ? 72  SER A O   1 
ATOM   567  C  CB  . SER A 1 72  ? -17.720 -4.278  -2.571  1.00 34.81 ? 72  SER A CB  1 
ATOM   568  O  OG  . SER A 1 72  ? -16.650 -4.967  -3.204  1.00 34.91 ? 72  SER A OG  1 
ATOM   569  N  N   . ARG A 1 73  ? -16.816 -2.233  -5.208  1.00 25.07 ? 73  ARG A N   1 
ATOM   570  C  CA  . ARG A 1 73  ? -16.634 -2.197  -6.648  1.00 24.82 ? 73  ARG A CA  1 
ATOM   571  C  C   . ARG A 1 73  ? -15.591 -3.193  -7.131  1.00 28.21 ? 73  ARG A C   1 
ATOM   572  O  O   . ARG A 1 73  ? -15.589 -3.542  -8.319  1.00 26.74 ? 73  ARG A O   1 
ATOM   573  C  CB  . ARG A 1 73  ? -16.179 -0.793  -7.066  1.00 23.80 ? 73  ARG A CB  1 
ATOM   574  C  CG  . ARG A 1 73  ? -17.317 0.167   -7.387  1.00 27.05 ? 73  ARG A CG  1 
ATOM   575  C  CD  . ARG A 1 73  ? -18.161 -0.287  -8.583  0.54 33.77 ? 73  ARG A CD  1 
ATOM   576  N  NE  . ARG A 1 73  ? -17.463 -0.184  -9.859  0.41 33.05 ? 73  ARG A NE  1 
ATOM   577  C  CZ  . ARG A 1 73  ? -17.303 0.938   -10.549 0.58 29.47 ? 73  ARG A CZ  1 
ATOM   578  N  NH1 . ARG A 1 73  ? -17.748 2.099   -10.095 0.63 35.19 ? 73  ARG A NH1 1 
ATOM   579  N  NH2 . ARG A 1 73  ? -16.673 0.895   -11.722 0.56 29.66 ? 73  ARG A NH2 1 
ATOM   580  N  N   . ASN A 1 74  ? -14.736 -3.677  -6.227  1.00 25.00 ? 74  ASN A N   1 
ATOM   581  C  CA  . ASN A 1 74  ? -13.733 -4.696  -6.515  1.00 20.02 ? 74  ASN A CA  1 
ATOM   582  C  C   . ASN A 1 74  ? -12.969 -4.391  -7.809  1.00 22.51 ? 74  ASN A C   1 
ATOM   583  O  O   . ASN A 1 74  ? -12.845 -5.227  -8.694  1.00 25.20 ? 74  ASN A O   1 
ATOM   584  C  CB  . ASN A 1 74  ? -14.332 -6.107  -6.531  1.00 23.93 ? 74  ASN A CB  1 
ATOM   585  C  CG  . ASN A 1 74  ? -13.277 -7.206  -6.504  1.00 23.62 ? 74  ASN A CG  1 
ATOM   586  O  OD1 . ASN A 1 74  ? -12.106 -6.958  -6.220  1.00 23.61 ? 74  ASN A OD1 1 
ATOM   587  N  ND2 . ASN A 1 74  ? -13.695 -8.441  -6.772  1.00 26.99 ? 74  ASN A ND2 1 
ATOM   588  N  N   . LEU A 1 75  ? -12.434 -3.174  -7.883  1.00 21.92 ? 75  LEU A N   1 
ATOM   589  C  CA  . LEU A 1 75  ? -11.766 -2.747  -9.116  1.00 20.43 ? 75  LEU A CA  1 
ATOM   590  C  C   . LEU A 1 75  ? -10.462 -3.503  -9.352  1.00 23.65 ? 75  LEU A C   1 
ATOM   591  O  O   . LEU A 1 75  ? -10.016 -3.633  -10.504 1.00 24.18 ? 75  LEU A O   1 
ATOM   592  C  CB  . LEU A 1 75  ? -11.548 -1.234  -9.084  1.00 20.74 ? 75  LEU A CB  1 
ATOM   593  C  CG  . LEU A 1 75  ? -12.783 -0.344  -9.142  1.00 22.36 ? 75  LEU A CG  1 
ATOM   594  C  CD1 . LEU A 1 75  ? -12.417 1.108   -8.993  1.00 30.15 ? 75  LEU A CD1 1 
ATOM   595  C  CD2 . LEU A 1 75  ? -13.489 -0.573  -10.473 1.00 28.29 ? 75  LEU A CD2 1 
ATOM   596  N  N   . CYS A 1 76  ? -9.824  -4.023  -8.296  1.00 20.84 ? 76  CYS A N   1 
ATOM   597  C  CA  . CYS A 1 76  ? -8.644  -4.852  -8.494  1.00 19.28 ? 76  CYS A CA  1 
ATOM   598  C  C   . CYS A 1 76  ? -8.965  -6.315  -8.758  1.00 20.12 ? 76  CYS A C   1 
ATOM   599  O  O   . CYS A 1 76  ? -8.037  -7.098  -8.971  1.00 21.97 ? 76  CYS A O   1 
ATOM   600  C  CB  . CYS A 1 76  ? -7.678  -4.731  -7.321  1.00 18.08 ? 76  CYS A CB  1 
ATOM   601  S  SG  . CYS A 1 76  ? -7.017  -3.024  -7.222  1.00 21.49 ? 76  CYS A SG  1 
ATOM   602  N  N   . ASN A 1 77  ? -10.246 -6.678  -8.726  1.00 22.10 ? 77  ASN A N   1 
ATOM   603  C  CA  . ASN A 1 77  ? -10.754 -8.027  -8.991  1.00 23.46 ? 77  ASN A CA  1 
ATOM   604  C  C   . ASN A 1 77  ? -9.999  -9.098  -8.192  1.00 20.49 ? 77  ASN A C   1 
ATOM   605  O  O   . ASN A 1 77  ? -9.399  -10.026 -8.733  1.00 25.43 ? 77  ASN A O   1 
ATOM   606  C  CB  . ASN A 1 77  ? -10.822 -8.344  -10.494 1.00 26.04 ? 77  ASN A CB  1 
ATOM   607  C  CG  . ASN A 1 77  ? -11.483 -9.674  -10.753 0.49 25.64 ? 77  ASN A CG  1 
ATOM   608  O  OD1 . ASN A 1 77  ? -11.013 -10.492 -11.541 0.38 30.55 ? 77  ASN A OD1 1 
ATOM   609  N  ND2 . ASN A 1 77  ? -12.587 -9.910  -10.040 0.63 23.52 ? 77  ASN A ND2 1 
ATOM   610  N  N   . ILE A 1 78  ? -10.046 -8.944  -6.871  0.89 18.84 ? 78  ILE A N   1 
ATOM   611  C  CA  . ILE A 1 78  ? -9.282  -9.793  -5.970  0.89 20.67 ? 78  ILE A CA  1 
ATOM   612  C  C   . ILE A 1 78  ? -10.035 -9.894  -4.648  0.89 17.65 ? 78  ILE A C   1 
ATOM   613  O  O   . ILE A 1 78  ? -10.622 -8.903  -4.211  0.89 17.78 ? 78  ILE A O   1 
ATOM   614  C  CB  . ILE A 1 78  ? -7.863  -9.233  -5.782  0.89 20.86 ? 78  ILE A CB  1 
ATOM   615  C  CG1 . ILE A 1 78  ? -7.013  -10.178 -4.956  0.89 32.06 ? 78  ILE A CG1 1 
ATOM   616  C  CG2 . ILE A 1 78  ? -7.918  -7.848  -5.156  0.89 20.67 ? 78  ILE A CG2 1 
ATOM   617  C  CD1 . ILE A 1 78  ? -5.661  -10.392 -5.540  0.89 31.89 ? 78  ILE A CD1 1 
ATOM   618  N  N   . PRO A 1 79  ? -10.085 -11.063 -4.010  0.75 14.68 ? 79  PRO A N   1 
ATOM   619  C  CA  . PRO A 1 79  ? -10.548 -11.094 -2.616  0.75 15.97 ? 79  PRO A CA  1 
ATOM   620  C  C   . PRO A 1 79  ? -9.557  -10.329 -1.760  0.75 13.11 ? 79  PRO A C   1 
ATOM   621  O  O   . PRO A 1 79  ? -8.340  -10.444 -1.948  0.75 15.01 ? 79  PRO A O   1 
ATOM   622  C  CB  . PRO A 1 79  ? -10.534 -12.589 -2.270  0.75 14.92 ? 79  PRO A CB  1 
ATOM   623  C  CG  . PRO A 1 79  ? -9.563  -13.208 -3.237  0.75 20.82 ? 79  PRO A CG  1 
ATOM   624  C  CD  . PRO A 1 79  ? -9.675  -12.392 -4.502  0.75 18.03 ? 79  PRO A CD  1 
ATOM   625  N  N   . CYS A 1 80  ? -10.077 -9.558  -0.811  1.00 15.26 ? 80  CYS A N   1 
ATOM   626  C  CA  . CYS A 1 80  ? -9.190  -8.775  0.051   1.00 16.44 ? 80  CYS A CA  1 
ATOM   627  C  C   . CYS A 1 80  ? -8.231  -9.661  0.834   1.00 19.55 ? 80  CYS A C   1 
ATOM   628  O  O   . CYS A 1 80  ? -7.110  -9.241  1.124   1.00 17.13 ? 80  CYS A O   1 
ATOM   629  C  CB  . CYS A 1 80  ? -10.022 -7.957  1.031   1.00 16.70 ? 80  CYS A CB  1 
ATOM   630  S  SG  . CYS A 1 80  ? -11.074 -6.729  0.276   1.00 17.31 ? 80  CYS A SG  1 
ATOM   631  N  N   . SER A 1 81  ? -8.630  -10.896 1.159   1.00 18.43 ? 81  SER A N   1 
ATOM   632  C  CA  . SER A 1 81  ? -7.711  -11.810 1.834   1.00 19.64 ? 81  SER A CA  1 
ATOM   633  C  C   . SER A 1 81  ? -6.441  -12.076 1.028   1.00 21.70 ? 81  SER A C   1 
ATOM   634  O  O   . SER A 1 81  ? -5.391  -12.368 1.613   1.00 24.49 ? 81  SER A O   1 
ATOM   635  C  CB  . SER A 1 81  ? -8.414  -13.140 2.107   1.00 24.59 ? 81  SER A CB  1 
ATOM   636  O  OG  . SER A 1 81  ? -8.752  -13.723 0.868   1.00 26.90 ? 81  SER A OG  1 
ATOM   637  N  N   . ALA A 1 82  ? -6.507  -12.025 -0.303  1.00 19.48 ? 82  ALA A N   1 
ATOM   638  C  CA  . ALA A 1 82  ? -5.286  -12.240 -1.078  1.00 28.68 ? 82  ALA A CA  1 
ATOM   639  C  C   . ALA A 1 82  ? -4.270  -11.134 -0.847  1.00 27.67 ? 82  ALA A C   1 
ATOM   640  O  O   . ALA A 1 82  ? -3.082  -11.301 -1.155  1.00 30.97 ? 82  ALA A O   1 
ATOM   641  C  CB  . ALA A 1 82  ? -5.607  -12.339 -2.566  1.00 30.24 ? 82  ALA A CB  1 
ATOM   642  N  N   . LEU A 1 83  ? -4.706  -10.001 -0.328  1.00 23.18 ? 83  LEU A N   1 
ATOM   643  C  CA  . LEU A 1 83  ? -3.801  -8.903  -0.055  1.00 20.89 ? 83  LEU A CA  1 
ATOM   644  C  C   . LEU A 1 83  ? -3.029  -9.105  1.230   1.00 23.48 ? 83  LEU A C   1 
ATOM   645  O  O   . LEU A 1 83  ? -2.311  -8.191  1.648   1.00 24.87 ? 83  LEU A O   1 
ATOM   646  C  CB  . LEU A 1 83  ? -4.595  -7.602  0.039   1.00 20.85 ? 83  LEU A CB  1 
ATOM   647  C  CG  . LEU A 1 83  ? -5.277  -7.247  -1.288  1.00 23.73 ? 83  LEU A CG  1 
ATOM   648  C  CD1 . LEU A 1 83  ? -6.006  -5.907  -1.184  1.00 28.78 ? 83  LEU A CD1 1 
ATOM   649  C  CD2 . LEU A 1 83  ? -4.251  -7.276  -2.442  1.00 28.51 ? 83  LEU A CD2 1 
ATOM   650  N  N   . LEU A 1 84  ? -3.234  -10.231 1.919   1.00 20.22 ? 84  LEU A N   1 
ATOM   651  C  CA  . LEU A 1 84  ? -2.549  -10.485 3.178   1.00 17.64 ? 84  LEU A CA  1 
ATOM   652  C  C   . LEU A 1 84  ? -1.401  -11.472 3.020   1.00 21.00 ? 84  LEU A C   1 
ATOM   653  O  O   . LEU A 1 84  ? -0.726  -11.786 4.004   1.00 22.17 ? 84  LEU A O   1 
ATOM   654  C  CB  . LEU A 1 84  ? -3.538  -10.967 4.259   1.00 18.16 ? 84  LEU A CB  1 
ATOM   655  C  CG  . LEU A 1 84  ? -4.778  -10.100 4.510   1.00 21.26 ? 84  LEU A CG  1 
ATOM   656  C  CD1 . LEU A 1 84  ? -5.599  -10.668 5.624   1.00 22.61 ? 84  LEU A CD1 1 
ATOM   657  C  CD2 . LEU A 1 84  ? -4.417  -8.670  4.863   1.00 19.72 ? 84  LEU A CD2 1 
ATOM   658  N  N   . SER A 1 85  ? -1.148  -11.939 1.800   1.00 20.94 ? 85  SER A N   1 
ATOM   659  C  CA  . SER A 1 85  ? -0.153  -12.960 1.562   1.00 20.90 ? 85  SER A CA  1 
ATOM   660  C  C   . SER A 1 85  ? 1.242   -12.426 1.866   1.00 21.73 ? 85  SER A C   1 
ATOM   661  O  O   . SER A 1 85  ? 1.493   -11.212 1.847   1.00 20.51 ? 85  SER A O   1 
ATOM   662  C  CB  . SER A 1 85  ? -0.201  -13.388 0.093   1.00 24.45 ? 85  SER A CB  1 
ATOM   663  O  OG  . SER A 1 85  ? 0.927   -14.176 -0.223  1.00 27.10 ? 85  SER A OG  1 
ATOM   664  N  N   . SER A 1 86  ? 2.172   -13.350 2.136   1.00 21.97 ? 86  SER A N   1 
ATOM   665  C  CA  . SER A 1 86  ? 3.566   -12.951 2.283   1.00 19.17 ? 86  SER A CA  1 
ATOM   666  C  C   . SER A 1 86  ? 4.154   -12.439 0.983   1.00 19.32 ? 86  SER A C   1 
ATOM   667  O  O   . SER A 1 86  ? 5.158   -11.726 1.019   1.00 25.99 ? 86  SER A O   1 
ATOM   668  C  CB  . SER A 1 86  ? 4.431   -14.116 2.769   1.00 24.95 ? 86  SER A CB  1 
ATOM   669  O  OG  . SER A 1 86  ? 3.891   -14.681 3.949   1.00 42.10 ? 86  SER A OG  1 
ATOM   670  N  N   . ASP A 1 87  ? 3.546   -12.792 -0.147  1.00 19.04 ? 87  ASP A N   1 
ATOM   671  C  CA  . ASP A 1 87  ? 3.948   -12.322 -1.466  1.00 24.68 ? 87  ASP A CA  1 
ATOM   672  C  C   . ASP A 1 87  ? 3.134   -11.067 -1.762  1.00 23.67 ? 87  ASP A C   1 
ATOM   673  O  O   . ASP A 1 87  ? 1.898   -11.093 -1.709  1.00 22.23 ? 87  ASP A O   1 
ATOM   674  C  CB  . ASP A 1 87  ? 3.676   -13.485 -2.436  1.00 25.38 ? 87  ASP A CB  1 
ATOM   675  C  CG  . ASP A 1 87  ? 3.892   -13.143 -3.895  1.00 31.82 ? 87  ASP A CG  1 
ATOM   676  O  OD1 . ASP A 1 87  ? 3.617   -12.020 -4.313  1.00 26.06 ? 87  ASP A OD1 1 
ATOM   677  O  OD2 . ASP A 1 87  ? 4.354   -14.027 -4.646  1.00 42.09 ? 87  ASP A OD2 1 
ATOM   678  N  N   . ILE A 1 88  ? 3.818   -9.943  -2.022  1.00 18.27 ? 88  ILE A N   1 
ATOM   679  C  CA  . ILE A 1 88  ? 3.122   -8.661  -2.147  1.00 20.48 ? 88  ILE A CA  1 
ATOM   680  C  C   . ILE A 1 88  ? 2.619   -8.362  -3.546  1.00 21.24 ? 88  ILE A C   1 
ATOM   681  O  O   . ILE A 1 88  ? 2.117   -7.267  -3.798  1.00 20.92 ? 88  ILE A O   1 
ATOM   682  C  CB  . ILE A 1 88  ? 3.952   -7.487  -1.590  1.00 18.60 ? 88  ILE A CB  1 
ATOM   683  C  CG1 . ILE A 1 88  ? 5.175   -7.232  -2.488  1.00 19.32 ? 88  ILE A CG1 1 
ATOM   684  C  CG2 . ILE A 1 88  ? 4.354   -7.745  -0.171  1.00 22.42 ? 88  ILE A CG2 1 
ATOM   685  C  CD1 . ILE A 1 88  ? 5.826   -5.867  -2.185  1.00 24.34 ? 88  ILE A CD1 1 
ATOM   686  N  N   . THR A 1 89  ? 2.721   -9.328  -4.461  1.00 18.69 ? 89  THR A N   1 
ATOM   687  C  CA  . THR A 1 89  ? 2.364   -9.057  -5.853  1.00 20.53 ? 89  THR A CA  1 
ATOM   688  C  C   . THR A 1 89  ? 0.980   -8.432  -5.978  1.00 21.96 ? 89  THR A C   1 
ATOM   689  O  O   . THR A 1 89  ? 0.801   -7.418  -6.666  1.00 21.34 ? 89  THR A O   1 
ATOM   690  C  CB  . THR A 1 89  ? 2.424   -10.350 -6.668  1.00 23.99 ? 89  THR A CB  1 
ATOM   691  O  OG1 . THR A 1 89  ? 3.751   -10.872 -6.626  1.00 27.34 ? 89  THR A OG1 1 
ATOM   692  C  CG2 . THR A 1 89  ? 2.023   -10.062 -8.095  1.00 26.81 ? 89  THR A CG2 1 
ATOM   693  N  N   . ALA A 1 90  ? -0.026  -9.048  -5.349  1.00 19.68 ? 90  ALA A N   1 
ATOM   694  C  CA  . ALA A 1 90  ? -1.393  -8.562  -5.505  1.00 21.24 ? 90  ALA A CA  1 
ATOM   695  C  C   . ALA A 1 90  ? -1.552  -7.155  -4.953  1.00 21.38 ? 90  ALA A C   1 
ATOM   696  O  O   . ALA A 1 90  ? -2.232  -6.315  -5.560  1.00 21.01 ? 90  ALA A O   1 
ATOM   697  C  CB  . ALA A 1 90  ? -2.371  -9.516  -4.814  1.00 26.34 ? 90  ALA A CB  1 
ATOM   698  N  N   . SER A 1 91  ? -0.939  -6.880  -3.798  1.00 18.98 ? 91  SER A N   1 
ATOM   699  C  CA  . SER A 1 91  ? -1.003  -5.536  -3.224  1.00 17.76 ? 91  SER A CA  1 
ATOM   700  C  C   . SER A 1 91  ? -0.334  -4.505  -4.130  1.00 16.16 ? 91  SER A C   1 
ATOM   701  O  O   . SER A 1 91  ? -0.836  -3.387  -4.289  1.00 16.85 ? 91  SER A O   1 
ATOM   702  C  CB  . SER A 1 91  ? -0.348  -5.516  -1.842  1.00 21.70 ? 91  SER A CB  1 
ATOM   703  O  OG  . SER A 1 91  ? -1.224  -6.106  -0.872  1.00 19.32 ? 91  SER A OG  1 
ATOM   704  N  N   . VAL A 1 92  ? 0.807   -4.853  -4.716  1.00 18.05 ? 92  VAL A N   1 
ATOM   705  C  CA  . VAL A 1 92  ? 1.489   -3.905  -5.598  1.00 16.72 ? 92  VAL A CA  1 
ATOM   706  C  C   . VAL A 1 92  ? 0.681   -3.646  -6.856  1.00 17.60 ? 92  VAL A C   1 
ATOM   707  O  O   . VAL A 1 92  ? 0.526   -2.495  -7.276  1.00 19.31 ? 92  VAL A O   1 
ATOM   708  C  CB  . VAL A 1 92  ? 2.901   -4.378  -5.954  1.00 17.42 ? 92  VAL A CB  1 
ATOM   709  C  CG1 . VAL A 1 92  ? 3.504   -3.415  -6.996  1.00 19.84 ? 92  VAL A CG1 1 
ATOM   710  C  CG2 . VAL A 1 92  ? 3.762   -4.396  -4.739  1.00 20.69 ? 92  VAL A CG2 1 
ATOM   711  N  N   . ASN A 1 93  ? 0.156   -4.699  -7.485  1.00 19.64 ? 93  ASN A N   1 
ATOM   712  C  CA  . ASN A 1 93  ? -0.614  -4.483  -8.711  1.00 19.18 ? 93  ASN A CA  1 
ATOM   713  C  C   . ASN A 1 93  ? -1.836  -3.634  -8.422  1.00 18.52 ? 93  ASN A C   1 
ATOM   714  O  O   . ASN A 1 93  ? -2.195  -2.748  -9.206  1.00 22.16 ? 93  ASN A O   1 
ATOM   715  C  CB  . ASN A 1 93  ? -1.015  -5.831  -9.319  1.00 21.64 ? 93  ASN A CB  1 
ATOM   716  C  CG  . ASN A 1 93  ? 0.162   -6.527  -9.953  0.68 24.81 ? 93  ASN A CG  1 
ATOM   717  O  OD1 . ASN A 1 93  ? 0.150   -7.741  -10.139 0.34 30.72 ? 93  ASN A OD1 1 
ATOM   718  N  ND2 . ASN A 1 93  ? 1.194   -5.760  -10.281 0.45 27.16 ? 93  ASN A ND2 1 
ATOM   719  N  N   . CYS A 1 94  ? -2.454  -3.829  -7.251  1.00 16.43 ? 94  CYS A N   1 
ATOM   720  C  CA  . CYS A 1 94  ? -3.634  -3.044  -6.935  1.00 16.55 ? 94  CYS A CA  1 
ATOM   721  C  C   . CYS A 1 94  ? -3.244  -1.611  -6.592  1.00 19.88 ? 94  CYS A C   1 
ATOM   722  O  O   . CYS A 1 94  ? -3.914  -0.661  -7.020  1.00 17.63 ? 94  CYS A O   1 
ATOM   723  C  CB  . CYS A 1 94  ? -4.417  -3.686  -5.778  1.00 18.81 ? 94  CYS A CB  1 
ATOM   724  S  SG  . CYS A 1 94  ? -6.031  -2.996  -5.448  1.00 19.22 ? 94  CYS A SG  1 
ATOM   725  N  N   . ALA A 1 95  ? -2.155  -1.439  -5.823  1.00 19.28 ? 95  ALA A N   1 
ATOM   726  C  CA  . ALA A 1 95  ? -1.686  -0.090  -5.508  1.00 17.05 ? 95  ALA A CA  1 
ATOM   727  C  C   . ALA A 1 95  ? -1.376  0.710   -6.764  1.00 20.07 ? 95  ALA A C   1 
ATOM   728  O  O   . ALA A 1 95  ? -1.601  1.928   -6.789  1.00 18.02 ? 95  ALA A O   1 
ATOM   729  C  CB  . ALA A 1 95  ? -0.455  -0.153  -4.604  1.00 18.31 ? 95  ALA A CB  1 
ATOM   730  N  N   . LYS A 1 96  ? -0.875  0.058   -7.816  1.00 16.05 ? 96  LYS A N   1 
ATOM   731  C  CA  . LYS A 1 96  ? -0.595  0.791   -9.054  1.00 17.96 ? 96  LYS A CA  1 
ATOM   732  C  C   . LYS A 1 96  ? -1.880  1.349   -9.655  1.00 19.88 ? 96  LYS A C   1 
ATOM   733  O  O   . LYS A 1 96  ? -1.893  2.452   -10.233 1.00 20.15 ? 96  LYS A O   1 
ATOM   734  C  CB  . LYS A 1 96  ? 0.096   -0.132  -10.054 1.00 18.25 ? 96  LYS A CB  1 
ATOM   735  C  CG  . LYS A 1 96  ? 1.548   -0.378  -9.748  1.00 16.68 ? 96  LYS A CG  1 
ATOM   736  C  CD  . LYS A 1 96  ? 2.065   -1.411  -10.714 1.00 22.53 ? 96  LYS A CD  1 
ATOM   737  C  CE  . LYS A 1 96  ? 3.501   -1.696  -10.460 1.00 19.82 ? 96  LYS A CE  1 
ATOM   738  N  NZ  . LYS A 1 96  ? 3.972   -2.712  -11.500 1.00 22.33 ? 96  LYS A NZ  1 
ATOM   739  N  N   . LYS A 1 97  ? -2.978  0.611   -9.515  1.00 16.25 ? 97  LYS A N   1 
ATOM   740  C  CA  . LYS A 1 97  ? -4.271  1.118   -9.949  1.00 17.69 ? 97  LYS A CA  1 
ATOM   741  C  C   . LYS A 1 97  ? -4.741  2.255   -9.054  1.00 20.49 ? 97  LYS A C   1 
ATOM   742  O  O   . LYS A 1 97  ? -5.212  3.278   -9.566  1.00 19.94 ? 97  LYS A O   1 
ATOM   743  C  CB  . LYS A 1 97  ? -5.299  -0.015  -9.992  1.00 16.80 ? 97  LYS A CB  1 
ATOM   744  C  CG  . LYS A 1 97  ? -4.850  -1.082  -10.976 1.00 20.42 ? 97  LYS A CG  1 
ATOM   745  C  CD  . LYS A 1 97  ? -5.690  -2.334  -10.940 1.00 24.02 ? 97  LYS A CD  1 
ATOM   746  C  CE  . LYS A 1 97  ? -5.031  -3.375  -11.854 1.00 30.33 ? 97  LYS A CE  1 
ATOM   747  N  NZ  . LYS A 1 97  ? -5.965  -4.474  -12.212 1.00 40.88 ? 97  LYS A NZ  1 
ATOM   748  N  N   . ILE A 1 98  ? -4.562  2.120   -7.728  1.00 19.40 ? 98  ILE A N   1 
ATOM   749  C  CA  . ILE A 1 98  ? -5.028  3.140   -6.796  1.00 18.22 ? 98  ILE A CA  1 
ATOM   750  C  C   . ILE A 1 98  ? -4.330  4.460   -7.074  1.00 18.43 ? 98  ILE A C   1 
ATOM   751  O  O   . ILE A 1 98  ? -4.969  5.529   -7.126  1.00 19.11 ? 98  ILE A O   1 
ATOM   752  C  CB  . ILE A 1 98  ? -4.801  2.686   -5.346  1.00 16.81 ? 98  ILE A CB  1 
ATOM   753  C  CG1 . ILE A 1 98  ? -5.682  1.474   -5.051  1.00 19.04 ? 98  ILE A CG1 1 
ATOM   754  C  CG2 . ILE A 1 98  ? -5.122  3.834   -4.370  1.00 17.20 ? 98  ILE A CG2 1 
ATOM   755  C  CD1 . ILE A 1 98  ? -5.310  0.819   -3.744  1.00 20.37 ? 98  ILE A CD1 1 
ATOM   756  N  N   . VAL A 1 99  ? -3.008  4.406   -7.249  1.00 18.79 ? 99  VAL A N   1 
ATOM   757  C  CA  . VAL A 1 99  ? -2.197  5.614   -7.431  1.00 17.27 ? 99  VAL A CA  1 
ATOM   758  C  C   . VAL A 1 99  ? -2.471  6.275   -8.753  1.00 20.48 ? 99  VAL A C   1 
ATOM   759  O  O   . VAL A 1 99  ? -2.081  7.441   -8.960  1.00 21.34 ? 99  VAL A O   1 
ATOM   760  C  CB  . VAL A 1 99  ? -0.710  5.312   -7.186  1.00 16.93 ? 99  VAL A CB  1 
ATOM   761  C  CG1 . VAL A 1 99  ? -0.085  4.575   -8.367  1.00 18.69 ? 99  VAL A CG1 1 
ATOM   762  C  CG2 . VAL A 1 99  ? 0.073   6.600   -6.877  1.00 18.14 ? 99  VAL A CG2 1 
ATOM   763  N  N   . SER A 1 100 ? -3.150  5.566   -9.642  1.00 19.97 ? 100 SER A N   1 
ATOM   764  C  CA  . SER A 1 100 ? -3.590  6.086   -10.926 1.00 17.39 ? 100 SER A CA  1 
ATOM   765  C  C   . SER A 1 100 ? -5.000  6.670   -10.911 1.00 19.54 ? 100 SER A C   1 
ATOM   766  O  O   . SER A 1 100 ? -5.471  7.084   -11.973 1.00 26.59 ? 100 SER A O   1 
ATOM   767  C  CB  . SER A 1 100 ? -3.509  4.963   -11.976 1.00 19.97 ? 100 SER A CB  1 
ATOM   768  O  OG  . SER A 1 100 ? -2.189  4.480   -12.129 1.00 21.87 ? 100 SER A OG  1 
ATOM   769  N  N   . ASP A 1 101 ? -5.686  6.734   -9.753  1.00 17.76 ? 101 ASP A N   1 
ATOM   770  C  CA  . ASP A 1 101 ? -7.106  7.107   -9.690  1.00 23.14 ? 101 ASP A CA  1 
ATOM   771  C  C   . ASP A 1 101 ? -7.368  8.599   -9.820  1.00 25.04 ? 101 ASP A C   1 
ATOM   772  O  O   . ASP A 1 101 ? -8.535  9.015   -9.795  1.00 27.75 ? 101 ASP A O   1 
ATOM   773  C  CB  . ASP A 1 101 ? -7.810  6.498   -8.450  1.00 27.19 ? 101 ASP A CB  1 
ATOM   774  C  CG  . ASP A 1 101 ? -7.564  7.266   -7.136  1.00 29.94 ? 101 ASP A CG  1 
ATOM   775  O  OD1 . ASP A 1 101 ? -6.897  8.332   -7.104  1.00 27.06 ? 101 ASP A OD1 1 
ATOM   776  O  OD2 . ASP A 1 101 ? -8.036  6.753   -6.095  1.00 28.33 ? 101 ASP A OD2 1 
ATOM   777  N  N   . GLY A 1 102 ? -6.315  9.404   -9.948  1.00 22.21 ? 102 GLY A N   1 
ATOM   778  C  CA  . GLY A 1 102 ? -6.428  10.845  -10.118 1.00 22.24 ? 102 GLY A CA  1 
ATOM   779  C  C   . GLY A 1 102 ? -5.786  11.616  -8.988  1.00 24.58 ? 102 GLY A C   1 
ATOM   780  O  O   . GLY A 1 102 ? -5.275  12.720  -9.208  1.00 21.93 ? 102 GLY A O   1 
ATOM   781  N  N   . ASN A 1 103 ? -5.765  11.034  -7.794  1.00 21.37 ? 103 ASN A N   1 
ATOM   782  C  CA  . ASN A 1 103 ? -5.276  11.714  -6.604  1.00 22.54 ? 103 ASN A CA  1 
ATOM   783  C  C   . ASN A 1 103 ? -3.876  11.282  -6.223  1.00 17.05 ? 103 ASN A C   1 
ATOM   784  O  O   . ASN A 1 103 ? -3.374  11.713  -5.183  1.00 16.34 ? 103 ASN A O   1 
ATOM   785  C  CB  . ASN A 1 103 ? -6.214  11.491  -5.419  1.00 25.84 ? 103 ASN A CB  1 
ATOM   786  C  CG  . ASN A 1 103 ? -7.588  12.034  -5.666  1.00 34.54 ? 103 ASN A CG  1 
ATOM   787  O  OD1 . ASN A 1 103 ? -7.747  13.192  -6.057  1.00 34.58 ? 103 ASN A OD1 1 
ATOM   788  N  ND2 . ASN A 1 103 ? -8.597  11.212  -5.418  1.00 37.04 ? 103 ASN A ND2 1 
ATOM   789  N  N   . GLY A 1 104 ? -3.231  10.458  -7.035  1.00 17.44 ? 104 GLY A N   1 
ATOM   790  C  CA  . GLY A 1 104 ? -1.893  10.028  -6.710  1.00 18.18 ? 104 GLY A CA  1 
ATOM   791  C  C   . GLY A 1 104 ? -1.866  9.344   -5.353  1.00 16.21 ? 104 GLY A C   1 
ATOM   792  O  O   . GLY A 1 104 ? -2.808  8.629   -4.972  1.00 18.16 ? 104 GLY A O   1 
ATOM   793  N  N   . MET A 1 105 ? -0.804  9.605   -4.586  1.00 14.19 ? 105 MET A N   1 
ATOM   794  C  CA  . MET A 1 105 ? -0.706  8.873   -3.324  1.00 15.77 ? 105 MET A CA  1 
ATOM   795  C  C   . MET A 1 105 ? -1.552  9.536   -2.240  1.00 16.28 ? 105 MET A C   1 
ATOM   796  O  O   . MET A 1 105 ? -1.643  9.011   -1.125  1.00 14.98 ? 105 MET A O   1 
ATOM   797  C  CB  . MET A 1 105 ? 0.767   8.795   -2.893  1.00 13.83 ? 105 MET A CB  1 
ATOM   798  C  CG  . MET A 1 105 ? 1.485   7.623   -3.565  1.00 15.69 ? 105 MET A CG  1 
ATOM   799  S  SD  . MET A 1 105 ? 3.062   7.204   -2.854  1.00 16.88 ? 105 MET A SD  1 
ATOM   800  C  CE  . MET A 1 105 ? 2.522   6.147   -1.510  1.00 16.11 ? 105 MET A CE  1 
ATOM   801  N  N   . ASN A 1 106 ? -2.185  10.675  -2.524  1.00 16.05 ? 106 ASN A N   1 
ATOM   802  C  CA  . ASN A 1 106 ? -3.177  11.201  -1.592  1.00 16.73 ? 106 ASN A CA  1 
ATOM   803  C  C   . ASN A 1 106 ? -4.336  10.241  -1.385  1.00 15.98 ? 106 ASN A C   1 
ATOM   804  O  O   . ASN A 1 106 ? -5.093  10.420  -0.424  1.00 18.60 ? 106 ASN A O   1 
ATOM   805  C  CB  . ASN A 1 106 ? -3.725  12.537  -2.086  1.00 15.95 ? 106 ASN A CB  1 
ATOM   806  C  CG  . ASN A 1 106 ? -2.651  13.576  -2.236  1.00 16.68 ? 106 ASN A CG  1 
ATOM   807  O  OD1 . ASN A 1 106 ? -2.134  14.098  -1.242  1.00 17.28 ? 106 ASN A OD1 1 
ATOM   808  N  ND2 . ASN A 1 106 ? -2.299  13.894  -3.480  1.00 17.88 ? 106 ASN A ND2 1 
ATOM   809  N  N   . ALA A 1 107 ? -4.480  9.226   -2.241  1.00 18.08 ? 107 ALA A N   1 
ATOM   810  C  CA  . ALA A 1 107 ? -5.454  8.169   -1.973  1.00 20.37 ? 107 ALA A CA  1 
ATOM   811  C  C   . ALA A 1 107 ? -5.235  7.517   -0.614  1.00 20.60 ? 107 ALA A C   1 
ATOM   812  O  O   . ALA A 1 107 ? -6.186  6.979   -0.019  1.00 21.73 ? 107 ALA A O   1 
ATOM   813  C  CB  . ALA A 1 107 ? -5.397  7.107   -3.071  1.00 19.78 ? 107 ALA A CB  1 
ATOM   814  N  N   . TRP A 1 108 ? -4.000  7.503   -0.128  1.00 17.12 ? 108 TRP A N   1 
ATOM   815  C  CA  . TRP A 1 108 ? -3.691  7.011   1.208   1.00 18.07 ? 108 TRP A CA  1 
ATOM   816  C  C   . TRP A 1 108 ? -3.574  8.224   2.108   1.00 20.80 ? 108 TRP A C   1 
ATOM   817  O  O   . TRP A 1 108 ? -2.578  8.957   2.041   1.00 20.34 ? 108 TRP A O   1 
ATOM   818  C  CB  . TRP A 1 108 ? -2.380  6.251   1.210   1.00 18.40 ? 108 TRP A CB  1 
ATOM   819  C  CG  . TRP A 1 108 ? -2.411  4.893   0.474   1.00 17.80 ? 108 TRP A CG  1 
ATOM   820  C  CD1 . TRP A 1 108 ? -2.701  3.678   1.032   1.00 20.06 ? 108 TRP A CD1 1 
ATOM   821  C  CD2 . TRP A 1 108 ? -2.136  4.639   -0.908  1.00 15.63 ? 108 TRP A CD2 1 
ATOM   822  N  NE1 . TRP A 1 108 ? -2.629  2.692   0.083   1.00 21.17 ? 108 TRP A NE1 1 
ATOM   823  C  CE2 . TRP A 1 108 ? -2.272  3.246   -1.118  1.00 17.70 ? 108 TRP A CE2 1 
ATOM   824  C  CE3 . TRP A 1 108 ? -1.778  5.445   -1.993  1.00 17.09 ? 108 TRP A CE3 1 
ATOM   825  C  CZ2 . TRP A 1 108 ? -2.080  2.648   -2.374  1.00 18.71 ? 108 TRP A CZ2 1 
ATOM   826  C  CZ3 . TRP A 1 108 ? -1.594  4.856   -3.232  1.00 17.57 ? 108 TRP A CZ3 1 
ATOM   827  C  CH2 . TRP A 1 108 ? -1.732  3.467   -3.418  1.00 17.09 ? 108 TRP A CH2 1 
ATOM   828  N  N   . VAL A 1 109 ? -4.602  8.457   2.927   1.00 20.17 ? 109 VAL A N   1 
ATOM   829  C  CA  . VAL A 1 109 ? -4.575  9.610   3.827   1.00 20.07 ? 109 VAL A CA  1 
ATOM   830  C  C   . VAL A 1 109 ? -3.346  9.583   4.734   1.00 22.75 ? 109 VAL A C   1 
ATOM   831  O  O   . VAL A 1 109 ? -2.771  10.636  5.032   1.00 20.28 ? 109 VAL A O   1 
ATOM   832  C  CB  . VAL A 1 109 ? -5.906  9.730   4.598   1.00 25.31 ? 109 VAL A CB  1 
ATOM   833  C  CG1 . VAL A 1 109 ? -6.075  8.556   5.525   1.00 31.39 ? 109 VAL A CG1 1 
ATOM   834  C  CG2 . VAL A 1 109 ? -5.974  11.070  5.375   1.00 26.29 ? 109 VAL A CG2 1 
ATOM   835  N  N   . ALA A 1 110 ? -2.882  8.391   5.129   1.00 18.02 ? 110 ALA A N   1 
ATOM   836  C  CA  . ALA A 1 110 ? -1.654  8.309   5.925   1.00 18.42 ? 110 ALA A CA  1 
ATOM   837  C  C   . ALA A 1 110 ? -0.442  8.834   5.158   1.00 19.29 ? 110 ALA A C   1 
ATOM   838  O  O   . ALA A 1 110 ? 0.455   9.445   5.755   1.00 20.64 ? 110 ALA A O   1 
ATOM   839  C  CB  . ALA A 1 110 ? -1.389  6.888   6.409   1.00 21.43 ? 110 ALA A CB  1 
ATOM   840  N  N   . TRP A 1 111 ? -0.352  8.540   3.852   1.00 17.05 ? 111 TRP A N   1 
ATOM   841  C  CA  . TRP A 1 111 ? 0.734   9.139   3.076   1.00 17.90 ? 111 TRP A CA  1 
ATOM   842  C  C   . TRP A 1 111 ? 0.622   10.656  3.104   1.00 15.97 ? 111 TRP A C   1 
ATOM   843  O  O   . TRP A 1 111 ? 1.622   11.363  3.291   1.00 15.38 ? 111 TRP A O   1 
ATOM   844  C  CB  . TRP A 1 111 ? 0.740   8.642   1.629   1.00 16.35 ? 111 TRP A CB  1 
ATOM   845  C  CG  . TRP A 1 111 ? 1.837   9.308   0.836   1.00 14.87 ? 111 TRP A CG  1 
ATOM   846  C  CD1 . TRP A 1 111 ? 3.169   8.951   0.795   1.00 16.04 ? 111 TRP A CD1 1 
ATOM   847  C  CD2 . TRP A 1 111 ? 1.695   10.460  0.001   1.00 15.57 ? 111 TRP A CD2 1 
ATOM   848  N  NE1 . TRP A 1 111 ? 3.855   9.829   -0.028  1.00 14.58 ? 111 TRP A NE1 1 
ATOM   849  C  CE2 . TRP A 1 111 ? 2.973   10.766  -0.514  1.00 14.74 ? 111 TRP A CE2 1 
ATOM   850  C  CE3 . TRP A 1 111 ? 0.601   11.259  -0.379  1.00 16.09 ? 111 TRP A CE3 1 
ATOM   851  C  CZ2 . TRP A 1 111 ? 3.181   11.852  -1.377  1.00 15.50 ? 111 TRP A CZ2 1 
ATOM   852  C  CZ3 . TRP A 1 111 ? 0.798   12.314  -1.213  1.00 16.54 ? 111 TRP A CZ3 1 
ATOM   853  C  CH2 . TRP A 1 111 ? 2.091   12.608  -1.724  1.00 16.94 ? 111 TRP A CH2 1 
ATOM   854  N  N   . ARG A 1 112 ? -0.573  11.186  2.837   1.00 15.52 ? 112 ARG A N   1 
ATOM   855  C  CA  . ARG A 1 112 ? -0.718  12.637  2.829   1.00 16.32 ? 112 ARG A CA  1 
ATOM   856  C  C   . ARG A 1 112 ? -0.335  13.249  4.176   1.00 16.70 ? 112 ARG A C   1 
ATOM   857  O  O   . ARG A 1 112 ? 0.349   14.282  4.221   1.00 18.60 ? 112 ARG A O   1 
ATOM   858  C  CB  . ARG A 1 112 ? -2.150  13.023  2.467   1.00 20.11 ? 112 ARG A CB  1 
ATOM   859  C  CG  . ARG A 1 112 ? -2.380  14.501  2.462   1.00 23.29 ? 112 ARG A CG  1 
ATOM   860  C  CD  . ARG A 1 112 ? -3.846  14.819  2.411   0.74 24.21 ? 112 ARG A CD  1 
ATOM   861  N  NE  . ARG A 1 112 ? -4.093  16.246  2.579   0.38 26.79 ? 112 ARG A NE  1 
ATOM   862  C  CZ  . ARG A 1 112 ? -4.462  16.819  3.716   0.51 25.68 ? 112 ARG A CZ  1 
ATOM   863  N  NH1 . ARG A 1 112 ? -4.655  16.111  4.818   0.64 26.50 ? 112 ARG A NH1 1 
ATOM   864  N  NH2 . ARG A 1 112 ? -4.648  18.133  3.747   0.47 27.96 ? 112 ARG A NH2 1 
ATOM   865  N  N   . ASN A 1 113 ? -0.731  12.610  5.280   1.00 17.25 ? 113 ASN A N   1 
ATOM   866  C  CA  . ASN A 1 113 ? -0.551  13.224  6.596   1.00 16.71 ? 113 ASN A CA  1 
ATOM   867  C  C   . ASN A 1 113 ? 0.793   12.905  7.241   1.00 19.21 ? 113 ASN A C   1 
ATOM   868  O  O   . ASN A 1 113 ? 1.207   13.632  8.143   1.00 17.38 ? 113 ASN A O   1 
ATOM   869  C  CB  . ASN A 1 113 ? -1.708  12.845  7.531   1.00 18.94 ? 113 ASN A CB  1 
ATOM   870  C  CG  . ASN A 1 113 ? -2.988  13.538  7.135   1.00 17.69 ? 113 ASN A CG  1 
ATOM   871  O  OD1 . ASN A 1 113 ? -2.965  14.604  6.524   1.00 21.10 ? 113 ASN A OD1 1 
ATOM   872  N  ND2 . ASN A 1 113 ? -4.115  12.900  7.439   1.00 21.64 ? 113 ASN A ND2 1 
ATOM   873  N  N   . ARG A 1 114 ? 1.500   11.863  6.802   1.00 19.17 ? 114 ARG A N   1 
ATOM   874  C  CA  . ARG A 1 114 ? 2.728   11.480  7.482   1.00 18.87 ? 114 ARG A CA  1 
ATOM   875  C  C   . ARG A 1 114 ? 3.958   11.379  6.608   1.00 18.64 ? 114 ARG A C   1 
ATOM   876  O  O   . ARG A 1 114 ? 5.079   11.312  7.144   1.00 22.07 ? 114 ARG A O   1 
ATOM   877  C  CB  . ARG A 1 114 ? 2.475   10.192  8.252   1.00 24.43 ? 114 ARG A CB  1 
ATOM   878  C  CG  . ARG A 1 114 ? 1.212   10.414  9.079   1.00 23.75 ? 114 ARG A CG  1 
ATOM   879  C  CD  . ARG A 1 114 ? 0.991   9.325   9.967   1.00 24.99 ? 114 ARG A CD  1 
ATOM   880  N  NE  . ARG A 1 114 ? 2.047   9.135   10.942  1.00 21.33 ? 114 ARG A NE  1 
ATOM   881  C  CZ  . ARG A 1 114 ? 2.009   8.096   11.761  1.00 18.59 ? 114 ARG A CZ  1 
ATOM   882  N  NH1 . ARG A 1 114 ? 1.032   7.220   11.683  1.00 19.83 ? 114 ARG A NH1 1 
ATOM   883  N  NH2 . ARG A 1 114 ? 2.977   7.934   12.656  1.00 21.25 ? 114 ARG A NH2 1 
ATOM   884  N  N   . CYS A 1 115 ? 3.802   11.404  5.296   1.00 16.16 ? 115 CYS A N   1 
ATOM   885  C  CA  . CYS A 1 115 ? 4.924   11.230  4.375   1.00 18.90 ? 115 CYS A CA  1 
ATOM   886  C  C   . CYS A 1 115 ? 5.095   12.416  3.446   1.00 17.22 ? 115 CYS A C   1 
ATOM   887  O  O   . CYS A 1 115 ? 6.219   12.905  3.252   1.00 19.39 ? 115 CYS A O   1 
ATOM   888  C  CB  . CYS A 1 115 ? 4.706   9.956   3.542   1.00 17.59 ? 115 CYS A CB  1 
ATOM   889  S  SG  . CYS A 1 115 ? 4.624   8.448   4.568   1.00 17.90 ? 115 CYS A SG  1 
ATOM   890  N  N   . LYS A 1 116 ? 4.006   12.883  2.841   1.00 17.54 ? 116 LYS A N   1 
ATOM   891  C  CA  . LYS A 1 116 ? 4.020   14.025  1.945   1.00 17.60 ? 116 LYS A CA  1 
ATOM   892  C  C   . LYS A 1 116 ? 4.716   15.223  2.586   1.00 19.53 ? 116 LYS A C   1 
ATOM   893  O  O   . LYS A 1 116 ? 4.392   15.625  3.703   1.00 18.98 ? 116 LYS A O   1 
ATOM   894  C  CB  . LYS A 1 116 ? 2.560   14.365  1.643   1.00 18.28 ? 116 LYS A CB  1 
ATOM   895  C  CG  . LYS A 1 116 ? 2.371   15.374  0.527   1.00 17.44 ? 116 LYS A CG  1 
ATOM   896  C  CD  . LYS A 1 116 ? 0.908   15.561  0.279   1.00 17.55 ? 116 LYS A CD  1 
ATOM   897  C  CE  . LYS A 1 116 ? 0.667   16.489  -0.908  1.00 18.33 ? 116 LYS A CE  1 
ATOM   898  N  NZ  . LYS A 1 116 ? -0.798  16.617  -1.196  1.00 18.78 ? 116 LYS A NZ  1 
ATOM   899  N  N   . GLY A 1 117 ? 5.694   15.785  1.874   1.00 19.01 ? 117 GLY A N   1 
ATOM   900  C  CA  . GLY A 1 117 ? 6.370   16.977  2.369   1.00 22.13 ? 117 GLY A CA  1 
ATOM   901  C  C   . GLY A 1 117 ? 7.451   16.702  3.386   1.00 23.94 ? 117 GLY A C   1 
ATOM   902  O  O   . GLY A 1 117 ? 7.965   17.649  4.003   1.00 25.42 ? 117 GLY A O   1 
ATOM   903  N  N   . THR A 1 118 ? 7.815   15.439  3.585   1.00 21.20 ? 118 THR A N   1 
ATOM   904  C  CA  . THR A 1 118 ? 8.892   15.039  4.476   1.00 22.77 ? 118 THR A CA  1 
ATOM   905  C  C   . THR A 1 118 ? 10.028  14.455  3.650   1.00 24.83 ? 118 THR A C   1 
ATOM   906  O  O   . THR A 1 118 ? 9.906   14.228  2.449   1.00 24.58 ? 118 THR A O   1 
ATOM   907  C  CB  . THR A 1 118 ? 8.442   13.987  5.503   1.00 23.28 ? 118 THR A CB  1 
ATOM   908  O  OG1 . THR A 1 118 ? 8.297   12.695  4.868   1.00 21.99 ? 118 THR A OG1 1 
ATOM   909  C  CG2 . THR A 1 118 ? 7.137   14.378  6.176   1.00 24.75 ? 118 THR A CG2 1 
ATOM   910  N  N   . ASP A 1 119 ? 11.129  14.179  4.342   1.00 25.77 ? 119 ASP A N   1 
ATOM   911  C  CA  . ASP A 1 119 ? 12.304  13.564  3.732   1.00 27.95 ? 119 ASP A CA  1 
ATOM   912  C  C   . ASP A 1 119 ? 12.052  12.063  3.621   1.00 29.07 ? 119 ASP A C   1 
ATOM   913  O  O   . ASP A 1 119 ? 12.469  11.258  4.459   1.00 30.16 ? 119 ASP A O   1 
ATOM   914  C  CB  . ASP A 1 119 ? 13.542  13.890  4.562   0.75 29.87 ? 119 ASP A CB  1 
ATOM   915  C  CG  . ASP A 1 119 ? 14.790  13.196  4.058   0.56 32.15 ? 119 ASP A CG  1 
ATOM   916  O  OD1 . ASP A 1 119 ? 14.881  12.939  2.836   0.60 32.96 ? 119 ASP A OD1 1 
ATOM   917  O  OD2 . ASP A 1 119 ? 15.709  12.962  4.879   0.66 35.58 ? 119 ASP A OD2 1 
ATOM   918  N  N   . VAL A 1 120 ? 11.326  11.686  2.563   1.00 24.86 ? 120 VAL A N   1 
ATOM   919  C  CA  . VAL A 1 120 ? 10.945  10.283  2.426   1.00 21.21 ? 120 VAL A CA  1 
ATOM   920  C  C   . VAL A 1 120 ? 12.102  9.422   1.955   1.00 25.09 ? 120 VAL A C   1 
ATOM   921  O  O   . VAL A 1 120 ? 12.072  8.203   2.146   1.00 22.18 ? 120 VAL A O   1 
ATOM   922  C  CB  . VAL A 1 120 ? 9.718   10.065  1.524   1.00 19.83 ? 120 VAL A CB  1 
ATOM   923  C  CG1 . VAL A 1 120 ? 8.508   10.812  2.066   1.00 23.86 ? 120 VAL A CG1 1 
ATOM   924  C  CG2 . VAL A 1 120 ? 10.023  10.490  0.093   1.00 21.90 ? 120 VAL A CG2 1 
ATOM   925  N  N   A GLN A 1 121 ? 13.101  9.988   1.273   0.42 24.55 ? 121 GLN A N   1 
ATOM   926  N  N   B GLN A 1 121 ? 13.133  10.040  1.373   0.58 24.36 ? 121 GLN A N   1 
ATOM   927  C  CA  A GLN A 1 121 ? 14.314  9.210   1.039   0.42 25.65 ? 121 GLN A CA  1 
ATOM   928  C  CA  B GLN A 1 121 ? 14.346  9.300   1.033   0.58 25.72 ? 121 GLN A CA  1 
ATOM   929  C  C   A GLN A 1 121 ? 14.959  8.603   2.277   0.42 22.83 ? 121 GLN A C   1 
ATOM   930  C  C   B GLN A 1 121 ? 14.944  8.616   2.253   0.58 22.79 ? 121 GLN A C   1 
ATOM   931  O  O   A GLN A 1 121 ? 15.676  7.591   2.176   0.42 23.32 ? 121 GLN A O   1 
ATOM   932  O  O   B GLN A 1 121 ? 15.595  7.574   2.125   0.58 23.43 ? 121 GLN A O   1 
ATOM   933  C  CB  A GLN A 1 121 ? 15.340  9.810   0.066   0.42 27.18 ? 121 GLN A CB  1 
ATOM   934  C  CB  B GLN A 1 121 ? 15.369  10.241  0.392   0.58 25.18 ? 121 GLN A CB  1 
ATOM   935  C  CG  A GLN A 1 121 ? 15.371  9.104   -1.282  0.42 34.36 ? 121 GLN A CG  1 
ATOM   936  C  CG  B GLN A 1 121 ? 15.816  9.809   -0.997  0.58 33.90 ? 121 GLN A CG  1 
ATOM   937  C  CD  A GLN A 1 121 ? 14.097  8.458   -1.798  0.42 36.54 ? 121 GLN A CD  1 
ATOM   938  C  CD  B GLN A 1 121 ? 16.868  8.710   -0.942  0.58 34.72 ? 121 GLN A CD  1 
ATOM   939  O  OE1 A GLN A 1 121 ? 13.856  7.294   -1.546  0.42 36.60 ? 121 GLN A OE1 1 
ATOM   940  O  OE1 B GLN A 1 121 ? 17.520  8.520   0.084   0.58 35.58 ? 121 GLN A OE1 1 
ATOM   941  N  NE2 A GLN A 1 121 ? 13.631  8.993   -2.881  0.42 39.34 ? 121 GLN A NE2 1 
ATOM   942  N  NE2 B GLN A 1 121 ? 17.021  7.966   -2.033  0.58 36.95 ? 121 GLN A NE2 1 
ATOM   943  N  N   . ALA A 1 122 ? 14.697  9.163   3.446   1.00 21.17 ? 122 ALA A N   1 
ATOM   944  C  CA  . ALA A 1 122 ? 15.216  8.572   4.665   1.00 23.48 ? 122 ALA A CA  1 
ATOM   945  C  C   . ALA A 1 122 ? 14.724  7.150   4.848   1.00 24.15 ? 122 ALA A C   1 
ATOM   946  O  O   . ALA A 1 122 ? 15.380  6.356   5.522   1.00 22.92 ? 122 ALA A O   1 
ATOM   947  C  CB  . ALA A 1 122 ? 14.801  9.413   5.865   1.00 30.51 ? 122 ALA A CB  1 
ATOM   948  N  N   . TRP A 1 123 ? 13.572  6.808   4.263   1.00 22.24 ? 123 TRP A N   1 
ATOM   949  C  CA  . TRP A 1 123 ? 13.047  5.467   4.453   1.00 21.78 ? 123 TRP A CA  1 
ATOM   950  C  C   . TRP A 1 123 ? 13.835  4.423   3.697   1.00 18.99 ? 123 TRP A C   1 
ATOM   951  O  O   . TRP A 1 123 ? 13.691  3.229   4.000   1.00 21.74 ? 123 TRP A O   1 
ATOM   952  C  CB  . TRP A 1 123 ? 11.563  5.438   4.043   1.00 21.43 ? 123 TRP A CB  1 
ATOM   953  C  CG  . TRP A 1 123 ? 10.796  6.119   5.110   1.00 20.02 ? 123 TRP A CG  1 
ATOM   954  C  CD1 . TRP A 1 123 ? 10.347  7.411   5.102   1.00 24.42 ? 123 TRP A CD1 1 
ATOM   955  C  CD2 . TRP A 1 123 ? 10.489  5.593   6.399   1.00 19.50 ? 123 TRP A CD2 1 
ATOM   956  N  NE1 . TRP A 1 123 ? 9.756   7.705   6.298   1.00 25.53 ? 123 TRP A NE1 1 
ATOM   957  C  CE2 . TRP A 1 123 ? 9.830   6.610   7.118   1.00 23.64 ? 123 TRP A CE2 1 
ATOM   958  C  CE3 . TRP A 1 123 ? 10.692  4.355   7.014   1.00 21.44 ? 123 TRP A CE3 1 
ATOM   959  C  CZ2 . TRP A 1 123 ? 9.365   6.424   8.423   1.00 24.51 ? 123 TRP A CZ2 1 
ATOM   960  C  CZ3 . TRP A 1 123 ? 10.234  4.172   8.320   1.00 24.98 ? 123 TRP A CZ3 1 
ATOM   961  C  CH2 . TRP A 1 123 ? 9.588   5.205   9.006   1.00 23.53 ? 123 TRP A CH2 1 
ATOM   962  N  N   . ILE A 1 124 ? 14.662  4.813   2.731   1.00 21.26 ? 124 ILE A N   1 
ATOM   963  C  CA  . ILE A 1 124 ? 15.466  3.793   2.077   1.00 23.09 ? 124 ILE A CA  1 
ATOM   964  C  C   . ILE A 1 124 ? 16.957  3.962   2.354   1.00 19.97 ? 124 ILE A C   1 
ATOM   965  O  O   . ILE A 1 124 ? 17.794  3.310   1.706   1.00 20.88 ? 124 ILE A O   1 
ATOM   966  C  CB  . ILE A 1 124 ? 15.114  3.532   0.605   1.00 27.60 ? 124 ILE A CB  1 
ATOM   967  C  CG1 . ILE A 1 124 ? 15.496  4.666   -0.310  1.00 30.72 ? 124 ILE A CG1 1 
ATOM   968  C  CG2 . ILE A 1 124 ? 13.559  3.259   0.490   1.00 23.15 ? 124 ILE A CG2 1 
ATOM   969  C  CD1 . ILE A 1 124 ? 14.718  4.586   -1.606  1.00 34.92 ? 124 ILE A CD1 1 
ATOM   970  N  N   . ARG A 1 125 ? 17.285  4.753   3.371   1.00 23.17 ? 125 ARG A N   1 
ATOM   971  C  CA  . ARG A 1 125 ? 18.670  4.868   3.818   1.00 26.43 ? 125 ARG A CA  1 
ATOM   972  C  C   . ARG A 1 125 ? 19.183  3.521   4.307   1.00 22.80 ? 125 ARG A C   1 
ATOM   973  O  O   . ARG A 1 125 ? 18.491  2.783   5.013   1.00 27.60 ? 125 ARG A O   1 
ATOM   974  C  CB  . ARG A 1 125 ? 18.785  5.913   4.932   1.00 28.77 ? 125 ARG A CB  1 
ATOM   975  N  N   . GLY A 1 126 ? 20.406  3.186   3.894   1.00 23.73 ? 126 GLY A N   1 
ATOM   976  C  CA  . GLY A 1 126 ? 21.013  1.928   4.268   1.00 23.05 ? 126 GLY A CA  1 
ATOM   977  C  C   . GLY A 1 126 ? 20.580  0.751   3.430   1.00 24.41 ? 126 GLY A C   1 
ATOM   978  O  O   . GLY A 1 126 ? 21.237  -0.296  3.468   1.00 25.07 ? 126 GLY A O   1 
ATOM   979  N  N   . CYS A 1 127 ? 19.541  0.896   2.620   1.00 19.50 ? 127 CYS A N   1 
ATOM   980  C  CA  . CYS A 1 127 ? 19.095  -0.231  1.818   1.00 20.07 ? 127 CYS A CA  1 
ATOM   981  C  C   . CYS A 1 127 ? 20.079  -0.536  0.698   1.00 24.17 ? 127 CYS A C   1 
ATOM   982  O  O   . CYS A 1 127 ? 20.608  0.369   0.049   1.00 23.17 ? 127 CYS A O   1 
ATOM   983  C  CB  . CYS A 1 127 ? 17.732  0.058   1.217   1.00 18.94 ? 127 CYS A CB  1 
ATOM   984  S  SG  . CYS A 1 127 ? 16.434  0.305   2.425   1.00 19.59 ? 127 CYS A SG  1 
ATOM   985  N  N   . ARG A 1 128 ? 20.313  -1.826  0.457   1.00 26.44 ? 128 ARG A N   1 
ATOM   986  C  CA  . ARG A 1 128 ? 21.217  -2.248  -0.615  1.00 25.54 ? 128 ARG A CA  1 
ATOM   987  C  C   . ARG A 1 128 ? 20.306  -2.534  -1.798  1.00 33.06 ? 128 ARG A C   1 
ATOM   988  O  O   . ARG A 1 128 ? 19.697  -3.605  -1.881  1.00 47.02 ? 128 ARG A O   1 
ATOM   989  C  CB  . ARG A 1 128 ? 21.956  -3.535  -0.259  1.00 27.83 ? 128 ARG A CB  1 
ATOM   990  C  CG  . ARG A 1 128 ? 22.617  -3.558  1.083   0.73 27.84 ? 128 ARG A CG  1 
ATOM   991  C  CD  . ARG A 1 128 ? 23.495  -4.792  1.239   0.68 26.09 ? 128 ARG A CD  1 
ATOM   992  N  NE  . ARG A 1 128 ? 24.114  -5.077  -0.048  0.43 28.99 ? 128 ARG A NE  1 
ATOM   993  C  CZ  . ARG A 1 128 ? 25.276  -4.561  -0.425  0.43 33.68 ? 128 ARG A CZ  1 
ATOM   994  N  NH1 . ARG A 1 128 ? 26.084  -3.977  0.445   0.40 34.15 ? 128 ARG A NH1 1 
ATOM   995  N  NH2 . ARG A 1 128 ? 25.634  -4.621  -1.704  0.67 31.98 ? 128 ARG A NH2 1 
ATOM   996  N  N   . LEU A 1 129 ? 20.174  -1.569  -2.693  0.64 30.45 ? 129 LEU A N   1 
ATOM   997  C  CA  . LEU A 1 129 ? 19.225  -1.715  -3.779  0.64 36.23 ? 129 LEU A CA  1 
ATOM   998  C  C   . LEU A 1 129 ? 19.973  -1.765  -5.102  0.64 42.73 ? 129 LEU A C   1 
ATOM   999  O  O   . LEU A 1 129 ? 19.615  -2.545  -5.986  0.64 45.00 ? 129 LEU A O   1 
ATOM   1000 C  CB  . LEU A 1 129 ? 18.230  -0.556  -3.761  0.64 33.19 ? 129 LEU A CB  1 
ATOM   1001 C  CG  . LEU A 1 129 ? 17.386  -0.421  -2.492  0.64 30.24 ? 129 LEU A CG  1 
ATOM   1002 C  CD1 . LEU A 1 129 ? 16.663  0.915   -2.509  0.64 32.26 ? 129 LEU A CD1 1 
ATOM   1003 C  CD2 . LEU A 1 129 ? 16.382  -1.559  -2.348  0.64 32.97 ? 129 LEU A CD2 1 
ATOM   1004 O  OXT . LEU A 1 129 ? 20.951  -1.042  -5.312  0.64 44.67 ? 129 LEU A OXT 1 
HETATM 1005 C  C01 . U7U B 2 .   ? 12.018  -7.399  -12.682 0.69 16.30 ? 201 U7U A C01 1 
HETATM 1006 C  C02 . U7U B 2 .   ? 6.560   -14.426 -13.914 0.69 15.91 ? 201 U7U A C02 1 
HETATM 1007 C  C1  . U7U B 2 .   ? 11.116  -8.631  -12.880 0.69 15.22 ? 201 U7U A C1  1 
HETATM 1008 C  C2  . U7U B 2 .   ? 11.791  -9.847  -12.255 0.69 13.58 ? 201 U7U A C2  1 
HETATM 1009 C  C3  . U7U B 2 .   ? 10.949  -8.750  -14.409 0.69 10.64 ? 201 U7U A C3  1 
HETATM 1010 C  C4  . U7U B 2 .   ? 9.815   -8.279  -12.194 0.69 14.90 ? 201 U7U A C4  1 
HETATM 1011 C  C5  . U7U B 2 .   ? 7.465   -13.220 -13.614 0.69 14.03 ? 201 U7U A C5  1 
HETATM 1012 C  C6  . U7U B 2 .   ? 7.563   -13.047 -12.129 0.69 15.09 ? 201 U7U A C6  1 
HETATM 1013 C  C7  . U7U B 2 .   ? 8.759   -13.597 -14.369 0.69 15.42 ? 201 U7U A C7  1 
HETATM 1014 C  C8  . U7U B 2 .   ? 6.769   -12.034 -14.322 0.69 16.55 ? 201 U7U A C8  1 
HETATM 1015 O  O1  . U7U B 2 .   ? 9.783   -12.550 -14.267 0.69 15.19 ? 201 U7U A O1  1 
HETATM 1016 O  O10 . U7U B 2 .   ? 8.988   -11.228 -16.613 0.69 19.53 ? 201 U7U A O10 1 
HETATM 1017 O  O11 . U7U B 2 .   ? 13.384  -12.820 -12.552 0.69 15.32 ? 201 U7U A O11 1 
HETATM 1018 O  O12 . U7U B 2 .   ? 11.955  -12.219 -9.785  0.69 13.02 ? 201 U7U A O12 1 
HETATM 1019 O  O13 . U7U B 2 .   ? 10.877  -13.088 -16.959 0.69 18.06 ? 201 U7U A O13 1 
HETATM 1020 O  O14 . U7U B 2 .   ? 11.933  -14.517 -14.179 0.69 16.34 ? 201 U7U A O14 1 
HETATM 1021 O  O15 . U7U B 2 .   ? 7.571   -10.815 -14.185 0.69 16.28 ? 201 U7U A O15 1 
HETATM 1022 O  O16 . U7U B 2 .   ? 8.816   -9.304  -12.326 0.69 13.60 ? 201 U7U A O16 1 
HETATM 1023 O  O17 . U7U B 2 .   ? 7.002   -11.198 -9.297  0.69 17.53 ? 201 U7U A O17 1 
HETATM 1024 O  O18 . U7U B 2 .   ? 6.515   -10.085 -11.748 0.69 13.98 ? 201 U7U A O18 1 
HETATM 1025 O  O19 . U7U B 2 .   ? 8.972   -8.444  -17.145 0.69 15.34 ? 201 U7U A O19 1 
HETATM 1026 O  O2  . U7U B 2 .   ? 8.497   -11.984 -11.731 0.69 15.37 ? 201 U7U A O2  1 
HETATM 1027 O  O20 . U7U B 2 .   ? 7.825   -8.347  -14.658 0.69 17.85 ? 201 U7U A O20 1 
HETATM 1028 O  O21 . U7U B 2 .   ? 6.584   -7.387  -12.387 0.69 17.18 ? 201 U7U A O21 1 
HETATM 1029 O  O22 . U7U B 2 .   ? 7.838   -8.643  -9.686  0.69 17.13 ? 201 U7U A O22 1 
HETATM 1030 O  O23 . U7U B 2 .   ? 6.638   -9.805  -16.772 0.69 16.67 ? 201 U7U A O23 1 
HETATM 1031 O  O24 . U7U B 2 .   ? 5.161   -9.112  -13.925 0.69 19.22 ? 201 U7U A O24 1 
HETATM 1032 O  O3  . U7U B 2 .   ? 11.031  -11.074 -12.374 0.69 13.03 ? 201 U7U A O3  1 
HETATM 1033 O  O4  . U7U B 2 .   ? 10.109  -9.849  -14.814 0.69 16.40 ? 201 U7U A O4  1 
HETATM 1034 O  O5  . U7U B 2 .   ? 9.592   -13.435 -9.452  0.69 16.29 ? 201 U7U A O5  1 
HETATM 1035 O  O6  . U7U B 2 .   ? 10.737  -13.548 -11.898 0.69 14.29 ? 201 U7U A O6  1 
HETATM 1036 O  O7  . U7U B 2 .   ? 11.609  -10.520 -17.194 0.69 16.87 ? 201 U7U A O7  1 
HETATM 1037 O  O8  . U7U B 2 .   ? 12.124  -11.768 -14.791 0.69 14.99 ? 201 U7U A O8  1 
HETATM 1038 O  O9  . U7U B 2 .   ? 9.663   -10.672 -9.945  0.69 13.80 ? 201 U7U A O9  1 
HETATM 1039 MN MN1 . U7U B 2 .   ? 9.305   -10.935 -13.286 0.69 13.35 ? 201 U7U A MN1 1 
HETATM 1040 MO MO1 . U7U B 2 .   ? 10.393  -12.355 -10.472 0.69 14.61 ? 201 U7U A MO1 1 
HETATM 1041 MO MO2 . U7U B 2 .   ? 10.789  -11.572 -16.173 0.69 16.07 ? 201 U7U A MO2 1 
HETATM 1042 MO MO3 . U7U B 2 .   ? 11.880  -13.005 -13.354 0.69 15.15 ? 201 U7U A MO3 1 
HETATM 1043 MO MO4 . U7U B 2 .   ? 7.854   -10.183 -10.397 0.69 15.17 ? 201 U7U A MO4 1 
HETATM 1044 MO MO5 . U7U B 2 .   ? 8.193   -9.552  -16.110 0.69 16.23 ? 201 U7U A MO5 1 
HETATM 1045 MO MO6 . U7U B 2 .   ? 6.701   -8.876  -13.222 0.69 16.50 ? 201 U7U A MO6 1 
HETATM 1046 C  C01 . U7U C 2 .   ? -22.018 3.020   -0.857  0.54 32.94 ? 202 U7U A C01 1 
HETATM 1047 C  C02 . U7U C 2 .   ? -23.488 7.249   -8.648  0.54 31.65 ? 202 U7U A C02 1 
HETATM 1048 C  C1  . U7U C 2 .   ? -22.224 3.753   -2.191  0.54 36.39 ? 202 U7U A C1  1 
HETATM 1049 C  C2  . U7U C 2 .   ? -22.123 2.706   -3.288  0.54 32.69 ? 202 U7U A C2  1 
HETATM 1050 C  C3  . U7U C 2 .   ? -21.154 4.865   -2.275  0.54 34.65 ? 202 U7U A C3  1 
HETATM 1051 C  C4  . U7U C 2 .   ? -23.618 4.321   -2.111  0.54 28.49 ? 202 U7U A C4  1 
HETATM 1052 C  C5  . U7U C 2 .   ? -23.300 6.451   -7.349  0.54 23.92 ? 202 U7U A C5  1 
HETATM 1053 C  C6  . U7U C 2 .   ? -24.366 5.406   -7.246  0.54 29.40 ? 202 U7U A C6  1 
HETATM 1054 C  C7  . U7U C 2 .   ? -21.837 5.915   -7.399  0.54 33.34 ? 202 U7U A C7  1 
HETATM 1055 C  C8  . U7U C 2 .   ? -23.420 7.547   -6.291  0.54 29.53 ? 202 U7U A C8  1 
HETATM 1056 O  O1  . U7U C 2 .   ? -21.492 5.053   -6.263  0.54 34.04 ? 202 U7U A O1  1 
HETATM 1057 O  O10 . U7U C 2 .   ? -20.094 7.022   -5.167  0.54 15.97 ? 202 U7U A O10 1 
HETATM 1058 O  O11 . U7U C 2 .   ? -20.770 1.102   -6.073  0.54 39.49 ? 202 U7U A O11 1 
HETATM 1059 O  O12 . U7U C 2 .   ? -23.740 0.750   -5.607  0.54 32.32 ? 202 U7U A O12 1 
HETATM 1060 O  O13 . U7U C 2 .   ? -18.537 5.388   -6.570  0.54 38.54 ? 202 U7U A O13 1 
HETATM 1061 O  O14 . U7U C 2 .   ? -19.990 3.041   -7.863  0.54 31.74 ? 202 U7U A O14 1 
HETATM 1062 O  O15 . U7U C 2 .   ? -23.171 6.972   -4.979  0.54 30.46 ? 202 U7U A O15 1 
HETATM 1063 O  O16 . U7U C 2 .   ? -23.994 5.064   -3.280  0.54 25.77 ? 202 U7U A O16 1 
HETATM 1064 O  O17 . U7U C 2 .   ? -27.184 4.292   -5.578  0.54 35.69 ? 202 U7U A O17 1 
HETATM 1065 O  O18 . U7U C 2 .   ? -25.850 6.308   -4.450  0.54 32.49 ? 202 U7U A O18 1 
HETATM 1066 O  O19 . U7U C 2 .   ? -20.123 7.991   -2.574  0.54 42.11 ? 202 U7U A O19 1 
HETATM 1067 O  O2  . U7U C 2 .   ? -24.285 4.656   -5.996  0.54 25.40 ? 202 U7U A O2  1 
HETATM 1068 O  O20 . U7U C 2 .   ? -22.905 7.604   -2.722  0.54 39.49 ? 202 U7U A O20 1 
HETATM 1069 O  O21 . U7U C 2 .   ? -25.521 7.105   -1.735  0.54 29.21 ? 202 U7U A O21 1 
HETATM 1070 O  O22 . U7U C 2 .   ? -26.731 4.149   -2.924  0.54 31.47 ? 202 U7U A O22 1 
HETATM 1071 O  O23 . U7U C 2 .   ? -21.341 9.325   -4.757  0.54 38.27 ? 202 U7U A O23 1 
HETATM 1072 O  O24 . U7U C 2 .   ? -25.212 8.796   -3.902  0.54 28.87 ? 202 U7U A O24 1 
HETATM 1073 O  O3  . U7U C 2 .   ? -22.366 3.187   -4.629  0.54 33.64 ? 202 U7U A O3  1 
HETATM 1074 O  O4  . U7U C 2 .   ? -21.183 5.492   -3.565  0.54 36.18 ? 202 U7U A O4  1 
HETATM 1075 O  O5  . U7U C 2 .   ? -25.285 2.313   -7.237  0.54 31.30 ? 202 U7U A O5  1 
HETATM 1076 O  O6  . U7U C 2 .   ? -22.701 2.888   -7.136  0.54 23.81 ? 202 U7U A O6  1 
HETATM 1077 O  O7  . U7U C 2 .   ? -18.211 5.353   -3.871  0.54 44.52 ? 202 U7U A O7  1 
HETATM 1078 O  O8  . U7U C 2 .   ? -19.810 3.409   -5.059  0.54 34.04 ? 202 U7U A O8  1 
HETATM 1079 O  O9  . U7U C 2 .   ? -25.054 2.763   -4.441  0.54 30.39 ? 202 U7U A O9  1 
HETATM 1080 MN MN1 . U7U C 2 .   ? -22.750 5.080   -4.782  0.54 29.57 ? 202 U7U A MN1 1 
HETATM 1081 MO MO1 . U7U C 2 .   ? -24.105 2.378   -6.023  0.54 33.60 ? 202 U7U A MO1 1 
HETATM 1082 MO MO2 . U7U C 2 .   ? -19.396 5.269   -5.104  0.54 39.69 ? 202 U7U A MO2 1 
HETATM 1083 MO MO3 . U7U C 2 .   ? -20.923 2.775   -6.448  0.54 37.96 ? 202 U7U A MO3 1 
HETATM 1084 MO MO4 . U7U C 2 .   ? -25.953 4.422   -4.416  0.54 30.26 ? 202 U7U A MO4 1 
HETATM 1085 MO MO5 . U7U C 2 .   ? -21.277 7.824   -3.816  0.54 49.17 ? 202 U7U A MO5 1 
HETATM 1086 MO MO6 . U7U C 2 .   ? -24.740 7.287   -3.256  0.54 30.56 ? 202 U7U A MO6 1 
HETATM 1087 CL CL  . CL  D 3 .   ? -1.896  18.547  1.066   1.00 54.61 ? 203 CL  A CL  1 
HETATM 1088 CL CL  A CL  E 3 .   ? -13.035 -18.479 -9.823  0.56 30.80 ? 204 CL  A CL  1 
HETATM 1089 CL CL  B CL  E 3 .   ? -14.399 -19.598 -9.138  0.44 37.04 ? 204 CL  A CL  1 
HETATM 1090 CL CL  . CL  F 3 .   ? -12.336 -1.103  15.258  0.50 58.10 ? 205 CL  A CL  1 
HETATM 1091 O  O   . HOH G 4 .   ? -4.464  5.897   4.699   1.00 28.97 ? 301 HOH A O   1 
HETATM 1092 O  O   . HOH G 4 .   ? -18.308 2.295   -3.478  1.00 35.98 ? 302 HOH A O   1 
HETATM 1093 O  O   . HOH G 4 .   ? -15.595 6.564   2.528   1.00 35.22 ? 303 HOH A O   1 
HETATM 1094 O  O   . HOH G 4 .   ? 10.017  -4.449  10.058  1.00 27.11 ? 304 HOH A O   1 
HETATM 1095 O  O   . HOH G 4 .   ? 0.980   -8.919  0.741   1.00 25.08 ? 305 HOH A O   1 
HETATM 1096 O  O   . HOH G 4 .   ? -10.457 -15.689 0.897   1.00 33.58 ? 306 HOH A O   1 
HETATM 1097 O  O   . HOH G 4 .   ? 0.023   -7.072  1.985   1.00 31.16 ? 307 HOH A O   1 
HETATM 1098 O  O   . HOH G 4 .   ? 8.385   14.601  0.344   1.00 31.83 ? 308 HOH A O   1 
HETATM 1099 O  O   . HOH G 4 .   ? -7.472  3.784   -10.801 1.00 24.48 ? 309 HOH A O   1 
HETATM 1100 O  O   . HOH G 4 .   ? -14.401 -3.488  -3.617  1.00 27.63 ? 310 HOH A O   1 
HETATM 1101 O  O   . HOH G 4 .   ? 4.102   -10.963 -11.142 1.00 31.48 ? 311 HOH A O   1 
HETATM 1102 O  O   . HOH G 4 .   ? 2.596   -14.430 6.239   1.00 29.62 ? 312 HOH A O   1 
HETATM 1103 O  O   . HOH G 4 .   ? 6.523   11.183  9.359   1.00 31.96 ? 313 HOH A O   1 
HETATM 1104 O  O   . HOH G 4 .   ? -3.502  9.530   -9.775  1.00 23.00 ? 314 HOH A O   1 
HETATM 1105 O  O   . HOH G 4 .   ? -15.365 -4.350  5.694   1.00 18.55 ? 315 HOH A O   1 
HETATM 1106 O  O   . HOH G 4 .   ? -4.969  -7.918  10.869  1.00 17.35 ? 316 HOH A O   1 
HETATM 1107 O  O   . HOH G 4 .   ? 9.935   11.560  -8.500  1.00 40.03 ? 317 HOH A O   1 
HETATM 1108 O  O   . HOH G 4 .   ? 7.008   12.940  -1.180  1.00 29.23 ? 318 HOH A O   1 
HETATM 1109 O  O   . HOH G 4 .   ? 14.032  -10.068 -15.757 1.00 32.85 ? 319 HOH A O   1 
HETATM 1110 O  O   . HOH G 4 .   ? -6.049  1.466   7.788   1.00 29.94 ? 320 HOH A O   1 
HETATM 1111 O  O   . HOH G 4 .   ? 12.209  -8.459  -0.679  1.00 27.83 ? 321 HOH A O   1 
HETATM 1112 O  O   . HOH G 4 .   ? 2.610   14.965  5.682   1.00 23.25 ? 322 HOH A O   1 
HETATM 1113 O  O   . HOH G 4 .   ? 10.678  -10.734 6.989   1.00 34.24 ? 323 HOH A O   1 
HETATM 1114 O  O   . HOH G 4 .   ? 7.796   -12.266 0.464   1.00 31.03 ? 324 HOH A O   1 
HETATM 1115 O  O   . HOH G 4 .   ? 3.850   12.162  -8.934  1.00 25.78 ? 325 HOH A O   1 
HETATM 1116 O  O   . HOH G 4 .   ? -9.822  -6.018  10.976  0.50 20.47 ? 326 HOH A O   1 
HETATM 1117 O  O   . HOH G 4 .   ? 2.603   -11.255 9.632   1.00 18.80 ? 327 HOH A O   1 
HETATM 1118 O  O   . HOH G 4 .   ? 8.674   -4.809  -12.370 1.00 30.46 ? 328 HOH A O   1 
HETATM 1119 O  O   . HOH G 4 .   ? 4.496   -12.374 -8.889  1.00 36.02 ? 329 HOH A O   1 
HETATM 1120 O  O   . HOH G 4 .   ? 18.104  -5.810  -2.565  1.00 30.39 ? 330 HOH A O   1 
HETATM 1121 O  O   . HOH G 4 .   ? 0.664   -4.364  11.668  1.00 21.38 ? 331 HOH A O   1 
HETATM 1122 O  O   . HOH G 4 .   ? -15.731 -5.772  -0.627  1.00 22.66 ? 332 HOH A O   1 
HETATM 1123 O  O   . HOH G 4 .   ? -1.932  -12.945 -3.146  1.00 29.98 ? 333 HOH A O   1 
HETATM 1124 O  O   . HOH G 4 .   ? 9.569   10.709  6.433   1.00 33.39 ? 334 HOH A O   1 
HETATM 1125 O  O   . HOH G 4 .   ? 7.864   -3.490  11.494  1.00 29.87 ? 335 HOH A O   1 
HETATM 1126 O  O   . HOH G 4 .   ? -2.074  -3.949  0.756   1.00 19.49 ? 336 HOH A O   1 
HETATM 1127 O  O   . HOH G 4 .   ? 19.845  3.143   -0.253  1.00 34.91 ? 337 HOH A O   1 
HETATM 1128 O  O   . HOH G 4 .   ? 13.180  -14.761 -16.900 1.00 40.12 ? 338 HOH A O   1 
HETATM 1129 O  O   . HOH G 4 .   ? -5.504  -5.890  -9.486  1.00 31.99 ? 339 HOH A O   1 
HETATM 1130 O  O   . HOH G 4 .   ? 13.118  7.540   -12.545 1.00 38.07 ? 340 HOH A O   1 
HETATM 1131 O  O   . HOH G 4 .   ? -4.164  -7.055  -7.553  1.00 32.79 ? 341 HOH A O   1 
HETATM 1132 O  O   . HOH G 4 .   ? 0.257   -11.703 -4.000  1.00 28.25 ? 342 HOH A O   1 
HETATM 1133 O  O   . HOH G 4 .   ? 2.820   5.357   13.958  1.00 26.66 ? 343 HOH A O   1 
HETATM 1134 O  O   . HOH G 4 .   ? 3.661   2.048   12.236  1.00 36.38 ? 344 HOH A O   1 
HETATM 1135 O  O   . HOH G 4 .   ? -2.337  4.588   8.982   1.00 29.21 ? 345 HOH A O   1 
HETATM 1136 O  O   . HOH G 4 .   ? -10.047 -2.044  13.112  1.00 28.31 ? 346 HOH A O   1 
HETATM 1137 O  O   . HOH G 4 .   ? 17.930  -3.913  0.412   1.00 24.34 ? 347 HOH A O   1 
HETATM 1138 O  O   . HOH G 4 .   ? 4.038   -5.920  -10.891 1.00 28.56 ? 348 HOH A O   1 
HETATM 1139 O  O   . HOH G 4 .   ? 4.588   10.544  11.228  1.00 26.18 ? 349 HOH A O   1 
HETATM 1140 O  O   . HOH G 4 .   ? -8.606  3.427   2.931   1.00 41.90 ? 350 HOH A O   1 
HETATM 1141 O  O   . HOH G 4 .   ? 9.650   -16.260 -12.039 1.00 30.04 ? 351 HOH A O   1 
HETATM 1142 O  O   . HOH G 4 .   ? -18.326 -6.541  -0.118  1.00 25.55 ? 352 HOH A O   1 
HETATM 1143 O  O   . HOH G 4 .   ? -13.345 3.411   1.529   1.00 37.05 ? 353 HOH A O   1 
HETATM 1144 O  O   . HOH G 4 .   ? 3.198   -4.377  13.969  1.00 39.94 ? 354 HOH A O   1 
HETATM 1145 O  O   . HOH G 4 .   ? 4.618   5.220   -14.093 1.00 31.30 ? 355 HOH A O   1 
HETATM 1146 O  O   . HOH G 4 .   ? 12.432  -3.054  9.604   1.00 28.99 ? 356 HOH A O   1 
HETATM 1147 O  O   . HOH G 4 .   ? 7.293   -12.284 9.880   1.00 32.40 ? 357 HOH A O   1 
HETATM 1148 O  O   . HOH G 4 .   ? -17.758 -9.367  10.133  1.00 24.30 ? 358 HOH A O   1 
HETATM 1149 O  O   . HOH G 4 .   ? 0.604   12.456  -8.843  1.00 13.98 ? 359 HOH A O   1 
HETATM 1150 O  O   . HOH G 4 .   ? 12.268  -8.840  -3.551  1.00 26.44 ? 360 HOH A O   1 
HETATM 1151 O  O   . HOH G 4 .   ? -12.875 -11.553 -7.540  1.00 46.34 ? 361 HOH A O   1 
HETATM 1152 O  O   . HOH G 4 .   ? -0.401  -9.025  -1.739  1.00 22.65 ? 362 HOH A O   1 
HETATM 1153 O  O   . HOH G 4 .   ? -8.548  8.543   -3.703  1.00 29.74 ? 363 HOH A O   1 
HETATM 1154 O  O   . HOH G 4 .   ? 11.161  14.861  7.331   1.00 35.37 ? 364 HOH A O   1 
HETATM 1155 O  O   . HOH G 4 .   ? -22.339 -4.438  -2.667  0.50 37.05 ? 365 HOH A O   1 
HETATM 1156 O  O   . HOH G 4 .   ? -17.492 -12.706 -0.882  1.00 28.41 ? 366 HOH A O   1 
HETATM 1157 O  O   . HOH G 4 .   ? -7.071  -7.402  -12.090 1.00 37.50 ? 367 HOH A O   1 
HETATM 1158 O  O   . HOH G 4 .   ? 6.914   -10.340 -2.922  1.00 21.67 ? 368 HOH A O   1 
HETATM 1159 O  O   . HOH G 4 .   ? 11.305  11.893  -4.750  1.00 38.26 ? 369 HOH A O   1 
HETATM 1160 O  O   . HOH G 4 .   ? -3.348  -14.943 2.284   1.00 41.15 ? 370 HOH A O   1 
HETATM 1161 O  O   . HOH G 4 .   ? -10.748 -4.207  12.554  0.50 31.57 ? 371 HOH A O   1 
HETATM 1162 O  O   . HOH G 4 .   ? 9.702   -16.373 -17.267 1.00 38.94 ? 372 HOH A O   1 
HETATM 1163 O  O   . HOH G 4 .   ? -6.475  2.743   -0.515  1.00 38.20 ? 373 HOH A O   1 
HETATM 1164 O  O   . HOH G 4 .   ? -14.052 -13.183 -9.002  1.00 40.76 ? 374 HOH A O   1 
HETATM 1165 O  O   . HOH G 4 .   ? -3.184  -9.323  -8.667  1.00 39.40 ? 375 HOH A O   1 
HETATM 1166 O  O   . HOH G 4 .   ? -12.930 -13.029 -5.975  1.00 22.60 ? 376 HOH A O   1 
HETATM 1167 O  O   . HOH G 4 .   ? 3.353   -18.847 4.352   1.00 23.36 ? 377 HOH A O   1 
HETATM 1168 O  O   . HOH G 4 .   ? -0.012  -18.788 0.831   1.00 37.40 ? 378 HOH A O   1 
HETATM 1169 O  O   . HOH G 4 .   ? 3.590   -18.576 7.053   1.00 24.31 ? 379 HOH A O   1 
HETATM 1170 O  O   . HOH G 4 .   ? -14.076 -15.599 -11.009 1.00 30.53 ? 380 HOH A O   1 
HETATM 1171 O  O   . HOH G 4 .   ? -14.968 -15.186 -8.443  1.00 46.28 ? 381 HOH A O   1 
HETATM 1172 O  O   . HOH G 4 .   ? -12.877 -15.999 -7.645  1.00 34.93 ? 382 HOH A O   1 
# 
